data_4AQ0
#
_entry.id   4AQ0
#
_cell.length_a   81.620
_cell.length_b   91.790
_cell.length_c   224.210
_cell.angle_alpha   90.00
_cell.angle_beta   90.00
_cell.angle_gamma   90.00
#
_symmetry.space_group_name_H-M   'P 2 2 21'
#
loop_
_entity.id
_entity.type
_entity.pdbx_description
1 polymer CCMAN5
2 non-polymer 'CALCIUM ION'
3 non-polymer 2-[3-(2-HYDROXY-1,1-DIHYDROXYMETHYL-ETHYLAMINO)-PROPYLAMINO]-2-HYDROXYMETHYL-PROPANE-1,3-DIOL
4 non-polymer 1-DEOXYMANNOJIRIMYCIN
5 water water
#
_entity_poly.entity_id   1
_entity_poly.type   'polypeptide(L)'
_entity_poly.pdbx_seq_one_letter_code
;GHHHHHHVGPGSDEVDAPEPPSADYASLVDVFVGTEGDFGNDMPAAQAPNGLAKVNPRTTPGRNNTGYDYAQSKISGFTH
TNLDGVGGSGGGGDLLVVPTSGSYTARPGTGTYAHPFSHDDEDAGPGFYSVGLGNVAGTDGAITGAPGTIEAEVAAATRS
GVHRYAFPAGSTPSLVVDLETNNTSRRSSSVQVETRADGTVELSGQVTGYFYNAAYTLYYTARTLQPATVQTWGDDDRLV
DATAQDGVDTGAILTFDPADAGEIGLQVTLSPVSVEQARIDQQVELGDLSFDAIRDRTRAEWNATLGRVAIDASTATDPT
GELQRLFYTHLYRMFAMPMNATSTSGTYRGVDGAVHAAQGFTYYDSWATWDDFRKFSVIAYIDPALYRDMVQSLVYLFAD
AEATGTGGGLGGFVHSVPTVRWERSSVVVADAIAKGFDGFDRLDEAYPALQRLVGQYSADELRRGYVAGNPGASVQRGYD
QYGLSVIADELGLTEEAETLREQASWPIEKLTKPGAWTAADGTQVGLLTPRAADGSWQSADHAKFEAAGLYQGTLWQYHW
YDAYDMDALVEAMGGHEAARLGMRHMFGEHAPDDGKAMLHSNANEIDLQAPYLFNYTGEPSLTQKWARAIYTKETWNRYI
ATGSSSAVPSGGGEFTPPLKTKVYRLDPRGMLPTMDNDAGTMSTMFVAAAVGLFPVTAGSSQFQVGSPFFDSTTITYDDG
SAFTVTADGVSEDAFYVQSATLDGATFGNTWVDYATVVGGADLAFRMGEQPSDWGTDTAPAFSMSTATDE
;
_entity_poly.pdbx_strand_id   A,B
#
loop_
_chem_comp.id
_chem_comp.type
_chem_comp.name
_chem_comp.formula
B3P non-polymer 2-[3-(2-HYDROXY-1,1-DIHYDROXYMETHYL-ETHYLAMINO)-PROPYLAMINO]-2-HYDROXYMETHYL-PROPANE-1,3-DIOL 'C11 H26 N2 O6'
CA non-polymer 'CALCIUM ION' 'Ca 2'
DMJ non-polymer 1-DEOXYMANNOJIRIMYCIN 'C6 H13 N O4'
#
# COMPACT_ATOMS: atom_id res chain seq x y z
N ALA A 23 -11.05 -43.18 25.42
CA ALA A 23 -10.14 -44.08 26.17
C ALA A 23 -9.14 -44.79 25.24
N ASP A 24 -9.65 -45.65 24.35
CA ASP A 24 -8.81 -46.40 23.41
C ASP A 24 -8.69 -45.71 22.06
N TYR A 25 -7.92 -44.63 22.06
CA TYR A 25 -7.62 -43.85 20.86
C TYR A 25 -6.84 -44.65 19.82
N ALA A 26 -6.02 -45.60 20.31
CA ALA A 26 -5.23 -46.46 19.43
C ALA A 26 -6.09 -47.20 18.41
N SER A 27 -7.32 -47.56 18.79
CA SER A 27 -8.20 -48.32 17.91
C SER A 27 -8.75 -47.47 16.76
N LEU A 28 -8.64 -46.15 16.89
CA LEU A 28 -9.12 -45.24 15.83
C LEU A 28 -8.08 -45.01 14.72
N VAL A 29 -6.81 -45.28 15.02
CA VAL A 29 -5.70 -45.16 14.08
C VAL A 29 -5.73 -46.29 13.04
N ASP A 30 -5.60 -45.91 11.77
CA ASP A 30 -5.51 -46.87 10.66
C ASP A 30 -4.11 -46.77 10.06
N VAL A 31 -3.21 -47.65 10.50
CA VAL A 31 -1.80 -47.59 10.10
C VAL A 31 -1.58 -47.97 8.64
N PHE A 32 -2.65 -48.39 7.94
CA PHE A 32 -2.54 -48.73 6.51
C PHE A 32 -2.82 -47.54 5.60
N VAL A 33 -3.29 -46.45 6.19
CA VAL A 33 -3.50 -45.21 5.42
C VAL A 33 -2.17 -44.71 4.85
N GLY A 34 -2.12 -44.57 3.53
CA GLY A 34 -0.93 -44.07 2.84
C GLY A 34 0.12 -45.13 2.53
N THR A 35 -0.24 -46.41 2.70
CA THR A 35 0.71 -47.51 2.49
C THR A 35 0.62 -48.15 1.11
N GLU A 36 -0.20 -47.60 0.23
CA GLU A 36 -0.31 -48.11 -1.13
C GLU A 36 0.50 -47.29 -2.12
N GLY A 37 1.27 -48.00 -2.95
CA GLY A 37 1.95 -47.41 -4.10
C GLY A 37 2.61 -46.09 -3.81
N ASP A 38 2.33 -45.09 -4.66
CA ASP A 38 2.91 -43.76 -4.53
C ASP A 38 1.89 -42.77 -3.95
N PHE A 39 1.21 -43.17 -2.89
CA PHE A 39 0.15 -42.36 -2.31
C PHE A 39 0.42 -42.00 -0.85
N GLY A 40 1.64 -41.55 -0.56
CA GLY A 40 1.99 -41.08 0.77
C GLY A 40 3.34 -41.59 1.26
N ASN A 41 3.68 -42.80 0.85
CA ASN A 41 4.93 -43.46 1.26
C ASN A 41 5.05 -43.62 2.77
N ASP A 42 3.94 -44.00 3.39
CA ASP A 42 3.92 -44.30 4.82
C ASP A 42 3.95 -45.81 5.06
N MET A 43 4.19 -46.19 6.31
CA MET A 43 4.40 -47.59 6.66
C MET A 43 3.40 -48.09 7.69
N PRO A 44 3.04 -49.38 7.62
CA PRO A 44 2.23 -50.03 8.65
C PRO A 44 3.07 -50.60 9.79
N ALA A 45 4.39 -50.33 9.74
CA ALA A 45 5.35 -50.81 10.74
C ALA A 45 4.90 -50.65 12.18
N ALA A 46 5.18 -51.67 13.00
CA ALA A 46 5.07 -51.53 14.46
C ALA A 46 6.09 -50.50 14.93
N GLN A 47 5.63 -49.50 15.68
CA GLN A 47 6.53 -48.48 16.23
C GLN A 47 5.96 -47.76 17.45
N ALA A 48 6.84 -47.38 18.37
CA ALA A 48 6.45 -46.54 19.51
C ALA A 48 6.50 -45.05 19.10
N PRO A 49 5.86 -44.16 19.89
CA PRO A 49 5.95 -42.72 19.56
C PRO A 49 7.39 -42.26 19.37
N ASN A 50 7.68 -41.63 18.22
CA ASN A 50 9.03 -41.15 17.89
C ASN A 50 10.09 -42.24 18.09
N GLY A 51 9.68 -43.47 17.84
CA GLY A 51 10.52 -44.63 18.05
C GLY A 51 11.58 -44.75 17.00
N LEU A 52 12.72 -45.28 17.41
CA LEU A 52 13.83 -45.57 16.53
C LEU A 52 13.59 -46.88 15.78
N ALA A 53 13.10 -47.88 16.51
CA ALA A 53 12.77 -49.19 15.95
C ALA A 53 11.44 -49.12 15.22
N LYS A 54 11.45 -49.58 13.98
CA LYS A 54 10.30 -49.52 13.12
C LYS A 54 10.23 -50.85 12.42
N VAL A 55 9.34 -51.71 12.91
CA VAL A 55 9.32 -53.10 12.44
C VAL A 55 8.35 -53.20 11.29
N ASN A 56 8.91 -53.06 10.07
CA ASN A 56 8.10 -52.93 8.86
C ASN A 56 8.10 -54.23 8.10
N PRO A 57 6.89 -54.77 7.80
CA PRO A 57 6.80 -55.85 6.83
C PRO A 57 7.39 -55.39 5.48
N ARG A 58 7.90 -56.33 4.69
CA ARG A 58 8.48 -55.99 3.39
C ARG A 58 7.77 -56.75 2.29
N THR A 59 7.10 -56.03 1.40
CA THR A 59 6.44 -56.67 0.27
C THR A 59 7.41 -56.94 -0.86
N THR A 60 6.99 -57.81 -1.78
CA THR A 60 7.79 -58.24 -2.91
C THR A 60 6.83 -58.71 -4.02
N PRO A 61 7.18 -58.49 -5.31
CA PRO A 61 8.39 -57.84 -5.81
C PRO A 61 8.34 -56.30 -5.73
N GLY A 62 7.15 -55.73 -5.60
CA GLY A 62 7.00 -54.28 -5.45
C GLY A 62 6.93 -53.84 -4.00
N ARG A 63 7.13 -52.54 -3.79
CA ARG A 63 7.14 -51.95 -2.46
C ARG A 63 6.93 -50.44 -2.61
N ASN A 64 6.51 -49.77 -1.55
CA ASN A 64 6.63 -48.31 -1.50
C ASN A 64 8.00 -47.97 -0.88
N ASN A 65 8.32 -46.70 -0.71
CA ASN A 65 9.65 -46.32 -0.22
C ASN A 65 10.02 -46.91 1.15
N THR A 66 9.03 -47.18 2.00
CA THR A 66 9.32 -47.76 3.32
C THR A 66 9.63 -49.26 3.27
N GLY A 67 9.23 -49.91 2.18
CA GLY A 67 9.38 -51.36 2.04
C GLY A 67 8.07 -52.12 1.87
N TYR A 68 6.94 -51.41 1.97
CA TYR A 68 5.61 -52.04 1.94
C TYR A 68 4.64 -51.31 1.00
N ASP A 69 4.10 -52.04 0.03
CA ASP A 69 3.05 -51.53 -0.85
C ASP A 69 1.79 -52.39 -0.68
N TYR A 70 0.73 -51.77 -0.17
CA TYR A 70 -0.55 -52.42 0.12
C TYR A 70 -1.08 -53.24 -1.06
N ALA A 71 -0.77 -52.80 -2.29
CA ALA A 71 -1.27 -53.47 -3.50
C ALA A 71 -0.61 -54.82 -3.78
N GLN A 72 0.44 -55.16 -3.02
CA GLN A 72 1.16 -56.44 -3.23
C GLN A 72 0.48 -57.62 -2.55
N SER A 73 0.94 -58.83 -2.86
CA SER A 73 0.31 -60.03 -2.29
C SER A 73 1.33 -61.01 -1.75
N LYS A 74 2.59 -60.55 -1.62
CA LYS A 74 3.66 -61.33 -1.02
C LYS A 74 4.51 -60.47 -0.09
N ILE A 75 5.00 -61.10 0.97
CA ILE A 75 5.83 -60.47 1.99
C ILE A 75 7.03 -61.38 2.23
N SER A 76 8.23 -60.79 2.26
CA SER A 76 9.44 -61.51 2.64
C SER A 76 9.56 -61.57 4.17
N GLY A 77 9.96 -60.47 4.80
CA GLY A 77 10.08 -60.43 6.26
C GLY A 77 9.93 -59.04 6.84
N PHE A 78 10.64 -58.77 7.93
CA PHE A 78 10.51 -57.51 8.65
C PHE A 78 11.85 -56.80 8.78
N THR A 79 11.88 -55.51 8.42
CA THR A 79 13.05 -54.64 8.62
C THR A 79 12.84 -53.88 9.93
N HIS A 80 13.89 -53.22 10.42
CA HIS A 80 13.89 -52.64 11.77
C HIS A 80 14.17 -51.13 11.84
N THR A 81 14.68 -50.57 10.75
CA THR A 81 14.92 -49.12 10.64
C THR A 81 14.14 -48.57 9.45
N ASN A 82 13.81 -47.28 9.49
CA ASN A 82 13.06 -46.66 8.41
C ASN A 82 12.92 -45.14 8.55
N LEU A 83 12.37 -44.53 7.50
CA LEU A 83 11.99 -43.11 7.50
C LEU A 83 10.57 -43.00 6.97
N ASP A 84 9.73 -42.20 7.65
CA ASP A 84 8.31 -42.05 7.26
C ASP A 84 8.10 -41.03 6.15
N GLY A 85 7.43 -41.48 5.08
CA GLY A 85 6.94 -40.57 4.04
C GLY A 85 7.98 -39.87 3.18
N VAL A 86 9.19 -40.41 3.14
CA VAL A 86 10.25 -39.75 2.37
C VAL A 86 10.26 -40.18 0.90
N GLY A 87 11.05 -39.46 0.10
CA GLY A 87 11.11 -39.70 -1.35
C GLY A 87 12.25 -40.63 -1.75
N GLY A 88 12.77 -40.46 -2.97
CA GLY A 88 13.78 -41.37 -3.52
C GLY A 88 13.24 -42.79 -3.52
N SER A 89 14.03 -43.73 -3.01
CA SER A 89 13.57 -45.11 -2.86
C SER A 89 13.45 -45.45 -1.37
N GLY A 90 13.44 -44.41 -0.55
CA GLY A 90 13.27 -44.57 0.90
C GLY A 90 14.58 -44.75 1.66
N GLY A 91 14.53 -44.47 2.97
CA GLY A 91 15.70 -44.61 3.83
C GLY A 91 15.54 -45.75 4.83
N GLY A 92 16.65 -46.09 5.49
CA GLY A 92 16.65 -47.23 6.41
C GLY A 92 16.35 -48.53 5.66
N GLY A 93 15.49 -49.35 6.23
CA GLY A 93 15.20 -50.69 5.69
C GLY A 93 16.23 -51.73 6.11
N ASP A 94 16.99 -51.44 7.18
CA ASP A 94 18.04 -52.34 7.69
C ASP A 94 17.52 -53.48 8.54
N LEU A 95 18.29 -54.58 8.50
CA LEU A 95 18.09 -55.75 9.36
C LEU A 95 16.79 -56.49 9.01
N LEU A 96 16.85 -57.26 7.93
CA LEU A 96 15.68 -57.99 7.45
C LEU A 96 15.62 -59.39 8.05
N VAL A 97 14.54 -59.66 8.76
CA VAL A 97 14.33 -60.95 9.43
C VAL A 97 13.24 -61.69 8.66
N VAL A 98 13.59 -62.85 8.10
CA VAL A 98 12.68 -63.63 7.25
C VAL A 98 12.41 -64.99 7.91
N PRO A 99 11.13 -65.28 8.24
CA PRO A 99 10.80 -66.60 8.74
C PRO A 99 10.67 -67.60 7.60
N THR A 100 11.20 -68.81 7.80
CA THR A 100 11.19 -69.82 6.74
C THR A 100 11.29 -71.25 7.27
N SER A 101 10.67 -72.20 6.56
CA SER A 101 10.82 -73.63 6.86
C SER A 101 11.87 -74.27 5.95
N GLY A 102 12.47 -73.46 5.08
CA GLY A 102 13.49 -73.93 4.14
C GLY A 102 14.89 -73.97 4.73
N SER A 103 15.82 -74.46 3.91
CA SER A 103 17.24 -74.66 4.24
C SER A 103 18.12 -73.99 3.21
N TYR A 104 19.31 -73.57 3.64
CA TYR A 104 20.28 -72.95 2.74
C TYR A 104 21.66 -73.59 2.86
N THR A 105 22.42 -73.56 1.77
CA THR A 105 23.82 -74.01 1.77
C THR A 105 24.72 -72.89 1.24
N ALA A 106 24.12 -71.74 0.94
CA ALA A 106 24.82 -70.52 0.49
C ALA A 106 23.95 -69.32 0.84
N ARG A 107 24.51 -68.12 0.69
CA ARG A 107 23.77 -66.86 0.89
C ARG A 107 22.43 -66.92 0.15
N PRO A 108 21.31 -66.64 0.85
CA PRO A 108 19.98 -66.79 0.24
C PRO A 108 19.73 -65.88 -0.96
N GLY A 109 19.05 -66.39 -1.98
CA GLY A 109 18.47 -65.56 -3.04
C GLY A 109 17.26 -64.86 -2.46
N THR A 110 17.14 -63.55 -2.67
CA THR A 110 16.06 -62.77 -2.03
C THR A 110 14.68 -63.23 -2.49
N GLY A 111 14.59 -63.77 -3.71
CA GLY A 111 13.35 -64.37 -4.22
C GLY A 111 12.78 -65.49 -3.35
N THR A 112 13.65 -66.22 -2.65
CA THR A 112 13.24 -67.35 -1.82
C THR A 112 12.54 -66.90 -0.51
N TYR A 113 12.61 -65.62 -0.21
CA TYR A 113 12.00 -65.07 0.99
C TYR A 113 10.47 -64.92 0.85
N ALA A 114 9.98 -64.87 -0.39
CA ALA A 114 8.60 -64.46 -0.65
C ALA A 114 7.56 -65.44 -0.10
N HIS A 115 6.63 -64.90 0.71
CA HIS A 115 5.48 -65.65 1.21
C HIS A 115 4.20 -64.99 0.68
N PRO A 116 3.23 -65.80 0.22
CA PRO A 116 1.88 -65.23 -0.05
C PRO A 116 1.26 -64.66 1.23
N PHE A 117 0.52 -63.57 1.10
CA PHE A 117 -0.29 -63.07 2.20
C PHE A 117 -1.57 -62.46 1.68
N SER A 118 -2.53 -62.33 2.59
CA SER A 118 -3.82 -61.70 2.32
C SER A 118 -4.10 -60.63 3.37
N HIS A 119 -4.68 -59.52 2.92
CA HIS A 119 -5.16 -58.49 3.84
C HIS A 119 -6.24 -58.99 4.80
N ASP A 120 -6.90 -60.09 4.43
CA ASP A 120 -7.87 -60.77 5.30
C ASP A 120 -7.23 -61.48 6.50
N ASP A 121 -5.94 -61.78 6.41
CA ASP A 121 -5.21 -62.42 7.51
C ASP A 121 -4.06 -61.50 7.91
N GLU A 122 -4.42 -60.26 8.24
CA GLU A 122 -3.46 -59.21 8.56
C GLU A 122 -4.14 -58.26 9.53
N ASP A 123 -3.41 -57.87 10.58
CA ASP A 123 -3.94 -56.97 11.59
C ASP A 123 -2.83 -56.08 12.13
N ALA A 124 -3.06 -54.78 12.23
CA ALA A 124 -2.05 -53.86 12.74
C ALA A 124 -2.65 -52.60 13.36
N GLY A 125 -1.87 -51.98 14.26
CA GLY A 125 -2.27 -50.77 14.95
C GLY A 125 -1.10 -50.22 15.76
N PRO A 126 -1.31 -49.12 16.50
CA PRO A 126 -0.21 -48.48 17.21
C PRO A 126 0.60 -49.45 18.09
N GLY A 127 1.83 -49.72 17.65
CA GLY A 127 2.76 -50.56 18.39
C GLY A 127 2.89 -51.99 17.92
N PHE A 128 2.07 -52.40 16.96
CA PHE A 128 2.03 -53.81 16.55
C PHE A 128 1.64 -54.04 15.10
N TYR A 129 2.08 -55.18 14.58
CA TYR A 129 1.67 -55.65 13.25
C TYR A 129 1.64 -57.17 13.26
N SER A 130 0.59 -57.75 12.69
CA SER A 130 0.47 -59.21 12.60
C SER A 130 0.04 -59.63 11.19
N VAL A 131 0.57 -60.78 10.73
CA VAL A 131 0.19 -61.32 9.42
C VAL A 131 0.35 -62.84 9.34
N GLY A 132 -0.55 -63.48 8.59
CA GLY A 132 -0.42 -64.89 8.28
C GLY A 132 0.35 -65.06 6.99
N LEU A 133 1.54 -65.63 7.11
CA LEU A 133 2.39 -65.83 5.94
C LEU A 133 2.27 -67.26 5.45
N GLY A 134 2.10 -67.42 4.14
CA GLY A 134 2.14 -68.73 3.51
C GLY A 134 3.50 -69.36 3.75
N ASN A 135 3.49 -70.58 4.26
CA ASN A 135 4.72 -71.34 4.50
C ASN A 135 5.54 -71.50 3.21
N VAL A 136 6.87 -71.51 3.37
CA VAL A 136 7.79 -71.82 2.28
C VAL A 136 8.84 -72.81 2.78
N ALA A 137 9.29 -73.69 1.90
CA ALA A 137 10.22 -74.75 2.27
C ALA A 137 10.94 -75.26 1.04
N GLY A 138 11.94 -76.11 1.26
CA GLY A 138 12.85 -76.54 0.19
C GLY A 138 14.26 -76.10 0.53
N THR A 139 15.16 -76.19 -0.45
CA THR A 139 16.57 -75.89 -0.25
C THR A 139 17.07 -74.89 -1.30
N ASP A 140 17.70 -73.82 -0.82
CA ASP A 140 18.23 -72.74 -1.68
C ASP A 140 17.21 -72.24 -2.71
N GLY A 141 17.61 -72.17 -3.98
CA GLY A 141 16.76 -71.67 -5.06
C GLY A 141 15.51 -72.47 -5.37
N ALA A 142 15.45 -73.71 -4.88
CA ALA A 142 14.25 -74.55 -5.02
C ALA A 142 13.18 -74.23 -3.97
N ILE A 143 13.49 -73.35 -3.02
CA ILE A 143 12.50 -72.96 -2.01
C ILE A 143 11.25 -72.38 -2.68
N THR A 144 10.08 -72.83 -2.23
CA THR A 144 8.81 -72.44 -2.81
C THR A 144 7.66 -72.63 -1.82
N GLY A 145 6.44 -72.30 -2.25
CA GLY A 145 5.23 -72.49 -1.46
C GLY A 145 5.16 -73.88 -0.88
N ALA A 146 4.79 -73.96 0.40
CA ALA A 146 4.60 -75.23 1.10
C ALA A 146 3.34 -75.10 1.93
N PRO A 147 2.69 -76.23 2.25
CA PRO A 147 1.46 -76.22 3.06
C PRO A 147 1.64 -75.57 4.43
N GLY A 148 0.56 -74.96 4.92
CA GLY A 148 0.56 -74.33 6.23
C GLY A 148 0.85 -72.84 6.22
N THR A 149 0.77 -72.25 7.40
CA THR A 149 0.90 -70.81 7.58
C THR A 149 1.95 -70.53 8.65
N ILE A 150 2.84 -69.60 8.37
CA ILE A 150 3.69 -69.04 9.42
C ILE A 150 2.96 -67.83 9.99
N GLU A 151 2.50 -67.96 11.23
CA GLU A 151 1.83 -66.84 11.91
C GLU A 151 2.90 -65.90 12.43
N ALA A 152 2.88 -64.67 11.94
CA ALA A 152 3.89 -63.70 12.31
C ALA A 152 3.27 -62.58 13.13
N GLU A 153 3.85 -62.32 14.29
CA GLU A 153 3.48 -61.15 15.09
C GLU A 153 4.74 -60.35 15.44
N VAL A 154 4.68 -59.04 15.23
CA VAL A 154 5.73 -58.14 15.71
C VAL A 154 5.13 -57.00 16.55
N ALA A 155 5.97 -56.45 17.42
CA ALA A 155 5.63 -55.27 18.19
C ALA A 155 6.91 -54.48 18.44
N ALA A 156 6.74 -53.25 18.91
CA ALA A 156 7.87 -52.34 19.04
C ALA A 156 7.86 -51.59 20.36
N ALA A 157 9.05 -51.40 20.93
CA ALA A 157 9.29 -50.41 21.97
C ALA A 157 10.16 -49.35 21.32
N THR A 158 10.47 -48.27 22.06
CA THR A 158 11.24 -47.15 21.53
C THR A 158 12.46 -47.57 20.70
N ARG A 159 13.25 -48.50 21.24
CA ARG A 159 14.50 -48.92 20.61
C ARG A 159 14.47 -50.37 20.15
N SER A 160 13.36 -51.06 20.36
CA SER A 160 13.32 -52.51 20.20
C SER A 160 12.21 -53.02 19.28
N GLY A 161 12.51 -54.10 18.59
CA GLY A 161 11.50 -54.83 17.84
C GLY A 161 11.45 -56.24 18.37
N VAL A 162 10.24 -56.70 18.71
CA VAL A 162 10.08 -58.08 19.17
C VAL A 162 9.20 -58.85 18.21
N HIS A 163 9.53 -60.14 18.06
CA HIS A 163 8.91 -61.04 17.10
C HIS A 163 8.39 -62.28 17.82
N ARG A 164 7.22 -62.75 17.39
CA ARG A 164 6.70 -64.06 17.78
C ARG A 164 6.13 -64.77 16.55
N TYR A 165 6.68 -65.96 16.26
CA TYR A 165 6.27 -66.77 15.12
C TYR A 165 5.74 -68.12 15.54
N ALA A 166 4.74 -68.59 14.82
CA ALA A 166 4.28 -69.99 14.93
C ALA A 166 4.40 -70.64 13.55
N PHE A 167 5.18 -71.71 13.45
CA PHE A 167 5.39 -72.44 12.20
C PHE A 167 4.49 -73.67 12.16
N PRO A 168 4.22 -74.22 10.95
CA PRO A 168 3.39 -75.41 10.96
C PRO A 168 4.07 -76.56 11.68
N ALA A 169 3.29 -77.38 12.37
CA ALA A 169 3.81 -78.54 13.08
C ALA A 169 4.63 -79.41 12.12
N GLY A 170 5.77 -79.90 12.59
CA GLY A 170 6.65 -80.72 11.76
C GLY A 170 7.78 -79.93 11.10
N SER A 171 7.61 -78.62 10.98
CA SER A 171 8.61 -77.75 10.32
C SER A 171 9.88 -77.64 11.13
N THR A 172 10.99 -77.47 10.43
CA THR A 172 12.22 -77.02 11.06
C THR A 172 12.28 -75.49 10.92
N PRO A 173 11.90 -74.76 11.99
CA PRO A 173 11.82 -73.31 11.86
C PRO A 173 13.19 -72.67 11.66
N SER A 174 13.21 -71.59 10.88
CA SER A 174 14.43 -70.84 10.65
C SER A 174 14.13 -69.35 10.52
N LEU A 175 15.08 -68.53 10.98
CA LEU A 175 15.00 -67.10 10.77
C LEU A 175 16.26 -66.65 10.06
N VAL A 176 16.09 -66.05 8.89
CA VAL A 176 17.20 -65.43 8.19
C VAL A 176 17.33 -64.00 8.69
N VAL A 177 18.54 -63.60 9.08
CA VAL A 177 18.85 -62.22 9.43
C VAL A 177 19.74 -61.65 8.33
N ASP A 178 19.14 -60.89 7.41
CA ASP A 178 19.82 -60.39 6.23
C ASP A 178 20.33 -58.97 6.48
N LEU A 179 21.64 -58.82 6.56
CA LEU A 179 22.19 -57.50 6.90
C LEU A 179 22.58 -56.65 5.69
N GLU A 180 22.26 -57.13 4.49
CA GLU A 180 22.55 -56.35 3.28
C GLU A 180 21.39 -55.39 3.00
N THR A 181 20.18 -55.81 3.34
CA THR A 181 18.94 -55.12 2.96
C THR A 181 18.96 -53.66 3.38
N ASN A 182 18.67 -52.80 2.41
CA ASN A 182 18.51 -51.36 2.66
C ASN A 182 17.62 -50.77 1.57
N ASN A 183 16.82 -49.78 1.94
CA ASN A 183 15.89 -49.13 1.00
C ASN A 183 16.60 -48.31 -0.08
N THR A 184 17.83 -47.90 0.20
CA THR A 184 18.63 -47.15 -0.77
C THR A 184 20.02 -47.75 -0.98
N SER A 185 20.86 -47.78 0.06
CA SER A 185 22.24 -48.22 -0.14
C SER A 185 22.88 -48.75 1.13
N ARG A 186 23.31 -50.01 1.08
CA ARG A 186 24.11 -50.62 2.14
C ARG A 186 25.57 -50.26 1.93
N ARG A 187 26.22 -49.70 2.96
CA ARG A 187 27.62 -49.31 2.84
C ARG A 187 28.56 -50.30 3.55
N SER A 188 28.18 -50.73 4.74
CA SER A 188 28.91 -51.77 5.46
C SER A 188 28.03 -52.43 6.50
N SER A 189 28.36 -53.65 6.88
CA SER A 189 27.63 -54.36 7.92
C SER A 189 28.54 -55.38 8.57
N SER A 190 28.18 -55.82 9.77
CA SER A 190 28.93 -56.85 10.45
C SER A 190 27.96 -57.65 11.32
N VAL A 191 28.36 -58.89 11.60
CA VAL A 191 27.61 -59.74 12.52
C VAL A 191 28.59 -60.60 13.32
N GLN A 192 28.34 -60.68 14.62
CA GLN A 192 29.08 -61.52 15.52
C GLN A 192 28.08 -62.41 16.26
N VAL A 193 28.38 -63.70 16.32
CA VAL A 193 27.50 -64.70 16.91
C VAL A 193 27.97 -65.15 18.29
N GLU A 194 27.03 -65.24 19.24
CA GLU A 194 27.26 -65.80 20.58
C GLU A 194 26.20 -66.86 20.89
N THR A 195 26.63 -68.06 21.26
CA THR A 195 25.71 -69.07 21.78
C THR A 195 25.89 -69.14 23.30
N ARG A 196 24.81 -68.93 24.04
CA ARG A 196 24.89 -68.87 25.49
C ARG A 196 24.68 -70.23 26.12
N ALA A 197 24.84 -70.31 27.44
CA ALA A 197 24.72 -71.57 28.19
C ALA A 197 23.36 -72.26 28.02
N ASP A 198 22.30 -71.47 27.86
CA ASP A 198 20.95 -72.04 27.68
C ASP A 198 20.65 -72.44 26.23
N GLY A 199 21.63 -72.24 25.34
CA GLY A 199 21.45 -72.62 23.93
C GLY A 199 20.91 -71.54 23.01
N THR A 200 20.40 -70.44 23.59
CA THR A 200 19.93 -69.29 22.79
C THR A 200 21.10 -68.55 22.16
N VAL A 201 20.81 -67.86 21.05
CA VAL A 201 21.84 -67.17 20.28
C VAL A 201 21.63 -65.66 20.36
N GLU A 202 22.73 -64.93 20.48
CA GLU A 202 22.71 -63.49 20.34
C GLU A 202 23.58 -63.08 19.14
N LEU A 203 23.04 -62.19 18.31
CA LEU A 203 23.75 -61.64 17.17
C LEU A 203 23.94 -60.15 17.42
N SER A 204 25.10 -59.64 17.06
CA SER A 204 25.36 -58.22 17.24
C SER A 204 26.35 -57.69 16.22
N GLY A 205 26.26 -56.40 15.93
CA GLY A 205 27.16 -55.73 15.00
C GLY A 205 26.65 -54.35 14.64
N GLN A 206 27.03 -53.90 13.44
CA GLN A 206 26.64 -52.59 12.93
C GLN A 206 26.11 -52.67 11.50
N VAL A 207 25.19 -51.77 11.16
CA VAL A 207 24.83 -51.53 9.77
C VAL A 207 25.09 -50.07 9.42
N THR A 208 25.68 -49.84 8.25
CA THR A 208 25.88 -48.48 7.75
C THR A 208 25.13 -48.36 6.43
N GLY A 209 24.22 -47.40 6.38
CA GLY A 209 23.39 -47.19 5.21
C GLY A 209 23.59 -45.78 4.70
N TYR A 210 22.88 -45.42 3.64
CA TYR A 210 22.92 -44.07 3.13
C TYR A 210 21.53 -43.68 2.68
N PHE A 211 21.16 -42.42 2.92
CA PHE A 211 19.99 -41.84 2.30
C PHE A 211 20.17 -40.36 2.03
N TYR A 212 19.96 -39.98 0.77
CA TYR A 212 19.95 -38.59 0.29
C TYR A 212 21.28 -37.84 0.45
N ASN A 213 21.53 -37.23 1.61
CA ASN A 213 22.77 -36.48 1.82
C ASN A 213 23.85 -37.22 2.60
N ALA A 214 23.47 -38.21 3.40
CA ALA A 214 24.41 -38.71 4.41
C ALA A 214 24.31 -40.20 4.70
N ALA A 215 25.47 -40.78 5.04
CA ALA A 215 25.54 -42.09 5.65
C ALA A 215 25.15 -42.01 7.13
N TYR A 216 24.75 -43.16 7.67
CA TYR A 216 24.43 -43.28 9.08
C TYR A 216 24.87 -44.66 9.56
N THR A 217 25.17 -44.78 10.85
CA THR A 217 25.50 -46.07 11.43
C THR A 217 24.64 -46.35 12.67
N LEU A 218 24.05 -47.55 12.69
CA LEU A 218 23.38 -48.05 13.88
C LEU A 218 23.97 -49.38 14.32
N TYR A 219 24.04 -49.56 15.64
CA TYR A 219 24.46 -50.81 16.24
C TYR A 219 23.24 -51.60 16.68
N TYR A 220 23.34 -52.92 16.67
CA TYR A 220 22.20 -53.77 17.01
C TYR A 220 22.60 -54.97 17.86
N THR A 221 21.67 -55.45 18.69
CA THR A 221 21.75 -56.77 19.30
C THR A 221 20.42 -57.50 19.04
N ALA A 222 20.51 -58.78 18.78
CA ALA A 222 19.32 -59.58 18.51
C ALA A 222 19.52 -60.91 19.21
N ARG A 223 18.55 -61.29 20.05
CA ARG A 223 18.62 -62.58 20.75
C ARG A 223 17.40 -63.43 20.45
N THR A 224 17.61 -64.74 20.38
CA THR A 224 16.49 -65.68 20.27
C THR A 224 16.01 -66.00 21.67
N LEU A 225 14.76 -66.45 21.78
CA LEU A 225 14.20 -66.86 23.08
C LEU A 225 14.14 -68.38 23.21
N GLN A 226 14.49 -69.08 22.13
CA GLN A 226 14.58 -70.54 22.10
C GLN A 226 15.97 -70.94 21.60
N PRO A 227 16.44 -72.16 21.95
CA PRO A 227 17.75 -72.62 21.48
C PRO A 227 17.84 -72.63 19.96
N ALA A 228 19.01 -72.32 19.41
CA ALA A 228 19.19 -72.24 17.97
C ALA A 228 20.63 -72.56 17.63
N THR A 229 20.84 -73.09 16.43
CA THR A 229 22.18 -73.14 15.83
C THR A 229 22.24 -72.04 14.77
N VAL A 230 23.44 -71.70 14.34
CA VAL A 230 23.59 -70.55 13.47
C VAL A 230 24.73 -70.72 12.46
N GLN A 231 24.50 -70.20 11.26
CA GLN A 231 25.51 -70.05 10.25
C GLN A 231 25.52 -68.62 9.77
N THR A 232 26.66 -68.17 9.24
CA THR A 232 26.79 -66.80 8.78
C THR A 232 27.29 -66.78 7.35
N TRP A 233 27.08 -65.66 6.66
CA TRP A 233 27.67 -65.44 5.33
C TRP A 233 28.34 -64.08 5.25
N GLY A 234 29.35 -63.99 4.40
CA GLY A 234 29.97 -62.72 4.04
C GLY A 234 29.87 -62.47 2.53
N ASP A 235 30.72 -61.58 2.04
CA ASP A 235 30.64 -61.09 0.65
C ASP A 235 30.93 -62.13 -0.44
N ASP A 236 31.56 -63.25 -0.08
CA ASP A 236 31.78 -64.33 -1.04
C ASP A 236 30.58 -65.28 -1.20
N ASP A 237 29.45 -64.93 -0.54
CA ASP A 237 28.21 -65.73 -0.59
C ASP A 237 28.31 -67.13 0.04
N ARG A 238 29.41 -67.43 0.70
CA ARG A 238 29.57 -68.74 1.35
C ARG A 238 28.84 -68.78 2.69
N LEU A 239 28.00 -69.79 2.86
CA LEU A 239 27.32 -69.98 4.14
C LEU A 239 28.16 -70.91 4.99
N VAL A 240 28.67 -70.39 6.10
CA VAL A 240 29.69 -71.08 6.90
C VAL A 240 29.38 -71.14 8.39
N ASP A 241 30.17 -71.93 9.12
CA ASP A 241 30.01 -72.05 10.57
C ASP A 241 30.71 -70.92 11.33
N ALA A 242 31.54 -70.13 10.64
CA ALA A 242 32.24 -69.00 11.27
C ALA A 242 31.27 -68.12 12.04
N THR A 243 31.72 -67.62 13.19
CA THR A 243 30.85 -66.87 14.10
C THR A 243 30.99 -65.36 13.95
N ALA A 244 31.77 -64.91 12.97
CA ALA A 244 31.96 -63.47 12.73
C ALA A 244 32.04 -63.14 11.24
N GLN A 245 31.42 -62.02 10.86
CA GLN A 245 31.51 -61.47 9.50
C GLN A 245 31.61 -59.95 9.58
N ASP A 246 32.27 -59.36 8.59
CA ASP A 246 32.50 -57.92 8.56
C ASP A 246 32.78 -57.50 7.12
N GLY A 247 31.88 -56.75 6.54
CA GLY A 247 31.98 -56.43 5.12
C GLY A 247 30.85 -55.53 4.67
N VAL A 248 30.16 -55.96 3.62
CA VAL A 248 29.07 -55.19 3.03
C VAL A 248 27.78 -56.03 3.02
N ASP A 249 27.82 -57.16 2.30
CA ASP A 249 26.74 -58.14 2.32
C ASP A 249 27.10 -59.23 3.35
N THR A 250 26.49 -59.15 4.52
CA THR A 250 26.66 -60.18 5.55
C THR A 250 25.30 -60.59 6.09
N GLY A 251 25.26 -61.74 6.76
CA GLY A 251 24.05 -62.20 7.39
C GLY A 251 24.22 -63.42 8.26
N ALA A 252 23.14 -63.83 8.89
CA ALA A 252 23.11 -65.03 9.71
C ALA A 252 21.81 -65.80 9.47
N ILE A 253 21.86 -67.11 9.67
CA ILE A 253 20.68 -67.95 9.55
C ILE A 253 20.56 -68.77 10.83
N LEU A 254 19.43 -68.57 11.51
CA LEU A 254 19.14 -69.24 12.77
C LEU A 254 18.27 -70.45 12.47
N THR A 255 18.61 -71.59 13.07
CA THR A 255 17.82 -72.80 12.91
C THR A 255 17.40 -73.34 14.28
N PHE A 256 16.11 -73.61 14.41
CA PHE A 256 15.50 -74.00 15.67
C PHE A 256 15.08 -75.47 15.63
N ASP A 257 14.74 -76.01 16.79
CA ASP A 257 14.26 -77.39 16.84
C ASP A 257 12.77 -77.46 16.47
N PRO A 258 12.38 -78.46 15.66
CA PRO A 258 10.99 -78.70 15.32
C PRO A 258 10.05 -78.69 16.53
N ALA A 259 10.54 -79.06 17.71
CA ALA A 259 9.73 -79.04 18.93
C ALA A 259 9.27 -77.62 19.33
N ASP A 260 10.03 -76.62 18.89
CA ASP A 260 9.73 -75.23 19.19
C ASP A 260 8.91 -74.53 18.10
N ALA A 261 8.43 -75.29 17.12
CA ALA A 261 7.69 -74.74 15.98
C ALA A 261 6.54 -73.82 16.39
N GLY A 262 5.86 -74.19 17.48
CA GLY A 262 4.69 -73.43 17.97
C GLY A 262 4.97 -72.03 18.50
N GLU A 263 6.23 -71.75 18.86
CA GLU A 263 6.61 -70.43 19.36
C GLU A 263 8.10 -70.16 19.20
N ILE A 264 8.42 -69.28 18.27
CA ILE A 264 9.79 -68.82 18.01
C ILE A 264 9.86 -67.31 18.28
N GLY A 265 10.72 -66.90 19.21
CA GLY A 265 10.77 -65.49 19.63
C GLY A 265 12.10 -64.83 19.31
N LEU A 266 12.05 -63.55 18.93
CA LEU A 266 13.25 -62.78 18.64
C LEU A 266 13.10 -61.37 19.16
N GLN A 267 14.17 -60.85 19.76
CA GLN A 267 14.19 -59.48 20.30
C GLN A 267 15.36 -58.71 19.72
N VAL A 268 15.07 -57.60 19.06
CA VAL A 268 16.11 -56.82 18.38
C VAL A 268 16.14 -55.41 18.95
N THR A 269 17.30 -54.95 19.37
CA THR A 269 17.43 -53.59 19.90
C THR A 269 18.50 -52.78 19.15
N LEU A 270 18.20 -51.50 18.89
CA LEU A 270 19.07 -50.59 18.14
C LEU A 270 19.67 -49.49 19.02
N SER A 271 20.93 -49.17 18.76
CA SER A 271 21.61 -48.06 19.43
C SER A 271 22.52 -47.32 18.46
N PRO A 272 22.47 -45.98 18.48
CA PRO A 272 23.45 -45.22 17.70
C PRO A 272 24.81 -45.19 18.39
N VAL A 273 24.90 -45.70 19.61
CA VAL A 273 26.12 -45.61 20.42
C VAL A 273 27.08 -46.81 20.28
N SER A 274 26.55 -48.02 20.50
CA SER A 274 27.36 -49.24 20.42
C SER A 274 26.50 -50.46 20.65
N VAL A 275 27.07 -51.61 20.35
CA VAL A 275 26.45 -52.89 20.64
C VAL A 275 26.23 -53.06 22.15
N GLU A 276 27.24 -52.71 22.96
CA GLU A 276 27.11 -52.91 24.40
C GLU A 276 26.00 -52.02 24.98
N GLN A 277 25.92 -50.78 24.51
CA GLN A 277 24.79 -49.91 24.85
C GLN A 277 23.45 -50.51 24.39
N ALA A 278 23.42 -51.08 23.19
CA ALA A 278 22.20 -51.74 22.70
C ALA A 278 21.78 -52.88 23.64
N ARG A 279 22.74 -53.64 24.14
CA ARG A 279 22.46 -54.73 25.09
C ARG A 279 21.88 -54.20 26.39
N ILE A 280 22.47 -53.13 26.91
CA ILE A 280 21.98 -52.48 28.12
C ILE A 280 20.55 -51.93 27.92
N ASP A 281 20.34 -51.24 26.80
CA ASP A 281 19.03 -50.72 26.40
C ASP A 281 17.97 -51.83 26.37
N GLN A 282 18.30 -52.96 25.76
CA GLN A 282 17.37 -54.08 25.67
C GLN A 282 16.99 -54.59 27.06
N GLN A 283 17.96 -54.72 27.93
CA GLN A 283 17.69 -55.19 29.29
C GLN A 283 16.80 -54.20 30.05
N VAL A 284 17.07 -52.90 29.90
CA VAL A 284 16.29 -51.86 30.58
C VAL A 284 14.88 -51.79 30.01
N GLU A 285 14.81 -51.79 28.68
CA GLU A 285 13.58 -51.57 27.96
C GLU A 285 12.67 -52.81 27.95
N LEU A 286 13.24 -54.01 27.83
CA LEU A 286 12.44 -55.22 27.69
C LEU A 286 12.51 -56.16 28.90
N GLY A 287 13.64 -56.17 29.60
CA GLY A 287 13.86 -57.09 30.73
C GLY A 287 13.38 -58.50 30.41
N ASP A 288 12.54 -59.04 31.30
CA ASP A 288 11.97 -60.37 31.11
C ASP A 288 10.47 -60.31 30.77
N LEU A 289 10.00 -59.13 30.36
CA LEU A 289 8.63 -58.97 29.91
C LEU A 289 8.28 -59.91 28.76
N SER A 290 7.03 -60.37 28.74
CA SER A 290 6.53 -61.19 27.65
C SER A 290 6.26 -60.33 26.42
N PHE A 291 6.19 -60.99 25.25
CA PHE A 291 5.80 -60.34 24.01
C PHE A 291 4.49 -59.51 24.17
N ASP A 292 3.45 -60.14 24.73
CA ASP A 292 2.16 -59.47 24.95
C ASP A 292 2.28 -58.23 25.85
N ALA A 293 3.08 -58.35 26.90
CA ALA A 293 3.31 -57.23 27.83
C ALA A 293 4.00 -56.04 27.14
N ILE A 294 5.00 -56.34 26.32
CA ILE A 294 5.70 -55.30 25.55
C ILE A 294 4.74 -54.62 24.59
N ARG A 295 3.97 -55.42 23.86
CA ARG A 295 2.97 -54.90 22.93
C ARG A 295 1.93 -54.03 23.64
N ASP A 296 1.38 -54.53 24.75
CA ASP A 296 0.37 -53.80 25.51
C ASP A 296 0.91 -52.48 26.06
N ARG A 297 2.15 -52.50 26.50
CA ARG A 297 2.79 -51.31 27.07
C ARG A 297 2.95 -50.20 26.03
N THR A 298 3.32 -50.58 24.81
CA THR A 298 3.47 -49.59 23.75
C THR A 298 2.10 -49.06 23.32
N ARG A 299 1.09 -49.92 23.32
CA ARG A 299 -0.28 -49.46 23.07
C ARG A 299 -0.72 -48.45 24.12
N ALA A 300 -0.41 -48.72 25.39
CA ALA A 300 -0.74 -47.76 26.47
C ALA A 300 0.02 -46.43 26.28
N GLU A 301 1.27 -46.52 25.85
CA GLU A 301 2.07 -45.34 25.52
C GLU A 301 1.45 -44.52 24.36
N TRP A 302 0.92 -45.20 23.35
CA TRP A 302 0.21 -44.49 22.27
C TRP A 302 -1.08 -43.83 22.77
N ASN A 303 -1.84 -44.53 23.61
CA ASN A 303 -3.09 -43.98 24.17
C ASN A 303 -2.87 -42.71 25.03
N ALA A 304 -1.76 -42.68 25.76
CA ALA A 304 -1.32 -41.48 26.50
C ALA A 304 -0.97 -40.35 25.54
N THR A 305 -0.24 -40.68 24.47
CA THR A 305 0.21 -39.71 23.48
C THR A 305 -0.95 -39.12 22.67
N LEU A 306 -1.76 -40.01 22.10
CA LEU A 306 -2.93 -39.60 21.34
C LEU A 306 -3.97 -38.90 22.21
N GLY A 307 -4.09 -39.35 23.47
CA GLY A 307 -5.02 -38.79 24.46
C GLY A 307 -4.75 -37.34 24.83
N ARG A 308 -3.61 -36.81 24.37
CA ARG A 308 -3.31 -35.40 24.53
C ARG A 308 -4.34 -34.52 23.83
N VAL A 309 -5.01 -35.08 22.82
CA VAL A 309 -6.08 -34.39 22.13
C VAL A 309 -7.35 -35.21 22.24
N ALA A 310 -8.40 -34.62 22.83
CA ALA A 310 -9.69 -35.30 22.97
C ALA A 310 -10.74 -34.60 22.13
N ILE A 311 -11.49 -35.39 21.39
CA ILE A 311 -12.41 -34.85 20.40
C ILE A 311 -13.85 -35.30 20.63
N ASP A 312 -14.77 -34.35 20.45
CA ASP A 312 -16.19 -34.65 20.43
C ASP A 312 -16.65 -34.27 19.02
N ALA A 313 -16.99 -35.27 18.22
CA ALA A 313 -17.37 -35.07 16.83
C ALA A 313 -18.80 -35.53 16.60
N SER A 314 -19.68 -34.58 16.33
CA SER A 314 -21.09 -34.89 16.10
C SER A 314 -21.27 -35.59 14.77
N THR A 315 -22.42 -36.25 14.63
CA THR A 315 -22.90 -36.79 13.36
C THR A 315 -22.96 -35.72 12.26
N ALA A 316 -23.35 -34.50 12.62
CA ALA A 316 -23.42 -33.40 11.66
C ALA A 316 -22.11 -33.20 10.91
N THR A 317 -20.99 -33.18 11.65
CA THR A 317 -19.67 -32.91 11.06
C THR A 317 -18.93 -34.16 10.56
N ASP A 318 -19.29 -35.32 11.10
CA ASP A 318 -18.61 -36.58 10.82
C ASP A 318 -19.63 -37.71 10.86
N PRO A 319 -20.52 -37.79 9.85
CA PRO A 319 -21.59 -38.80 9.90
C PRO A 319 -21.12 -40.26 9.88
N THR A 320 -19.94 -40.53 9.32
CA THR A 320 -19.46 -41.91 9.16
C THR A 320 -18.48 -42.33 10.26
N GLY A 321 -18.00 -41.35 11.02
CA GLY A 321 -16.90 -41.59 11.96
C GLY A 321 -15.51 -41.59 11.33
N GLU A 322 -15.44 -41.41 10.01
CA GLU A 322 -14.16 -41.48 9.31
C GLU A 322 -13.27 -40.25 9.53
N LEU A 323 -13.87 -39.07 9.72
CA LEU A 323 -13.10 -37.86 9.96
C LEU A 323 -12.33 -37.95 11.28
N GLN A 324 -12.97 -38.51 12.31
CA GLN A 324 -12.34 -38.74 13.60
C GLN A 324 -11.18 -39.75 13.50
N ARG A 325 -11.40 -40.82 12.73
CA ARG A 325 -10.37 -41.82 12.47
C ARG A 325 -9.21 -41.21 11.67
N LEU A 326 -9.55 -40.41 10.66
CA LEU A 326 -8.54 -39.66 9.94
C LEU A 326 -7.72 -38.78 10.87
N PHE A 327 -8.40 -38.08 11.78
CA PHE A 327 -7.69 -37.22 12.72
C PHE A 327 -6.66 -37.99 13.56
N TYR A 328 -7.08 -39.09 14.18
CA TYR A 328 -6.19 -39.86 15.07
C TYR A 328 -5.08 -40.62 14.33
N THR A 329 -5.38 -41.06 13.11
CA THR A 329 -4.37 -41.65 12.23
C THR A 329 -3.26 -40.61 11.97
N HIS A 330 -3.66 -39.39 11.65
CA HIS A 330 -2.69 -38.35 11.33
C HIS A 330 -1.98 -37.79 12.56
N LEU A 331 -2.66 -37.77 13.70
CA LEU A 331 -1.99 -37.47 14.97
C LEU A 331 -0.90 -38.52 15.27
N TYR A 332 -1.24 -39.78 15.02
CA TYR A 332 -0.28 -40.89 15.17
C TYR A 332 0.96 -40.64 14.30
N ARG A 333 0.75 -40.25 13.05
CA ARG A 333 1.84 -39.97 12.10
C ARG A 333 2.66 -38.75 12.50
N MET A 334 2.05 -37.86 13.27
CA MET A 334 2.72 -36.63 13.71
C MET A 334 3.84 -36.91 14.71
N PHE A 335 3.74 -38.06 15.38
CA PHE A 335 4.72 -38.47 16.38
C PHE A 335 5.65 -39.57 15.87
N ALA A 336 6.31 -39.33 14.75
CA ALA A 336 7.22 -40.31 14.16
C ALA A 336 8.65 -39.80 14.07
N MET A 337 8.81 -38.61 13.47
CA MET A 337 10.13 -38.04 13.27
C MET A 337 10.16 -36.60 13.76
N PRO A 338 11.30 -36.15 14.32
CA PRO A 338 12.53 -36.93 14.55
C PRO A 338 12.38 -38.08 15.54
N MET A 339 13.25 -39.08 15.42
CA MET A 339 13.23 -40.28 16.24
C MET A 339 14.06 -40.07 17.49
N ASN A 340 13.68 -40.76 18.56
CA ASN A 340 14.49 -40.81 19.78
C ASN A 340 15.84 -41.46 19.45
N ALA A 341 16.93 -40.69 19.55
CA ALA A 341 18.29 -41.16 19.26
C ALA A 341 19.16 -41.18 20.52
N THR A 342 18.52 -41.39 21.67
CA THR A 342 19.17 -41.39 22.98
C THR A 342 19.11 -42.79 23.58
N SER A 343 20.21 -43.22 24.20
CA SER A 343 20.24 -44.49 24.92
C SER A 343 19.48 -44.38 26.23
N THR A 344 19.19 -45.53 26.84
CA THR A 344 18.60 -45.58 28.18
C THR A 344 19.55 -45.01 29.24
N SER A 345 20.82 -44.86 28.88
CA SER A 345 21.82 -44.24 29.76
C SER A 345 21.95 -42.71 29.56
N GLY A 346 21.08 -42.12 28.73
CA GLY A 346 21.11 -40.69 28.48
C GLY A 346 22.31 -40.19 27.69
N THR A 347 22.77 -40.99 26.72
CA THR A 347 23.85 -40.63 25.82
C THR A 347 23.42 -40.70 24.36
N TYR A 348 24.17 -40.05 23.48
CA TYR A 348 23.91 -40.09 22.05
C TYR A 348 25.23 -40.07 21.31
N ARG A 349 25.20 -40.34 19.99
CA ARG A 349 26.42 -40.22 19.20
C ARG A 349 26.40 -38.93 18.37
N GLY A 350 27.47 -38.16 18.49
CA GLY A 350 27.60 -36.90 17.77
C GLY A 350 28.12 -37.08 16.36
N VAL A 351 27.93 -36.08 15.52
CA VAL A 351 28.50 -36.09 14.17
C VAL A 351 30.02 -36.07 14.18
N ASP A 352 30.62 -35.72 15.33
CA ASP A 352 32.07 -35.87 15.53
C ASP A 352 32.49 -37.34 15.71
N GLY A 353 31.51 -38.24 15.79
CA GLY A 353 31.80 -39.67 15.92
C GLY A 353 31.97 -40.11 17.37
N ALA A 354 31.78 -39.21 18.31
CA ALA A 354 31.97 -39.49 19.73
C ALA A 354 30.65 -39.59 20.51
N VAL A 355 30.71 -40.20 21.69
CA VAL A 355 29.59 -40.32 22.59
C VAL A 355 29.49 -39.08 23.48
N HIS A 356 28.29 -38.53 23.62
CA HIS A 356 28.07 -37.36 24.49
C HIS A 356 26.83 -37.54 25.35
N ALA A 357 26.74 -36.73 26.39
CA ALA A 357 25.59 -36.73 27.28
C ALA A 357 24.44 -35.90 26.70
N ALA A 358 23.23 -36.45 26.74
CA ALA A 358 22.04 -35.65 26.51
C ALA A 358 21.58 -35.23 27.90
N GLN A 359 22.22 -34.17 28.41
CA GLN A 359 22.09 -33.78 29.81
C GLN A 359 20.73 -33.16 30.13
N GLY A 360 19.90 -33.92 30.83
CA GLY A 360 18.59 -33.44 31.27
C GLY A 360 17.55 -33.21 30.17
N PHE A 361 17.70 -33.93 29.05
CA PHE A 361 16.73 -33.88 27.94
C PHE A 361 16.91 -35.13 27.07
N THR A 362 15.90 -35.44 26.26
CA THR A 362 16.03 -36.51 25.29
C THR A 362 16.50 -35.94 23.96
N TYR A 363 17.58 -36.52 23.42
CA TYR A 363 18.12 -36.11 22.11
C TYR A 363 17.39 -36.84 20.97
N TYR A 364 16.83 -36.05 20.07
CA TYR A 364 16.15 -36.54 18.87
C TYR A 364 17.01 -36.24 17.63
N ASP A 365 16.89 -37.10 16.62
CA ASP A 365 17.65 -36.97 15.38
C ASP A 365 16.82 -37.60 14.26
N SER A 366 17.17 -37.21 13.03
CA SER A 366 16.48 -37.60 11.77
C SER A 366 15.65 -36.42 11.27
N TRP A 367 16.21 -35.69 10.33
CA TRP A 367 15.67 -34.39 9.94
C TRP A 367 15.39 -34.35 8.44
N ALA A 368 14.33 -33.65 8.07
CA ALA A 368 14.00 -33.41 6.66
C ALA A 368 13.44 -32.00 6.58
N THR A 369 14.22 -31.05 7.07
CA THR A 369 13.68 -29.76 7.49
C THR A 369 13.26 -28.86 6.33
N TRP A 370 13.87 -29.06 5.16
CA TRP A 370 13.47 -28.38 3.92
C TRP A 370 11.99 -28.63 3.58
N ASP A 371 11.53 -29.85 3.83
CA ASP A 371 10.13 -30.24 3.63
C ASP A 371 9.24 -29.96 4.84
N ASP A 372 9.75 -30.15 6.05
CA ASP A 372 8.87 -30.32 7.21
C ASP A 372 8.85 -29.21 8.24
N PHE A 373 9.49 -28.07 7.95
CA PHE A 373 9.74 -27.07 8.99
C PHE A 373 8.50 -26.56 9.72
N ARG A 374 7.39 -26.45 9.00
CA ARG A 374 6.13 -25.99 9.62
C ARG A 374 5.55 -26.97 10.63
N LYS A 375 5.92 -28.25 10.54
CA LYS A 375 5.34 -29.24 11.46
C LYS A 375 5.67 -28.97 12.93
N PHE A 376 6.91 -28.51 13.19
CA PHE A 376 7.37 -28.28 14.56
C PHE A 376 6.55 -27.21 15.27
N SER A 377 6.12 -26.19 14.51
CA SER A 377 5.25 -25.14 15.04
C SER A 377 3.93 -25.73 15.60
N VAL A 378 3.47 -26.83 15.01
CA VAL A 378 2.24 -27.48 15.48
C VAL A 378 2.53 -28.41 16.67
N ILE A 379 3.57 -29.23 16.55
CA ILE A 379 4.01 -30.04 17.69
C ILE A 379 4.12 -29.15 18.93
N ALA A 380 4.58 -27.91 18.76
CA ALA A 380 4.75 -26.97 19.88
C ALA A 380 3.49 -26.76 20.72
N TYR A 381 2.32 -26.75 20.08
CA TYR A 381 1.07 -26.58 20.86
C TYR A 381 0.34 -27.88 21.24
N ILE A 382 0.78 -29.02 20.72
CA ILE A 382 0.20 -30.31 21.12
C ILE A 382 1.05 -31.03 22.19
N ASP A 383 2.37 -30.98 22.04
CA ASP A 383 3.28 -31.58 23.01
C ASP A 383 4.48 -30.66 23.22
N PRO A 384 4.34 -29.61 24.06
CA PRO A 384 5.39 -28.60 24.31
C PRO A 384 6.73 -29.19 24.77
N ALA A 385 6.69 -30.17 25.65
CA ALA A 385 7.92 -30.75 26.18
C ALA A 385 8.69 -31.51 25.11
N LEU A 386 7.98 -32.24 24.24
CA LEU A 386 8.63 -32.97 23.14
C LEU A 386 9.30 -31.98 22.20
N TYR A 387 8.53 -30.97 21.79
CA TYR A 387 9.02 -29.86 20.97
C TYR A 387 10.30 -29.25 21.53
N ARG A 388 10.32 -28.95 22.82
CA ARG A 388 11.51 -28.33 23.42
C ARG A 388 12.74 -29.22 23.26
N ASP A 389 12.59 -30.52 23.52
CA ASP A 389 13.67 -31.48 23.37
C ASP A 389 14.13 -31.58 21.93
N MET A 390 13.20 -31.54 20.99
CA MET A 390 13.54 -31.55 19.57
C MET A 390 14.41 -30.35 19.21
N VAL A 391 14.03 -29.16 19.67
CA VAL A 391 14.78 -27.94 19.36
C VAL A 391 16.15 -27.94 20.03
N GLN A 392 16.19 -28.37 21.30
CA GLN A 392 17.46 -28.51 21.99
C GLN A 392 18.37 -29.48 21.26
N SER A 393 17.78 -30.54 20.69
CA SER A 393 18.54 -31.53 19.92
C SER A 393 19.13 -30.93 18.64
N LEU A 394 18.29 -30.19 17.91
CA LEU A 394 18.72 -29.50 16.70
C LEU A 394 19.89 -28.56 16.99
N VAL A 395 19.80 -27.84 18.10
CA VAL A 395 20.87 -26.98 18.57
C VAL A 395 22.16 -27.76 18.83
N TYR A 396 22.07 -28.88 19.55
CA TYR A 396 23.23 -29.74 19.81
C TYR A 396 23.86 -30.28 18.52
N LEU A 397 23.02 -30.60 17.54
CA LEU A 397 23.49 -31.14 16.27
C LEU A 397 24.40 -30.14 15.56
N PHE A 398 23.96 -28.89 15.51
CA PHE A 398 24.73 -27.84 14.86
C PHE A 398 25.96 -27.46 15.70
N ALA A 399 25.79 -27.46 17.03
CA ALA A 399 26.91 -27.23 17.97
C ALA A 399 28.00 -28.28 17.80
N ASP A 400 27.60 -29.54 17.64
CA ASP A 400 28.53 -30.64 17.40
C ASP A 400 29.31 -30.48 16.09
N ALA A 401 28.62 -30.07 15.02
CA ALA A 401 29.26 -29.73 13.75
C ALA A 401 30.36 -28.68 13.94
N GLU A 402 30.03 -27.61 14.66
CA GLU A 402 30.95 -26.52 14.91
C GLU A 402 32.18 -27.00 15.68
N ALA A 403 31.93 -27.84 16.69
CA ALA A 403 32.96 -28.41 17.57
C ALA A 403 34.00 -29.27 16.85
N THR A 404 33.62 -29.89 15.73
CA THR A 404 34.56 -30.65 14.90
C THR A 404 35.68 -29.75 14.38
N GLY A 405 35.40 -28.44 14.30
CA GLY A 405 36.36 -27.47 13.78
C GLY A 405 36.72 -27.64 12.31
N THR A 406 35.97 -28.46 11.59
CA THR A 406 36.25 -28.69 10.16
C THR A 406 35.58 -27.62 9.28
N GLY A 407 34.53 -27.00 9.82
CA GLY A 407 33.73 -26.05 9.05
C GLY A 407 32.87 -26.70 7.97
N GLY A 408 32.89 -28.03 7.90
CA GLY A 408 32.14 -28.76 6.88
C GLY A 408 30.65 -28.76 7.16
N GLY A 409 29.85 -28.90 6.09
CA GLY A 409 28.39 -29.03 6.22
C GLY A 409 27.99 -30.39 6.79
N LEU A 410 26.75 -30.49 7.25
CA LEU A 410 26.29 -31.71 7.93
C LEU A 410 26.36 -32.98 7.07
N GLY A 411 26.20 -32.83 5.75
CA GLY A 411 26.26 -33.96 4.81
C GLY A 411 27.60 -34.70 4.73
N GLY A 412 28.67 -34.08 5.23
CA GLY A 412 29.98 -34.72 5.26
C GLY A 412 30.26 -35.62 6.46
N PHE A 413 29.34 -35.67 7.41
CA PHE A 413 29.53 -36.53 8.58
C PHE A 413 28.67 -37.79 8.48
N VAL A 414 29.01 -38.77 9.31
CA VAL A 414 28.20 -39.97 9.48
C VAL A 414 27.20 -39.67 10.59
N HIS A 415 25.91 -39.83 10.30
CA HIS A 415 24.86 -39.45 11.25
C HIS A 415 24.42 -40.60 12.17
N SER A 416 23.77 -40.27 13.29
CA SER A 416 23.52 -41.28 14.32
C SER A 416 22.31 -42.16 14.02
N VAL A 417 21.47 -41.72 13.08
CA VAL A 417 20.26 -42.42 12.64
C VAL A 417 20.03 -42.08 11.15
N PRO A 418 19.23 -42.88 10.41
CA PRO A 418 18.92 -42.43 9.06
C PRO A 418 18.32 -41.02 9.08
N THR A 419 18.74 -40.19 8.13
CA THR A 419 18.37 -38.78 8.14
C THR A 419 18.29 -38.22 6.73
N VAL A 420 17.80 -37.00 6.56
CA VAL A 420 17.56 -36.49 5.21
C VAL A 420 18.28 -35.18 4.91
N ARG A 421 17.79 -34.06 5.46
CA ARG A 421 18.33 -32.75 5.13
C ARG A 421 17.97 -31.71 6.20
N TRP A 422 18.67 -30.56 6.16
CA TRP A 422 18.69 -29.65 7.31
C TRP A 422 18.34 -28.19 7.01
N GLU A 423 18.05 -27.87 5.75
CA GLU A 423 17.65 -26.50 5.40
C GLU A 423 16.43 -26.06 6.23
N ARG A 424 16.37 -24.76 6.53
CA ARG A 424 15.30 -24.15 7.34
C ARG A 424 15.48 -24.39 8.84
N SER A 425 16.56 -25.08 9.24
CA SER A 425 16.85 -25.26 10.67
C SER A 425 16.81 -23.95 11.47
N SER A 426 17.32 -22.85 10.90
CA SER A 426 17.31 -21.56 11.60
C SER A 426 15.90 -21.10 11.92
N VAL A 427 14.96 -21.42 11.03
CA VAL A 427 13.56 -21.04 11.20
C VAL A 427 12.94 -21.83 12.36
N VAL A 428 13.29 -23.11 12.46
CA VAL A 428 12.78 -23.98 13.54
C VAL A 428 13.27 -23.52 14.93
N VAL A 429 14.58 -23.28 15.04
CA VAL A 429 15.14 -22.76 16.28
C VAL A 429 14.49 -21.42 16.62
N ALA A 430 14.39 -20.54 15.63
CA ALA A 430 13.72 -19.24 15.78
C ALA A 430 12.26 -19.37 16.27
N ASP A 431 11.60 -20.45 15.82
CA ASP A 431 10.22 -20.74 16.20
C ASP A 431 10.10 -20.90 17.71
N ALA A 432 11.02 -21.64 18.31
CA ALA A 432 11.03 -21.86 19.74
C ALA A 432 11.36 -20.58 20.51
N ILE A 433 12.36 -19.85 20.03
CA ILE A 433 12.74 -18.59 20.67
C ILE A 433 11.57 -17.61 20.65
N ALA A 434 10.94 -17.44 19.49
CA ALA A 434 9.78 -16.55 19.34
C ALA A 434 8.61 -16.97 20.22
N LYS A 435 8.48 -18.28 20.47
CA LYS A 435 7.42 -18.82 21.32
C LYS A 435 7.75 -18.76 22.82
N GLY A 436 8.88 -18.17 23.17
CA GLY A 436 9.23 -17.92 24.58
C GLY A 436 10.09 -18.97 25.26
N PHE A 437 10.52 -19.98 24.50
CA PHE A 437 11.41 -21.02 25.03
C PHE A 437 12.82 -20.47 25.24
N ASP A 438 13.44 -20.85 26.33
CA ASP A 438 14.78 -20.38 26.66
C ASP A 438 15.60 -21.44 27.40
N GLY A 439 16.84 -21.11 27.72
CA GLY A 439 17.77 -22.06 28.31
C GLY A 439 18.22 -23.14 27.32
N PHE A 440 18.34 -22.77 26.04
CA PHE A 440 18.88 -23.68 25.04
C PHE A 440 20.41 -23.74 25.13
N ASP A 441 20.90 -24.75 25.84
CA ASP A 441 22.32 -25.01 26.01
C ASP A 441 23.03 -25.16 24.65
N ARG A 442 24.17 -24.49 24.52
CA ARG A 442 25.07 -24.57 23.35
C ARG A 442 24.58 -23.81 22.11
N LEU A 443 23.61 -22.91 22.30
CA LEU A 443 23.08 -22.12 21.18
C LEU A 443 24.15 -21.26 20.54
N ASP A 444 25.03 -20.70 21.37
CA ASP A 444 26.14 -19.88 20.89
C ASP A 444 27.10 -20.68 19.99
N GLU A 445 27.25 -21.97 20.28
CA GLU A 445 28.02 -22.89 19.43
C GLU A 445 27.30 -23.24 18.13
N ALA A 446 25.99 -23.48 18.23
CA ALA A 446 25.17 -23.81 17.06
C ALA A 446 25.18 -22.68 16.03
N TYR A 447 25.18 -21.44 16.52
CA TYR A 447 25.04 -20.25 15.68
C TYR A 447 25.96 -20.17 14.43
N PRO A 448 27.30 -20.23 14.62
CA PRO A 448 28.15 -20.16 13.42
C PRO A 448 27.89 -21.27 12.38
N ALA A 449 27.55 -22.48 12.85
CA ALA A 449 27.20 -23.58 11.96
C ALA A 449 25.87 -23.32 11.24
N LEU A 450 24.91 -22.74 11.95
CA LEU A 450 23.65 -22.32 11.35
C LEU A 450 23.91 -21.22 10.29
N GLN A 451 24.80 -20.29 10.59
CA GLN A 451 25.23 -19.25 9.64
C GLN A 451 25.82 -19.87 8.35
N ARG A 452 26.68 -20.89 8.49
CA ARG A 452 27.22 -21.59 7.31
C ARG A 452 26.15 -22.34 6.51
N LEU A 453 25.19 -22.92 7.24
CA LEU A 453 24.05 -23.59 6.61
C LEU A 453 23.28 -22.62 5.71
N VAL A 454 22.97 -21.45 6.25
CA VAL A 454 22.25 -20.40 5.54
C VAL A 454 23.06 -19.85 4.34
N GLY A 455 24.36 -19.67 4.53
CA GLY A 455 25.24 -19.16 3.49
C GLY A 455 25.18 -17.65 3.40
N GLN A 456 26.09 -17.07 2.62
CA GLN A 456 26.13 -15.63 2.38
C GLN A 456 25.91 -15.36 0.90
N TYR A 457 25.21 -14.26 0.61
CA TYR A 457 25.18 -13.75 -0.76
C TYR A 457 26.63 -13.43 -1.15
N SER A 458 26.98 -13.66 -2.42
CA SER A 458 28.28 -13.25 -2.94
C SER A 458 28.35 -11.72 -3.01
N ALA A 459 29.55 -11.19 -3.27
CA ALA A 459 29.74 -9.75 -3.38
C ALA A 459 28.73 -9.14 -4.35
N ASP A 460 28.59 -9.76 -5.53
CA ASP A 460 27.72 -9.23 -6.59
C ASP A 460 26.25 -9.33 -6.20
N GLU A 461 25.90 -10.40 -5.51
CA GLU A 461 24.55 -10.60 -4.98
C GLU A 461 24.20 -9.61 -3.87
N LEU A 462 25.19 -9.28 -3.05
CA LEU A 462 25.01 -8.26 -2.00
C LEU A 462 24.72 -6.88 -2.62
N ARG A 463 25.42 -6.56 -3.72
CA ARG A 463 25.22 -5.29 -4.42
C ARG A 463 23.86 -5.17 -5.08
N ARG A 464 23.40 -6.25 -5.73
CA ARG A 464 22.13 -6.18 -6.44
C ARG A 464 20.91 -6.59 -5.59
N GLY A 465 21.16 -7.37 -4.54
CA GLY A 465 20.13 -7.76 -3.58
C GLY A 465 19.45 -9.12 -3.80
N TYR A 466 19.95 -9.93 -4.73
CA TYR A 466 19.32 -11.23 -5.07
C TYR A 466 20.26 -12.14 -5.87
N VAL A 467 19.91 -13.42 -5.95
CA VAL A 467 20.64 -14.37 -6.80
C VAL A 467 20.07 -14.28 -8.21
N ALA A 468 20.94 -13.98 -9.18
CA ALA A 468 20.55 -13.80 -10.58
C ALA A 468 19.97 -15.08 -11.19
N GLY A 469 18.78 -14.97 -11.75
CA GLY A 469 18.11 -16.11 -12.37
C GLY A 469 17.63 -17.20 -11.41
N ASN A 470 17.71 -16.94 -10.11
CA ASN A 470 17.37 -17.95 -9.12
C ASN A 470 16.45 -17.40 -8.02
N PRO A 471 15.17 -17.15 -8.36
CA PRO A 471 14.23 -16.57 -7.38
C PRO A 471 14.01 -17.51 -6.19
N GLY A 472 14.09 -18.82 -6.44
CA GLY A 472 13.91 -19.84 -5.41
C GLY A 472 14.94 -19.77 -4.29
N ALA A 473 16.21 -19.75 -4.65
CA ALA A 473 17.29 -19.64 -3.65
C ALA A 473 17.21 -18.32 -2.87
N SER A 474 16.76 -17.26 -3.55
CA SER A 474 16.64 -15.93 -2.93
C SER A 474 15.58 -15.89 -1.83
N VAL A 475 14.35 -16.30 -2.15
CA VAL A 475 13.28 -16.28 -1.13
C VAL A 475 13.60 -17.24 0.03
N GLN A 476 14.25 -18.36 -0.28
CA GLN A 476 14.63 -19.32 0.74
C GLN A 476 15.64 -18.72 1.72
N ARG A 477 16.67 -18.06 1.22
CA ARG A 477 17.63 -17.35 2.08
C ARG A 477 16.94 -16.25 2.91
N GLY A 478 15.97 -15.55 2.30
CA GLY A 478 15.19 -14.57 3.03
C GLY A 478 14.61 -15.13 4.33
N TYR A 479 13.92 -16.26 4.22
CA TYR A 479 13.33 -16.92 5.38
C TYR A 479 14.42 -17.44 6.35
N ASP A 480 15.48 -18.03 5.81
CA ASP A 480 16.63 -18.47 6.61
C ASP A 480 17.23 -17.33 7.43
N GLN A 481 17.37 -16.17 6.80
CA GLN A 481 17.99 -15.00 7.41
C GLN A 481 17.08 -14.39 8.47
N TYR A 482 15.77 -14.40 8.21
CA TYR A 482 14.82 -14.01 9.23
C TYR A 482 14.96 -14.90 10.47
N GLY A 483 14.99 -16.22 10.25
CA GLY A 483 15.17 -17.19 11.33
C GLY A 483 16.46 -16.92 12.10
N LEU A 484 17.52 -16.65 11.37
CA LEU A 484 18.83 -16.38 11.96
C LEU A 484 18.85 -15.07 12.76
N SER A 485 18.08 -14.08 12.29
CA SER A 485 18.03 -12.77 12.98
C SER A 485 17.40 -12.91 14.36
N VAL A 486 16.43 -13.80 14.48
CA VAL A 486 15.80 -14.10 15.76
C VAL A 486 16.83 -14.73 16.72
N ILE A 487 17.57 -15.72 16.22
CA ILE A 487 18.61 -16.38 17.02
C ILE A 487 19.71 -15.38 17.45
N ALA A 488 20.13 -14.53 16.51
CA ALA A 488 21.12 -13.49 16.76
C ALA A 488 20.72 -12.55 17.91
N ASP A 489 19.50 -12.01 17.88
CA ASP A 489 19.01 -11.17 18.98
C ASP A 489 19.01 -11.92 20.31
N GLU A 490 18.62 -13.19 20.26
CA GLU A 490 18.61 -14.02 21.46
C GLU A 490 20.02 -14.19 22.04
N LEU A 491 21.03 -14.15 21.16
CA LEU A 491 22.43 -14.27 21.59
C LEU A 491 23.05 -12.91 21.91
N GLY A 492 22.24 -11.86 21.84
CA GLY A 492 22.72 -10.50 22.05
C GLY A 492 23.52 -9.92 20.89
N LEU A 493 23.48 -10.59 19.73
CA LEU A 493 24.21 -10.11 18.55
C LEU A 493 23.35 -9.12 17.76
N THR A 494 23.21 -7.91 18.32
CA THR A 494 22.21 -6.93 17.91
C THR A 494 22.41 -6.41 16.48
N GLU A 495 23.64 -6.05 16.15
CA GLU A 495 23.97 -5.51 14.83
C GLU A 495 23.82 -6.58 13.76
N GLU A 496 24.24 -7.80 14.07
CA GLU A 496 24.08 -8.93 13.16
C GLU A 496 22.63 -9.22 12.85
N ALA A 497 21.77 -9.13 13.87
CA ALA A 497 20.34 -9.33 13.69
C ALA A 497 19.75 -8.26 12.76
N GLU A 498 20.20 -7.01 12.94
CA GLU A 498 19.80 -5.89 12.08
C GLU A 498 20.14 -6.14 10.62
N THR A 499 21.41 -6.48 10.37
CA THR A 499 21.88 -6.83 9.03
C THR A 499 21.03 -7.97 8.47
N LEU A 500 20.82 -9.01 9.27
CA LEU A 500 20.06 -10.16 8.80
C LEU A 500 18.63 -9.76 8.39
N ARG A 501 17.96 -8.98 9.23
CA ARG A 501 16.64 -8.43 8.89
C ARG A 501 16.63 -7.59 7.60
N GLU A 502 17.67 -6.78 7.40
CA GLU A 502 17.78 -5.98 6.19
C GLU A 502 17.86 -6.89 4.96
N GLN A 503 18.77 -7.87 5.01
CA GLN A 503 18.94 -8.81 3.90
C GLN A 503 17.69 -9.68 3.66
N ALA A 504 16.97 -9.98 4.74
CA ALA A 504 15.73 -10.77 4.65
C ALA A 504 14.60 -10.06 3.93
N SER A 505 14.65 -8.72 3.86
CA SER A 505 13.64 -7.95 3.14
C SER A 505 13.87 -7.92 1.61
N TRP A 506 15.10 -8.24 1.18
CA TRP A 506 15.50 -8.12 -0.23
C TRP A 506 14.70 -8.95 -1.25
N PRO A 507 14.45 -10.26 -0.97
CA PRO A 507 13.72 -11.06 -1.96
C PRO A 507 12.34 -10.53 -2.30
N ILE A 508 11.59 -10.08 -1.30
CA ILE A 508 10.27 -9.48 -1.55
C ILE A 508 10.40 -8.20 -2.39
N GLU A 509 11.32 -7.33 -2.00
CA GLU A 509 11.47 -6.02 -2.63
C GLU A 509 12.02 -6.10 -4.06
N LYS A 510 13.05 -6.93 -4.24
CA LYS A 510 13.80 -6.96 -5.49
C LYS A 510 13.25 -7.94 -6.55
N LEU A 511 12.45 -8.92 -6.14
CA LEU A 511 12.01 -9.97 -7.09
C LEU A 511 10.51 -10.02 -7.35
N THR A 512 9.76 -9.14 -6.69
CA THR A 512 8.34 -9.00 -6.98
C THR A 512 8.21 -8.01 -8.13
N LYS A 513 7.93 -8.54 -9.32
CA LYS A 513 7.84 -7.74 -10.51
C LYS A 513 6.45 -7.14 -10.63
N PRO A 514 6.36 -5.80 -10.64
CA PRO A 514 5.05 -5.13 -10.76
C PRO A 514 4.33 -5.53 -12.03
N GLY A 515 3.03 -5.79 -11.92
CA GLY A 515 2.21 -6.09 -13.09
C GLY A 515 2.56 -7.39 -13.82
N ALA A 516 3.14 -8.35 -13.11
CA ALA A 516 3.42 -9.67 -13.69
C ALA A 516 2.14 -10.41 -14.07
N TRP A 517 1.05 -10.11 -13.36
CA TRP A 517 -0.28 -10.58 -13.71
C TRP A 517 -1.27 -9.40 -13.62
N THR A 518 -2.22 -9.37 -14.56
CA THR A 518 -3.23 -8.31 -14.60
C THR A 518 -4.60 -8.90 -14.29
N ALA A 519 -5.28 -8.30 -13.33
CA ALA A 519 -6.61 -8.76 -12.92
C ALA A 519 -7.67 -8.44 -13.98
N ALA A 520 -8.88 -8.98 -13.77
CA ALA A 520 -10.00 -8.78 -14.69
C ALA A 520 -10.39 -7.30 -14.83
N ASP A 521 -10.24 -6.54 -13.75
CA ASP A 521 -10.60 -5.12 -13.72
C ASP A 521 -9.41 -4.20 -14.08
N GLY A 522 -8.27 -4.78 -14.46
CA GLY A 522 -7.09 -4.01 -14.82
C GLY A 522 -6.04 -3.87 -13.73
N THR A 523 -6.42 -4.19 -12.49
CA THR A 523 -5.50 -4.12 -11.35
C THR A 523 -4.19 -4.87 -11.62
N GLN A 524 -3.08 -4.19 -11.38
CA GLN A 524 -1.75 -4.71 -11.64
C GLN A 524 -1.18 -5.44 -10.43
N VAL A 525 -0.87 -6.71 -10.60
CA VAL A 525 -0.48 -7.58 -9.49
C VAL A 525 0.97 -8.01 -9.64
N GLY A 526 1.79 -7.67 -8.66
CA GLY A 526 3.20 -8.05 -8.64
C GLY A 526 3.40 -9.50 -8.24
N LEU A 527 4.34 -10.17 -8.89
CA LEU A 527 4.64 -11.58 -8.60
C LEU A 527 6.12 -11.91 -8.66
N LEU A 528 6.52 -12.84 -7.80
CA LEU A 528 7.88 -13.41 -7.85
C LEU A 528 8.24 -13.78 -9.28
N THR A 529 9.38 -13.25 -9.73
CA THR A 529 9.84 -13.42 -11.11
C THR A 529 11.38 -13.49 -11.14
N PRO A 530 11.96 -14.42 -11.93
CA PRO A 530 13.40 -14.44 -12.07
C PRO A 530 13.90 -13.11 -12.65
N ARG A 531 15.04 -12.65 -12.14
CA ARG A 531 15.64 -11.38 -12.55
C ARG A 531 17.13 -11.60 -12.86
N ALA A 532 17.58 -10.99 -13.96
CA ALA A 532 18.96 -11.11 -14.42
C ALA A 532 19.91 -10.26 -13.57
N ALA A 533 21.21 -10.49 -13.74
CA ALA A 533 22.23 -9.76 -12.99
C ALA A 533 22.13 -8.24 -13.18
N ASP A 534 21.79 -7.82 -14.39
CA ASP A 534 21.72 -6.39 -14.73
C ASP A 534 20.41 -5.73 -14.31
N GLY A 535 19.50 -6.53 -13.76
CA GLY A 535 18.24 -5.99 -13.24
C GLY A 535 17.03 -6.17 -14.15
N SER A 536 17.26 -6.59 -15.39
CA SER A 536 16.15 -6.84 -16.30
C SER A 536 15.43 -8.11 -15.88
N TRP A 537 14.10 -8.10 -16.01
CA TRP A 537 13.27 -9.24 -15.62
C TRP A 537 13.38 -10.34 -16.67
N GLN A 538 13.44 -11.58 -16.21
CA GLN A 538 13.49 -12.71 -17.15
C GLN A 538 12.10 -13.27 -17.41
N SER A 539 11.90 -13.70 -18.64
CA SER A 539 10.64 -14.25 -19.08
C SER A 539 10.36 -15.58 -18.38
N ALA A 540 9.17 -15.72 -17.81
CA ALA A 540 8.74 -16.99 -17.20
C ALA A 540 7.21 -17.13 -17.21
N ASP A 541 6.74 -18.36 -17.35
CA ASP A 541 5.34 -18.73 -17.11
C ASP A 541 5.20 -18.99 -15.60
N HIS A 542 4.42 -18.16 -14.94
CA HIS A 542 4.31 -18.19 -13.48
C HIS A 542 3.56 -19.41 -12.93
N ALA A 543 2.90 -20.15 -13.81
CA ALA A 543 2.12 -21.33 -13.43
C ALA A 543 2.79 -22.63 -13.88
N LYS A 544 3.99 -22.54 -14.44
CA LYS A 544 4.69 -23.73 -14.92
C LYS A 544 5.55 -24.36 -13.83
N PHE A 545 5.32 -25.65 -13.60
CA PHE A 545 6.09 -26.43 -12.63
C PHE A 545 7.58 -26.40 -12.95
N GLU A 546 8.37 -25.95 -11.97
CA GLU A 546 9.82 -25.93 -12.08
C GLU A 546 10.41 -25.02 -13.17
N ALA A 547 9.67 -23.98 -13.56
CA ALA A 547 10.22 -22.89 -14.34
C ALA A 547 11.24 -22.13 -13.47
N ALA A 548 12.09 -21.33 -14.12
CA ALA A 548 12.95 -20.36 -13.43
C ALA A 548 13.85 -20.94 -12.32
N GLY A 549 14.33 -22.16 -12.53
CA GLY A 549 15.25 -22.81 -11.58
C GLY A 549 14.61 -23.35 -10.30
N LEU A 550 13.29 -23.26 -10.21
CA LEU A 550 12.55 -23.64 -9.00
C LEU A 550 12.51 -25.15 -8.76
N TYR A 551 12.56 -25.54 -7.49
CA TYR A 551 12.45 -26.94 -7.12
C TYR A 551 11.05 -27.28 -6.65
N GLN A 552 10.40 -28.21 -7.36
CA GLN A 552 9.11 -28.78 -6.97
C GLN A 552 7.98 -27.76 -6.80
N GLY A 553 7.97 -26.72 -7.65
CA GLY A 553 6.90 -25.73 -7.63
C GLY A 553 6.94 -24.66 -8.71
N THR A 554 5.95 -23.77 -8.66
CA THR A 554 5.79 -22.69 -9.63
C THR A 554 6.07 -21.36 -8.97
N LEU A 555 6.17 -20.31 -9.78
CA LEU A 555 6.34 -18.95 -9.25
C LEU A 555 5.15 -18.45 -8.40
N TRP A 556 3.92 -18.74 -8.85
CA TRP A 556 2.70 -18.42 -8.06
C TRP A 556 2.75 -19.05 -6.67
N GLN A 557 3.32 -20.24 -6.59
CA GLN A 557 3.42 -21.00 -5.34
C GLN A 557 4.56 -20.49 -4.45
N TYR A 558 5.76 -20.32 -5.03
CA TYR A 558 6.91 -19.74 -4.33
C TYR A 558 6.76 -18.26 -4.02
N HIS A 559 5.81 -17.58 -4.67
CA HIS A 559 5.60 -16.15 -4.47
C HIS A 559 5.34 -15.81 -3.00
N TRP A 560 4.62 -16.68 -2.30
CA TRP A 560 4.22 -16.47 -0.91
C TRP A 560 5.25 -16.98 0.10
N TYR A 561 6.40 -17.44 -0.40
CA TYR A 561 7.34 -18.15 0.46
C TYR A 561 7.77 -17.36 1.70
N ASP A 562 8.01 -16.06 1.54
CA ASP A 562 8.53 -15.26 2.65
C ASP A 562 7.44 -14.84 3.62
N ALA A 563 6.91 -15.85 4.31
CA ALA A 563 5.73 -15.74 5.15
C ALA A 563 5.96 -14.95 6.46
N TYR A 564 7.20 -14.51 6.67
CA TYR A 564 7.56 -13.67 7.82
C TYR A 564 7.31 -12.18 7.57
N ASP A 565 6.85 -11.83 6.37
CA ASP A 565 6.56 -10.44 6.01
C ASP A 565 5.49 -10.32 4.93
N MET A 566 4.28 -10.72 5.28
CA MET A 566 3.13 -10.61 4.38
C MET A 566 2.83 -9.15 4.08
N ASP A 567 3.08 -8.30 5.07
CA ASP A 567 2.85 -6.86 4.91
C ASP A 567 3.70 -6.27 3.77
N ALA A 568 5.00 -6.55 3.79
CA ALA A 568 5.88 -6.09 2.73
C ALA A 568 5.52 -6.74 1.39
N LEU A 569 5.11 -8.01 1.46
CA LEU A 569 4.75 -8.74 0.25
C LEU A 569 3.50 -8.12 -0.39
N VAL A 570 2.48 -7.84 0.43
CA VAL A 570 1.26 -7.17 -0.03
C VAL A 570 1.61 -5.84 -0.74
N GLU A 571 2.48 -5.05 -0.12
CA GLU A 571 2.93 -3.78 -0.70
C GLU A 571 3.71 -3.95 -2.01
N ALA A 572 4.64 -4.91 -2.03
CA ALA A 572 5.40 -5.22 -3.26
C ALA A 572 4.49 -5.71 -4.40
N MET A 573 3.40 -6.40 -4.03
CA MET A 573 2.42 -6.91 -4.99
C MET A 573 1.59 -5.81 -5.67
N GLY A 574 1.60 -4.61 -5.10
CA GLY A 574 0.83 -3.49 -5.62
C GLY A 574 -0.31 -3.03 -4.73
N GLY A 575 -0.29 -3.44 -3.45
CA GLY A 575 -1.28 -2.99 -2.47
C GLY A 575 -2.31 -4.04 -2.09
N HIS A 576 -3.19 -3.67 -1.16
CA HIS A 576 -4.19 -4.59 -0.60
C HIS A 576 -5.11 -5.21 -1.67
N GLU A 577 -5.66 -4.36 -2.54
CA GLU A 577 -6.57 -4.85 -3.58
C GLU A 577 -5.88 -5.81 -4.55
N ALA A 578 -4.63 -5.51 -4.90
CA ALA A 578 -3.84 -6.40 -5.77
C ALA A 578 -3.64 -7.77 -5.12
N ALA A 579 -3.31 -7.76 -3.82
CA ALA A 579 -3.13 -9.00 -3.06
C ALA A 579 -4.44 -9.79 -2.98
N ARG A 580 -5.54 -9.09 -2.70
CA ARG A 580 -6.85 -9.70 -2.56
C ARG A 580 -7.24 -10.41 -3.86
N LEU A 581 -7.03 -9.73 -4.99
CA LEU A 581 -7.35 -10.29 -6.30
C LEU A 581 -6.40 -11.41 -6.73
N GLY A 582 -5.12 -11.27 -6.39
CA GLY A 582 -4.13 -12.31 -6.60
C GLY A 582 -4.45 -13.60 -5.85
N MET A 583 -4.84 -13.47 -4.58
CA MET A 583 -5.22 -14.63 -3.77
C MET A 583 -6.44 -15.36 -4.33
N ARG A 584 -7.45 -14.61 -4.78
CA ARG A 584 -8.63 -15.20 -5.42
C ARG A 584 -8.27 -15.93 -6.73
N HIS A 585 -7.37 -15.34 -7.52
CA HIS A 585 -6.88 -15.98 -8.73
C HIS A 585 -6.08 -17.26 -8.43
N MET A 586 -5.27 -17.21 -7.36
CA MET A 586 -4.50 -18.35 -6.82
C MET A 586 -5.36 -19.61 -6.65
N PHE A 587 -6.60 -19.42 -6.23
CA PHE A 587 -7.51 -20.52 -5.97
C PHE A 587 -8.66 -20.65 -6.98
N GLY A 588 -8.50 -20.02 -8.15
CA GLY A 588 -9.47 -20.08 -9.25
C GLY A 588 -10.90 -19.70 -8.89
N GLU A 589 -11.05 -18.66 -8.06
CA GLU A 589 -12.37 -18.26 -7.56
C GLU A 589 -13.29 -17.74 -8.65
N HIS A 590 -12.69 -17.24 -9.73
CA HIS A 590 -13.41 -16.71 -10.90
C HIS A 590 -13.92 -17.83 -11.82
N ALA A 591 -13.35 -19.02 -11.67
CA ALA A 591 -13.74 -20.18 -12.47
C ALA A 591 -13.71 -21.45 -11.61
N PRO A 592 -14.69 -21.58 -10.68
CA PRO A 592 -14.67 -22.66 -9.68
C PRO A 592 -14.78 -24.11 -10.25
N ASP A 593 -15.23 -24.24 -11.50
CA ASP A 593 -15.39 -25.58 -12.09
C ASP A 593 -14.29 -25.90 -13.11
N ASP A 594 -13.28 -25.03 -13.19
CA ASP A 594 -12.14 -25.24 -14.07
C ASP A 594 -10.92 -25.63 -13.24
N GLY A 595 -10.54 -26.90 -13.32
CA GLY A 595 -9.35 -27.41 -12.65
C GLY A 595 -8.04 -26.73 -13.04
N LYS A 596 -7.97 -26.22 -14.27
CA LYS A 596 -6.76 -25.56 -14.77
C LYS A 596 -6.53 -24.18 -14.09
N ALA A 597 -7.59 -23.65 -13.49
CA ALA A 597 -7.53 -22.37 -12.76
C ALA A 597 -6.97 -22.50 -11.32
N MET A 598 -6.70 -23.73 -10.88
CA MET A 598 -6.17 -23.96 -9.55
C MET A 598 -4.65 -23.80 -9.55
N LEU A 599 -4.16 -22.68 -9.01
CA LEU A 599 -2.72 -22.39 -9.06
C LEU A 599 -1.99 -22.83 -7.79
N HIS A 600 -2.77 -23.06 -6.73
CA HIS A 600 -2.27 -23.66 -5.51
C HIS A 600 -2.04 -25.16 -5.70
N SER A 601 -0.98 -25.69 -5.11
CA SER A 601 -0.77 -27.14 -5.06
C SER A 601 -1.07 -27.70 -3.67
N ASN A 602 -1.81 -28.81 -3.63
CA ASN A 602 -2.05 -29.53 -2.38
C ASN A 602 -1.04 -30.67 -2.15
N ALA A 603 -0.28 -31.01 -3.19
CA ALA A 603 0.55 -32.21 -3.21
C ALA A 603 1.94 -32.03 -2.59
N ASN A 604 2.32 -30.78 -2.40
CA ASN A 604 3.66 -30.45 -1.90
C ASN A 604 3.62 -29.36 -0.82
N GLU A 605 4.74 -29.20 -0.11
CA GLU A 605 4.82 -28.30 1.04
C GLU A 605 5.17 -26.84 0.71
N ILE A 606 5.45 -26.55 -0.56
CA ILE A 606 5.91 -25.22 -0.95
C ILE A 606 4.94 -24.10 -0.56
N ASP A 607 3.66 -24.28 -0.90
CA ASP A 607 2.65 -23.28 -0.57
C ASP A 607 1.58 -23.83 0.37
N LEU A 608 2.01 -24.62 1.35
CA LEU A 608 1.14 -25.18 2.38
C LEU A 608 0.28 -24.12 3.09
N GLN A 609 0.83 -22.92 3.22
CA GLN A 609 0.20 -21.84 3.98
C GLN A 609 -0.86 -21.09 3.18
N ALA A 610 -0.84 -21.25 1.86
CA ALA A 610 -1.67 -20.44 0.94
C ALA A 610 -3.17 -20.39 1.25
N PRO A 611 -3.79 -21.54 1.59
CA PRO A 611 -5.22 -21.49 1.92
C PRO A 611 -5.55 -20.53 3.07
N TYR A 612 -4.58 -20.28 3.96
CA TYR A 612 -4.79 -19.42 5.12
C TYR A 612 -4.42 -17.95 4.88
N LEU A 613 -4.04 -17.60 3.65
CA LEU A 613 -3.62 -16.23 3.37
C LEU A 613 -4.78 -15.28 3.09
N PHE A 614 -5.97 -15.83 2.88
CA PHE A 614 -7.17 -15.01 2.72
C PHE A 614 -7.48 -14.19 3.97
N ASN A 615 -7.04 -14.68 5.13
CA ASN A 615 -7.15 -13.92 6.38
C ASN A 615 -6.44 -12.57 6.30
N TYR A 616 -5.35 -12.53 5.52
CA TYR A 616 -4.50 -11.34 5.37
C TYR A 616 -5.03 -10.36 4.31
N THR A 617 -5.93 -10.83 3.45
CA THR A 617 -6.48 -10.00 2.38
C THR A 617 -7.92 -9.57 2.67
N GLY A 618 -8.35 -9.73 3.93
CA GLY A 618 -9.66 -9.26 4.38
C GLY A 618 -10.80 -10.21 4.10
N GLU A 619 -10.48 -11.45 3.75
CA GLU A 619 -11.52 -12.44 3.38
C GLU A 619 -11.40 -13.76 4.16
N PRO A 620 -11.49 -13.69 5.50
CA PRO A 620 -11.32 -14.90 6.32
C PRO A 620 -12.23 -16.05 5.93
N SER A 621 -13.46 -15.74 5.49
CA SER A 621 -14.43 -16.76 5.06
C SER A 621 -13.88 -17.68 3.95
N LEU A 622 -13.02 -17.15 3.08
CA LEU A 622 -12.42 -17.98 2.02
C LEU A 622 -11.34 -18.92 2.56
N THR A 623 -10.64 -18.47 3.61
CA THR A 623 -9.70 -19.33 4.33
C THR A 623 -10.46 -20.51 4.95
N GLN A 624 -11.59 -20.20 5.58
CA GLN A 624 -12.45 -21.21 6.20
C GLN A 624 -12.95 -22.23 5.18
N LYS A 625 -13.46 -21.74 4.05
CA LYS A 625 -13.90 -22.62 2.95
C LYS A 625 -12.79 -23.57 2.51
N TRP A 626 -11.61 -23.02 2.25
CA TRP A 626 -10.52 -23.79 1.66
C TRP A 626 -9.88 -24.77 2.61
N ALA A 627 -9.77 -24.37 3.89
CA ALA A 627 -9.27 -25.27 4.94
C ALA A 627 -10.16 -26.49 5.05
N ARG A 628 -11.46 -26.27 5.14
CA ARG A 628 -12.41 -27.39 5.24
C ARG A 628 -12.44 -28.22 3.94
N ALA A 629 -12.40 -27.56 2.79
CA ALA A 629 -12.47 -28.27 1.50
C ALA A 629 -11.26 -29.16 1.24
N ILE A 630 -10.07 -28.59 1.36
CA ILE A 630 -8.84 -29.31 1.03
C ILE A 630 -8.70 -30.54 1.91
N TYR A 631 -8.99 -30.39 3.20
CA TYR A 631 -8.74 -31.44 4.16
C TYR A 631 -9.88 -32.45 4.35
N THR A 632 -11.12 -32.08 3.99
CA THR A 632 -12.28 -32.95 4.25
C THR A 632 -13.26 -33.12 3.08
N LYS A 633 -12.99 -32.49 1.94
CA LYS A 633 -13.88 -32.61 0.79
C LYS A 633 -13.07 -32.88 -0.47
N GLU A 634 -13.75 -32.96 -1.60
CA GLU A 634 -13.08 -33.06 -2.89
C GLU A 634 -12.69 -31.65 -3.34
N THR A 635 -11.51 -31.53 -3.95
CA THR A 635 -11.07 -30.27 -4.53
C THR A 635 -10.49 -30.51 -5.90
N TRP A 636 -10.40 -29.43 -6.68
CA TRP A 636 -9.69 -29.44 -7.94
C TRP A 636 -8.20 -29.48 -7.69
N ASN A 637 -7.55 -30.44 -8.34
CA ASN A 637 -6.11 -30.58 -8.27
C ASN A 637 -5.45 -30.52 -9.63
N ARG A 638 -4.60 -29.50 -9.81
CA ARG A 638 -3.86 -29.29 -11.04
C ARG A 638 -2.45 -29.86 -10.96
N TYR A 639 -1.83 -29.76 -9.77
CA TYR A 639 -0.42 -30.11 -9.60
C TYR A 639 -0.17 -31.39 -8.79
N ILE A 640 0.79 -32.17 -9.28
CA ILE A 640 1.43 -33.22 -8.50
C ILE A 640 2.74 -32.68 -7.94
N ALA A 641 3.47 -33.50 -7.18
CA ALA A 641 4.67 -33.05 -6.48
C ALA A 641 5.97 -33.28 -7.26
N THR A 642 5.86 -33.78 -8.49
CA THR A 642 7.01 -34.11 -9.33
C THR A 642 6.59 -34.03 -10.81
N GLY A 643 7.53 -34.14 -11.73
CA GLY A 643 7.25 -34.01 -13.17
C GLY A 643 6.10 -34.87 -13.69
N SER A 644 6.15 -36.17 -13.42
CA SER A 644 5.14 -37.09 -13.90
C SER A 644 5.02 -38.28 -12.96
N SER A 645 3.89 -38.97 -13.04
CA SER A 645 3.63 -40.15 -12.23
C SER A 645 2.95 -41.19 -13.07
N SER A 646 3.38 -42.44 -12.94
CA SER A 646 2.73 -43.56 -13.62
C SER A 646 1.41 -43.91 -12.93
N ALA A 647 1.24 -43.42 -11.70
CA ALA A 647 0.04 -43.66 -10.90
C ALA A 647 -1.23 -42.94 -11.39
N VAL A 648 -1.05 -41.87 -12.16
CA VAL A 648 -2.17 -41.05 -12.65
C VAL A 648 -1.76 -40.34 -13.94
N PRO A 649 -2.69 -40.15 -14.89
CA PRO A 649 -2.31 -39.40 -16.10
C PRO A 649 -1.80 -38.00 -15.75
N SER A 650 -0.54 -37.75 -16.10
CA SER A 650 0.21 -36.60 -15.61
C SER A 650 1.41 -36.26 -16.51
N GLY A 651 1.91 -35.03 -16.35
CA GLY A 651 3.07 -34.57 -17.10
C GLY A 651 3.31 -33.11 -16.81
N GLY A 652 4.56 -32.67 -16.98
CA GLY A 652 4.94 -31.28 -16.74
C GLY A 652 4.60 -30.82 -15.34
N GLY A 653 4.49 -31.77 -14.40
CA GLY A 653 4.19 -31.46 -13.00
C GLY A 653 2.71 -31.32 -12.69
N GLU A 654 1.86 -31.75 -13.63
CA GLU A 654 0.41 -31.56 -13.47
C GLU A 654 -0.38 -32.85 -13.67
N PHE A 655 -1.55 -32.91 -13.04
CA PHE A 655 -2.57 -33.87 -13.42
C PHE A 655 -3.03 -33.48 -14.83
N THR A 656 -3.00 -34.41 -15.78
CA THR A 656 -3.42 -34.12 -17.16
C THR A 656 -4.51 -35.09 -17.60
N PRO A 657 -5.80 -34.72 -17.42
CA PRO A 657 -6.35 -33.43 -16.99
C PRO A 657 -6.35 -33.22 -15.46
N PRO A 658 -6.56 -31.96 -15.01
CA PRO A 658 -6.79 -31.72 -13.59
C PRO A 658 -7.89 -32.64 -13.04
N LEU A 659 -7.77 -33.02 -11.77
CA LEU A 659 -8.63 -34.04 -11.19
C LEU A 659 -9.36 -33.51 -9.96
N LYS A 660 -10.67 -33.72 -9.92
CA LYS A 660 -11.45 -33.39 -8.73
C LYS A 660 -11.51 -34.59 -7.81
N THR A 661 -10.95 -34.44 -6.63
CA THR A 661 -10.70 -35.57 -5.76
C THR A 661 -10.38 -35.10 -4.35
N LYS A 662 -10.55 -36.01 -3.39
CA LYS A 662 -10.13 -35.77 -2.01
C LYS A 662 -8.60 -35.83 -1.92
N VAL A 663 -8.02 -34.84 -1.25
CA VAL A 663 -6.58 -34.79 -1.03
C VAL A 663 -6.15 -35.81 0.04
N TYR A 664 -6.96 -35.90 1.10
CA TYR A 664 -6.77 -36.86 2.17
C TYR A 664 -7.90 -37.90 2.18
N ARG A 665 -7.53 -39.18 2.16
CA ARG A 665 -8.49 -40.30 2.21
C ARG A 665 -8.17 -41.27 3.37
N LEU A 666 -9.21 -41.83 3.98
CA LEU A 666 -9.04 -42.93 4.93
C LEU A 666 -8.99 -44.22 4.11
N ASP A 667 -7.83 -44.47 3.51
CA ASP A 667 -7.65 -45.52 2.54
C ASP A 667 -6.15 -45.80 2.44
N PRO A 668 -5.76 -47.02 2.04
CA PRO A 668 -4.34 -47.23 1.72
C PRO A 668 -3.77 -46.23 0.70
N ARG A 669 -4.59 -45.85 -0.30
CA ARG A 669 -4.26 -44.68 -1.13
C ARG A 669 -4.62 -43.42 -0.34
N GLY A 670 -3.73 -43.01 0.54
CA GLY A 670 -4.06 -42.04 1.60
C GLY A 670 -3.98 -40.59 1.20
N MET A 671 -2.96 -40.26 0.42
CA MET A 671 -2.77 -38.91 -0.10
C MET A 671 -2.93 -38.95 -1.61
N LEU A 672 -2.80 -37.78 -2.23
CA LEU A 672 -2.70 -37.67 -3.69
C LEU A 672 -1.51 -38.51 -4.18
N PRO A 673 -1.58 -39.00 -5.42
CA PRO A 673 -0.39 -39.65 -5.97
C PRO A 673 0.77 -38.64 -6.00
N THR A 674 1.97 -39.12 -5.66
CA THR A 674 3.20 -38.31 -5.52
C THR A 674 3.26 -37.49 -4.22
N MET A 675 2.15 -37.39 -3.51
CA MET A 675 2.10 -36.57 -2.30
C MET A 675 2.73 -37.28 -1.10
N ASP A 676 4.05 -37.19 -0.98
CA ASP A 676 4.75 -37.82 0.13
C ASP A 676 4.38 -37.11 1.42
N ASN A 677 4.27 -37.87 2.51
CA ASN A 677 3.93 -37.30 3.80
C ASN A 677 5.11 -36.44 4.32
N ASP A 678 6.33 -36.87 4.02
CA ASP A 678 7.57 -36.17 4.37
C ASP A 678 7.74 -36.04 5.88
N ALA A 679 8.13 -37.14 6.53
CA ALA A 679 8.38 -37.14 7.97
C ALA A 679 7.14 -36.65 8.77
N GLY A 680 5.96 -37.00 8.29
CA GLY A 680 4.71 -36.68 8.96
C GLY A 680 4.17 -35.27 8.76
N THR A 681 4.74 -34.53 7.81
CA THR A 681 4.33 -33.13 7.56
C THR A 681 2.88 -33.02 7.11
N MET A 682 2.50 -33.75 6.08
CA MET A 682 1.13 -33.66 5.59
C MET A 682 0.13 -34.08 6.67
N SER A 683 0.48 -35.11 7.43
CA SER A 683 -0.33 -35.55 8.58
C SER A 683 -0.47 -34.45 9.63
N THR A 684 0.65 -33.77 9.91
CA THR A 684 0.68 -32.70 10.91
C THR A 684 -0.19 -31.51 10.48
N MET A 685 -0.17 -31.19 9.19
CA MET A 685 -1.02 -30.11 8.66
C MET A 685 -2.50 -30.48 8.73
N PHE A 686 -2.82 -31.77 8.60
CA PHE A 686 -4.20 -32.21 8.76
C PHE A 686 -4.67 -31.97 10.20
N VAL A 687 -3.82 -32.35 11.16
CA VAL A 687 -4.12 -32.11 12.56
C VAL A 687 -4.31 -30.61 12.83
N ALA A 688 -3.40 -29.79 12.31
CA ALA A 688 -3.48 -28.34 12.48
C ALA A 688 -4.77 -27.77 11.87
N ALA A 689 -5.12 -28.22 10.66
CA ALA A 689 -6.40 -27.83 10.04
C ALA A 689 -7.64 -28.19 10.88
N ALA A 690 -7.62 -29.40 11.46
CA ALA A 690 -8.71 -29.90 12.31
C ALA A 690 -8.86 -29.08 13.58
N VAL A 691 -7.73 -28.78 14.22
CA VAL A 691 -7.72 -27.92 15.40
C VAL A 691 -8.15 -26.51 15.01
N GLY A 692 -7.76 -26.10 13.80
CA GLY A 692 -8.15 -24.80 13.25
C GLY A 692 -7.11 -23.72 13.47
N LEU A 693 -5.91 -24.12 13.84
CA LEU A 693 -4.81 -23.19 14.10
C LEU A 693 -3.59 -23.57 13.25
N PHE A 694 -3.24 -22.71 12.30
CA PHE A 694 -2.19 -23.03 11.33
C PHE A 694 -0.99 -22.07 11.39
N PRO A 695 0.23 -22.61 11.34
CA PRO A 695 1.41 -21.75 11.39
C PRO A 695 1.84 -21.19 10.01
N VAL A 696 1.17 -20.13 9.57
CA VAL A 696 1.62 -19.42 8.36
C VAL A 696 3.07 -18.98 8.55
N THR A 697 3.34 -18.30 9.67
CA THR A 697 4.70 -17.85 9.98
C THR A 697 5.37 -18.75 11.02
N ALA A 698 6.02 -19.80 10.52
CA ALA A 698 6.96 -20.58 11.31
C ALA A 698 8.08 -19.60 11.66
N GLY A 699 8.61 -19.72 12.87
CA GLY A 699 9.60 -18.76 13.36
C GLY A 699 8.96 -17.54 14.02
N SER A 700 7.64 -17.58 14.21
CA SER A 700 6.91 -16.59 15.01
C SER A 700 6.11 -17.31 16.08
N SER A 701 5.43 -16.56 16.94
CA SER A 701 4.61 -17.17 17.99
C SER A 701 3.14 -17.28 17.61
N GLN A 702 2.82 -17.02 16.34
CA GLN A 702 1.43 -16.89 15.90
C GLN A 702 0.86 -18.06 15.09
N PHE A 703 -0.45 -18.22 15.16
CA PHE A 703 -1.18 -19.19 14.34
C PHE A 703 -2.38 -18.52 13.74
N GLN A 704 -2.69 -18.87 12.49
CA GLN A 704 -3.84 -18.34 11.79
C GLN A 704 -5.08 -19.23 12.00
N VAL A 705 -6.25 -18.59 12.11
CA VAL A 705 -7.50 -19.29 12.34
C VAL A 705 -8.06 -19.86 11.05
N GLY A 706 -8.40 -21.14 11.07
CA GLY A 706 -9.01 -21.81 9.91
C GLY A 706 -10.47 -22.15 10.13
N SER A 707 -10.82 -23.41 9.88
CA SER A 707 -12.17 -23.92 10.08
C SER A 707 -12.13 -25.20 10.94
N PRO A 708 -12.20 -25.05 12.28
CA PRO A 708 -12.11 -26.23 13.15
C PRO A 708 -13.16 -27.27 12.78
N PHE A 709 -12.76 -28.55 12.70
CA PHE A 709 -13.62 -29.62 12.18
C PHE A 709 -14.67 -30.08 13.19
N PHE A 710 -14.34 -30.00 14.47
CA PHE A 710 -15.11 -30.73 15.49
C PHE A 710 -15.84 -29.84 16.48
N ASP A 711 -16.96 -30.37 17.00
CA ASP A 711 -17.74 -29.67 18.00
C ASP A 711 -16.87 -29.21 19.16
N SER A 712 -15.98 -30.10 19.62
CA SER A 712 -15.05 -29.77 20.69
C SER A 712 -13.72 -30.50 20.47
N THR A 713 -12.63 -29.76 20.62
CA THR A 713 -11.28 -30.32 20.59
C THR A 713 -10.53 -29.80 21.81
N THR A 714 -10.07 -30.71 22.65
CA THR A 714 -9.36 -30.35 23.88
C THR A 714 -7.93 -30.86 23.86
N ILE A 715 -6.98 -29.95 24.04
CA ILE A 715 -5.58 -30.33 24.18
C ILE A 715 -5.20 -30.21 25.65
N THR A 716 -4.93 -31.36 26.27
CA THR A 716 -4.54 -31.41 27.67
C THR A 716 -3.02 -31.42 27.77
N TYR A 717 -2.47 -30.53 28.59
CA TYR A 717 -1.02 -30.43 28.81
C TYR A 717 -0.58 -31.22 30.04
N ASP A 718 0.74 -31.36 30.22
CA ASP A 718 1.31 -32.21 31.26
C ASP A 718 0.90 -31.84 32.69
N ASP A 719 0.63 -30.55 32.92
CA ASP A 719 0.26 -30.07 34.25
C ASP A 719 -1.24 -30.15 34.53
N GLY A 720 -2.00 -30.70 33.59
CA GLY A 720 -3.44 -30.90 33.78
C GLY A 720 -4.31 -29.78 33.24
N SER A 721 -3.70 -28.65 32.90
CA SER A 721 -4.41 -27.59 32.19
C SER A 721 -4.74 -28.02 30.75
N ALA A 722 -5.60 -27.26 30.08
CA ALA A 722 -6.14 -27.66 28.78
C ALA A 722 -6.54 -26.49 27.88
N PHE A 723 -6.20 -26.59 26.60
CA PHE A 723 -6.71 -25.67 25.58
C PHE A 723 -7.97 -26.28 24.97
N THR A 724 -9.02 -25.48 24.87
CA THR A 724 -10.28 -25.97 24.32
C THR A 724 -10.79 -25.08 23.21
N VAL A 725 -10.90 -25.65 22.02
CA VAL A 725 -11.51 -24.96 20.91
C VAL A 725 -12.83 -25.64 20.56
N THR A 726 -13.91 -24.87 20.59
CA THR A 726 -15.24 -25.38 20.28
C THR A 726 -15.76 -24.74 19.00
N ALA A 727 -16.59 -25.50 18.27
CA ALA A 727 -17.16 -25.00 17.04
C ALA A 727 -18.65 -25.34 17.07
N ASP A 728 -19.40 -24.47 17.72
CA ASP A 728 -20.82 -24.70 17.96
C ASP A 728 -21.63 -24.74 16.65
N GLY A 729 -22.35 -25.83 16.45
CA GLY A 729 -23.14 -26.05 15.23
C GLY A 729 -22.34 -26.43 13.99
N VAL A 730 -21.07 -26.81 14.17
CA VAL A 730 -20.24 -27.24 13.04
C VAL A 730 -20.84 -28.45 12.32
N SER A 731 -20.77 -28.44 10.99
CA SER A 731 -21.23 -29.58 10.20
C SER A 731 -20.45 -29.63 8.90
N GLU A 732 -20.75 -30.60 8.05
CA GLU A 732 -20.12 -30.69 6.74
C GLU A 732 -20.46 -29.46 5.90
N ASP A 733 -21.60 -28.83 6.20
CA ASP A 733 -22.05 -27.65 5.49
C ASP A 733 -21.73 -26.35 6.26
N ALA A 734 -21.78 -26.43 7.59
CA ALA A 734 -21.52 -25.27 8.44
C ALA A 734 -20.04 -25.19 8.82
N PHE A 735 -19.22 -24.73 7.89
CA PHE A 735 -17.77 -24.62 8.09
C PHE A 735 -17.27 -23.17 8.15
N TYR A 736 -18.21 -22.21 8.09
CA TYR A 736 -17.90 -20.79 8.17
C TYR A 736 -18.06 -20.26 9.58
N VAL A 737 -17.10 -19.45 10.04
CA VAL A 737 -17.19 -18.82 11.37
C VAL A 737 -18.17 -17.65 11.28
N GLN A 738 -19.12 -17.59 12.21
CA GLN A 738 -20.07 -16.46 12.29
C GLN A 738 -19.65 -15.44 13.33
N SER A 739 -19.18 -15.94 14.48
CA SER A 739 -18.65 -15.10 15.54
C SER A 739 -17.76 -15.96 16.42
N ALA A 740 -17.05 -15.31 17.35
CA ALA A 740 -16.13 -16.00 18.24
C ALA A 740 -15.98 -15.29 19.57
N THR A 741 -15.66 -16.06 20.61
CA THR A 741 -15.23 -15.51 21.88
C THR A 741 -13.94 -16.18 22.31
N LEU A 742 -13.16 -15.45 23.11
CA LEU A 742 -11.94 -15.95 23.72
C LEU A 742 -12.01 -15.74 25.22
N ASP A 743 -12.00 -16.84 25.98
CA ASP A 743 -12.20 -16.80 27.43
C ASP A 743 -13.43 -15.97 27.78
N GLY A 744 -14.52 -16.18 27.06
CA GLY A 744 -15.79 -15.53 27.34
C GLY A 744 -16.03 -14.19 26.68
N ALA A 745 -14.98 -13.54 26.17
CA ALA A 745 -15.08 -12.20 25.60
C ALA A 745 -15.07 -12.20 24.07
N THR A 746 -15.78 -11.24 23.48
CA THR A 746 -15.85 -11.07 22.03
C THR A 746 -14.44 -11.10 21.42
N PHE A 747 -14.26 -11.94 20.40
CA PHE A 747 -12.96 -12.13 19.77
C PHE A 747 -13.10 -11.91 18.27
N GLY A 748 -12.29 -11.03 17.72
CA GLY A 748 -12.38 -10.67 16.30
C GLY A 748 -11.11 -10.74 15.49
N ASN A 749 -10.06 -11.36 16.04
CA ASN A 749 -8.81 -11.53 15.31
C ASN A 749 -8.79 -12.86 14.59
N THR A 750 -8.11 -12.92 13.45
CA THR A 750 -8.00 -14.18 12.70
C THR A 750 -6.68 -14.92 13.00
N TRP A 751 -6.04 -14.53 14.08
CA TRP A 751 -4.81 -15.18 14.55
C TRP A 751 -4.80 -15.20 16.06
N VAL A 752 -4.11 -16.18 16.64
CA VAL A 752 -3.93 -16.23 18.09
C VAL A 752 -2.48 -16.51 18.44
N ASP A 753 -2.04 -15.95 19.56
CA ASP A 753 -0.69 -16.21 20.03
C ASP A 753 -0.55 -17.59 20.68
N TYR A 754 0.64 -18.18 20.49
CA TYR A 754 1.05 -19.41 21.15
C TYR A 754 0.78 -19.39 22.65
N ALA A 755 1.12 -18.29 23.32
CA ALA A 755 0.92 -18.18 24.78
C ALA A 755 -0.55 -18.40 25.17
N THR A 756 -1.46 -17.86 24.37
CA THR A 756 -2.90 -18.01 24.60
C THR A 756 -3.29 -19.50 24.56
N VAL A 757 -2.72 -20.24 23.62
CA VAL A 757 -3.10 -21.63 23.41
C VAL A 757 -2.61 -22.50 24.58
N VAL A 758 -1.30 -22.43 24.86
CA VAL A 758 -0.72 -23.26 25.91
C VAL A 758 -1.05 -22.74 27.31
N GLY A 759 -1.55 -21.51 27.39
CA GLY A 759 -2.06 -20.95 28.64
C GLY A 759 -3.41 -21.55 29.01
N GLY A 760 -4.00 -22.31 28.08
CA GLY A 760 -5.24 -23.02 28.37
C GLY A 760 -6.50 -22.21 28.15
N ALA A 761 -6.53 -21.46 27.06
CA ALA A 761 -7.71 -20.64 26.74
C ALA A 761 -8.92 -21.46 26.29
N ASP A 762 -10.09 -20.83 26.34
CA ASP A 762 -11.31 -21.35 25.76
C ASP A 762 -11.65 -20.51 24.53
N LEU A 763 -11.42 -21.08 23.35
CA LEU A 763 -11.71 -20.39 22.10
C LEU A 763 -12.96 -21.01 21.50
N ALA A 764 -14.04 -20.24 21.51
CA ALA A 764 -15.34 -20.73 21.05
C ALA A 764 -15.84 -20.04 19.79
N PHE A 765 -16.04 -20.82 18.73
CA PHE A 765 -16.60 -20.27 17.50
C PHE A 765 -18.06 -20.68 17.34
N ARG A 766 -18.86 -19.80 16.76
CA ARG A 766 -20.21 -20.15 16.32
C ARG A 766 -20.13 -20.34 14.81
N MET A 767 -20.52 -21.53 14.36
CA MET A 767 -20.38 -21.90 12.95
C MET A 767 -21.70 -21.74 12.19
N GLY A 768 -21.61 -21.65 10.86
CA GLY A 768 -22.80 -21.52 10.02
C GLY A 768 -22.51 -21.88 8.58
N GLU A 769 -23.56 -21.96 7.77
CA GLU A 769 -23.46 -22.48 6.41
C GLU A 769 -23.10 -21.43 5.37
N GLN A 770 -23.11 -20.16 5.78
CA GLN A 770 -22.84 -19.06 4.87
C GLN A 770 -21.64 -18.24 5.33
N PRO A 771 -20.86 -17.68 4.38
CA PRO A 771 -19.75 -16.81 4.77
C PRO A 771 -20.25 -15.58 5.55
N SER A 772 -19.49 -15.17 6.55
CA SER A 772 -19.81 -13.96 7.31
C SER A 772 -18.64 -12.99 7.26
N ASP A 773 -18.83 -11.79 7.80
CA ASP A 773 -17.76 -10.82 7.87
C ASP A 773 -16.96 -10.88 9.19
N TRP A 774 -17.11 -11.99 9.93
CA TRP A 774 -16.26 -12.20 11.11
C TRP A 774 -14.77 -12.10 10.76
N GLY A 775 -14.02 -11.39 11.61
CA GLY A 775 -12.57 -11.28 11.46
C GLY A 775 -12.07 -10.28 10.44
N THR A 776 -12.98 -9.61 9.74
CA THR A 776 -12.62 -8.62 8.72
C THR A 776 -12.04 -7.34 9.32
N ASP A 777 -12.15 -7.18 10.63
CA ASP A 777 -11.54 -6.05 11.33
C ASP A 777 -10.43 -6.50 12.28
N THR A 778 -9.73 -7.57 11.89
CA THR A 778 -8.67 -8.15 12.69
C THR A 778 -7.53 -7.15 12.98
N ALA A 779 -6.97 -7.24 14.18
CA ALA A 779 -5.70 -6.59 14.45
C ALA A 779 -4.69 -7.28 13.53
N PRO A 780 -3.73 -6.53 12.96
CA PRO A 780 -2.77 -7.13 12.02
C PRO A 780 -1.97 -8.28 12.61
N ALA A 781 -1.70 -9.30 11.80
CA ALA A 781 -0.86 -10.41 12.21
C ALA A 781 0.61 -9.98 12.14
N PHE A 782 1.52 -10.84 12.56
CA PHE A 782 2.95 -10.54 12.53
C PHE A 782 3.49 -10.38 11.12
N SER A 783 4.29 -9.32 10.95
CA SER A 783 5.13 -9.13 9.78
C SER A 783 6.42 -8.51 10.29
N MET A 784 7.54 -8.94 9.74
CA MET A 784 8.85 -8.44 10.17
C MET A 784 8.95 -6.92 10.04
N SER A 785 8.55 -6.39 8.87
CA SER A 785 8.67 -4.96 8.55
C SER A 785 7.82 -4.02 9.43
N THR A 786 6.73 -4.54 10.01
CA THR A 786 5.83 -3.70 10.80
C THR A 786 5.80 -4.02 12.29
N ALA A 787 6.57 -5.02 12.73
CA ALA A 787 6.56 -5.45 14.14
C ALA A 787 7.05 -4.36 15.11
N ASP B 24 -8.70 26.65 13.55
CA ASP B 24 -7.33 26.04 13.41
C ASP B 24 -6.64 26.43 12.11
N TYR B 25 -7.20 26.07 10.96
CA TYR B 25 -6.60 26.39 9.66
C TYR B 25 -6.55 27.90 9.45
N ALA B 26 -7.62 28.58 9.88
CA ALA B 26 -7.74 30.03 9.80
C ALA B 26 -6.57 30.74 10.47
N SER B 27 -6.03 30.16 11.54
CA SER B 27 -4.89 30.74 12.26
C SER B 27 -3.56 30.70 11.47
N LEU B 28 -3.49 29.87 10.44
CA LEU B 28 -2.30 29.80 9.59
C LEU B 28 -2.33 30.84 8.45
N VAL B 29 -3.50 31.43 8.22
CA VAL B 29 -3.64 32.43 7.16
C VAL B 29 -3.08 33.77 7.64
N ASP B 30 -2.18 34.36 6.84
CA ASP B 30 -1.64 35.69 7.15
C ASP B 30 -2.20 36.65 6.13
N VAL B 31 -3.26 37.38 6.50
CA VAL B 31 -3.96 38.24 5.54
C VAL B 31 -3.20 39.52 5.17
N PHE B 32 -2.08 39.76 5.86
CA PHE B 32 -1.20 40.90 5.55
C PHE B 32 -0.16 40.63 4.45
N VAL B 33 -0.04 39.36 4.05
CA VAL B 33 0.84 38.98 2.94
C VAL B 33 0.41 39.65 1.64
N GLY B 34 1.32 40.44 1.06
CA GLY B 34 1.05 41.13 -0.20
C GLY B 34 0.31 42.45 -0.06
N THR B 35 0.16 42.95 1.17
CA THR B 35 -0.55 44.20 1.41
C THR B 35 0.35 45.43 1.51
N GLU B 36 1.64 45.26 1.23
CA GLU B 36 2.58 46.40 1.23
C GLU B 36 2.88 46.89 -0.17
N GLY B 37 2.79 48.21 -0.34
CA GLY B 37 3.22 48.89 -1.58
C GLY B 37 2.77 48.20 -2.85
N ASP B 38 3.70 48.04 -3.77
CA ASP B 38 3.42 47.41 -5.05
C ASP B 38 4.00 45.98 -5.06
N PHE B 39 3.60 45.19 -4.05
CA PHE B 39 4.14 43.84 -3.88
C PHE B 39 3.01 42.82 -3.75
N GLY B 40 2.01 42.94 -4.63
CA GLY B 40 0.92 41.98 -4.68
C GLY B 40 -0.45 42.59 -4.89
N ASN B 41 -0.66 43.76 -4.30
CA ASN B 41 -1.97 44.44 -4.33
C ASN B 41 -3.11 43.63 -3.74
N ASP B 42 -2.79 42.93 -2.66
CA ASP B 42 -3.77 42.17 -1.88
C ASP B 42 -4.26 42.96 -0.67
N MET B 43 -5.37 42.52 -0.07
CA MET B 43 -6.00 43.26 1.03
C MET B 43 -6.09 42.45 2.33
N PRO B 44 -6.02 43.15 3.49
CA PRO B 44 -6.25 42.52 4.80
C PRO B 44 -7.75 42.54 5.15
N ALA B 45 -8.56 43.02 4.21
CA ALA B 45 -10.01 43.14 4.38
C ALA B 45 -10.67 41.93 5.03
N ALA B 46 -11.67 42.20 5.86
CA ALA B 46 -12.52 41.16 6.37
C ALA B 46 -13.40 40.69 5.21
N GLN B 47 -13.34 39.39 4.92
CA GLN B 47 -14.17 38.78 3.88
C GLN B 47 -14.43 37.30 4.13
N ALA B 48 -15.61 36.84 3.70
CA ALA B 48 -15.97 35.43 3.70
C ALA B 48 -15.48 34.78 2.40
N PRO B 49 -15.48 33.44 2.30
CA PRO B 49 -15.05 32.83 1.05
C PRO B 49 -15.87 33.35 -0.13
N ASN B 50 -15.18 33.75 -1.20
CA ASN B 50 -15.84 34.30 -2.41
C ASN B 50 -16.87 35.39 -2.06
N GLY B 51 -16.55 36.17 -1.04
CA GLY B 51 -17.48 37.16 -0.50
C GLY B 51 -17.64 38.38 -1.36
N LEU B 52 -18.85 38.94 -1.35
CA LEU B 52 -19.15 40.18 -2.05
C LEU B 52 -18.70 41.35 -1.16
N ALA B 53 -19.06 41.30 0.11
CA ALA B 53 -18.58 42.28 1.08
C ALA B 53 -17.09 42.05 1.35
N LYS B 54 -16.29 43.09 1.15
CA LYS B 54 -14.88 43.06 1.47
C LYS B 54 -14.61 44.32 2.28
N VAL B 55 -14.52 44.14 3.59
CA VAL B 55 -14.42 45.28 4.50
C VAL B 55 -12.96 45.62 4.74
N ASN B 56 -12.46 46.58 3.96
CA ASN B 56 -11.04 46.87 3.91
C ASN B 56 -10.69 48.19 4.61
N PRO B 57 -9.74 48.13 5.58
CA PRO B 57 -9.26 49.41 6.13
C PRO B 57 -8.66 50.22 4.98
N ARG B 58 -8.69 51.55 5.11
CA ARG B 58 -8.16 52.42 4.08
C ARG B 58 -7.07 53.28 4.68
N THR B 59 -5.85 53.12 4.16
CA THR B 59 -4.70 53.89 4.66
C THR B 59 -4.63 55.25 3.96
N THR B 60 -3.88 56.18 4.55
CA THR B 60 -3.76 57.53 4.04
C THR B 60 -2.42 58.14 4.52
N PRO B 61 -1.75 58.96 3.68
CA PRO B 61 -2.12 59.44 2.34
C PRO B 61 -1.93 58.41 1.24
N GLY B 62 -1.10 57.40 1.47
CA GLY B 62 -0.83 56.37 0.48
C GLY B 62 -1.71 55.14 0.66
N ARG B 63 -1.71 54.27 -0.35
CA ARG B 63 -2.50 53.06 -0.35
C ARG B 63 -1.97 52.11 -1.42
N ASN B 64 -2.30 50.82 -1.31
CA ASN B 64 -2.15 49.95 -2.46
C ASN B 64 -3.49 49.98 -3.22
N ASN B 65 -3.59 49.28 -4.33
CA ASN B 65 -4.79 49.37 -5.18
C ASN B 65 -6.10 49.06 -4.48
N THR B 66 -6.06 48.19 -3.48
CA THR B 66 -7.26 47.85 -2.69
C THR B 66 -7.65 48.96 -1.72
N GLY B 67 -6.69 49.82 -1.37
CA GLY B 67 -6.93 50.90 -0.42
C GLY B 67 -6.04 50.86 0.82
N TYR B 68 -5.21 49.83 0.94
CA TYR B 68 -4.39 49.63 2.12
C TYR B 68 -2.94 49.35 1.77
N ASP B 69 -2.04 50.19 2.28
CA ASP B 69 -0.61 49.94 2.19
C ASP B 69 -0.03 49.76 3.59
N TYR B 70 0.50 48.57 3.84
CA TYR B 70 1.09 48.19 5.13
C TYR B 70 2.14 49.20 5.64
N ALA B 71 2.89 49.80 4.73
CA ALA B 71 3.95 50.74 5.10
C ALA B 71 3.46 52.11 5.57
N GLN B 72 2.14 52.33 5.53
CA GLN B 72 1.53 53.57 6.02
C GLN B 72 1.30 53.53 7.54
N SER B 73 1.01 54.68 8.12
CA SER B 73 0.75 54.75 9.56
C SER B 73 -0.54 55.51 9.92
N LYS B 74 -1.41 55.72 8.94
CA LYS B 74 -2.72 56.30 9.20
C LYS B 74 -3.82 55.58 8.45
N ILE B 75 -5.00 55.50 9.04
CA ILE B 75 -6.18 54.89 8.45
C ILE B 75 -7.35 55.88 8.54
N SER B 76 -8.17 55.92 7.51
CA SER B 76 -9.37 56.75 7.53
C SER B 76 -10.54 55.93 8.08
N GLY B 77 -11.00 54.98 7.27
CA GLY B 77 -12.10 54.11 7.67
C GLY B 77 -12.10 52.84 6.85
N PHE B 78 -13.29 52.27 6.65
CA PHE B 78 -13.44 50.97 5.98
C PHE B 78 -14.34 51.10 4.76
N THR B 79 -13.88 50.55 3.64
CA THR B 79 -14.71 50.42 2.43
C THR B 79 -15.35 49.04 2.39
N HIS B 80 -16.30 48.81 1.49
CA HIS B 80 -17.09 47.57 1.51
C HIS B 80 -17.07 46.74 0.22
N THR B 81 -16.54 47.31 -0.85
CA THR B 81 -16.43 46.58 -2.12
C THR B 81 -14.97 46.61 -2.53
N ASN B 82 -14.54 45.62 -3.29
CA ASN B 82 -13.14 45.59 -3.71
C ASN B 82 -12.86 44.46 -4.68
N LEU B 83 -11.63 44.45 -5.18
CA LEU B 83 -11.12 43.44 -6.10
C LEU B 83 -9.70 43.07 -5.66
N ASP B 84 -9.47 41.78 -5.47
CA ASP B 84 -8.19 41.28 -4.95
C ASP B 84 -7.10 41.26 -6.01
N GLY B 85 -5.95 41.84 -5.68
CA GLY B 85 -4.73 41.70 -6.51
C GLY B 85 -4.72 42.32 -7.90
N VAL B 86 -5.65 43.23 -8.18
CA VAL B 86 -5.75 43.87 -9.51
C VAL B 86 -4.86 45.09 -9.71
N GLY B 87 -4.67 45.47 -10.97
CA GLY B 87 -3.83 46.61 -11.35
C GLY B 87 -4.53 47.98 -11.39
N GLY B 88 -3.97 48.91 -12.16
CA GLY B 88 -4.48 50.29 -12.25
C GLY B 88 -4.38 50.93 -10.88
N SER B 89 -5.45 51.61 -10.46
CA SER B 89 -5.52 52.14 -9.09
C SER B 89 -6.49 51.33 -8.23
N GLY B 90 -6.89 50.15 -8.73
CA GLY B 90 -7.80 49.25 -8.00
C GLY B 90 -9.26 49.41 -8.36
N GLY B 91 -10.05 48.37 -8.09
CA GLY B 91 -11.49 48.42 -8.36
C GLY B 91 -12.28 48.47 -7.05
N GLY B 92 -13.55 48.84 -7.14
CA GLY B 92 -14.39 48.94 -5.96
C GLY B 92 -13.96 50.07 -5.05
N GLY B 93 -13.90 49.79 -3.76
CA GLY B 93 -13.60 50.80 -2.74
C GLY B 93 -14.81 51.66 -2.40
N ASP B 94 -16.00 51.13 -2.64
CA ASP B 94 -17.24 51.85 -2.34
C ASP B 94 -17.61 51.78 -0.88
N LEU B 95 -18.33 52.82 -0.43
CA LEU B 95 -18.94 52.89 0.89
C LEU B 95 -17.89 52.99 2.00
N LEU B 96 -17.33 54.20 2.14
CA LEU B 96 -16.30 54.47 3.14
C LEU B 96 -16.96 54.89 4.45
N VAL B 97 -16.73 54.10 5.49
CA VAL B 97 -17.28 54.36 6.82
C VAL B 97 -16.15 54.83 7.72
N VAL B 98 -16.29 56.06 8.23
CA VAL B 98 -15.24 56.69 9.05
C VAL B 98 -15.72 57.00 10.47
N PRO B 99 -15.12 56.36 11.49
CA PRO B 99 -15.47 56.75 12.86
C PRO B 99 -14.74 58.02 13.26
N THR B 100 -15.43 58.90 13.97
CA THR B 100 -14.84 60.17 14.38
C THR B 100 -15.60 60.76 15.57
N SER B 101 -14.88 61.53 16.38
CA SER B 101 -15.50 62.25 17.48
C SER B 101 -15.67 63.73 17.08
N GLY B 102 -15.33 64.04 15.83
CA GLY B 102 -15.41 65.40 15.30
C GLY B 102 -16.78 65.80 14.80
N SER B 103 -16.90 67.08 14.43
CA SER B 103 -18.16 67.67 13.94
C SER B 103 -17.95 68.32 12.57
N TYR B 104 -19.02 68.34 11.76
CA TYR B 104 -18.96 68.97 10.43
C TYR B 104 -20.13 69.90 10.20
N THR B 105 -19.91 70.94 9.40
CA THR B 105 -20.97 71.87 8.99
C THR B 105 -21.04 71.96 7.46
N ALA B 106 -20.23 71.12 6.81
CA ALA B 106 -20.20 70.99 5.36
C ALA B 106 -19.67 69.60 5.00
N ARG B 107 -19.73 69.26 3.71
CA ARG B 107 -19.12 68.03 3.20
C ARG B 107 -17.72 67.87 3.79
N PRO B 108 -17.41 66.68 4.36
CA PRO B 108 -16.11 66.50 5.00
C PRO B 108 -14.94 66.57 4.04
N GLY B 109 -13.86 67.21 4.48
CA GLY B 109 -12.57 67.11 3.79
C GLY B 109 -12.00 65.76 4.10
N THR B 110 -11.47 65.06 3.10
CA THR B 110 -11.04 63.67 3.29
C THR B 110 -9.82 63.56 4.21
N GLY B 111 -9.02 64.61 4.30
CA GLY B 111 -7.87 64.64 5.22
C GLY B 111 -8.31 64.55 6.67
N THR B 112 -9.49 65.07 6.97
CA THR B 112 -10.03 65.06 8.33
C THR B 112 -10.36 63.64 8.84
N TYR B 113 -10.38 62.67 7.92
CA TYR B 113 -10.68 61.27 8.29
C TYR B 113 -9.50 60.54 8.95
N ALA B 114 -8.30 61.09 8.81
CA ALA B 114 -7.07 60.36 9.15
C ALA B 114 -6.90 60.10 10.66
N HIS B 115 -6.67 58.84 11.02
CA HIS B 115 -6.35 58.44 12.40
C HIS B 115 -4.97 57.76 12.41
N PRO B 116 -4.12 58.06 13.42
CA PRO B 116 -2.90 57.26 13.53
C PRO B 116 -3.20 55.83 13.96
N PHE B 117 -2.46 54.88 13.39
CA PHE B 117 -2.57 53.50 13.84
C PHE B 117 -1.19 52.86 13.88
N SER B 118 -1.08 51.78 14.64
CA SER B 118 0.14 51.00 14.71
C SER B 118 -0.15 49.54 14.42
N HIS B 119 0.75 48.87 13.69
CA HIS B 119 0.62 47.43 13.45
C HIS B 119 0.62 46.63 14.76
N ASP B 120 1.17 47.24 15.83
CA ASP B 120 1.20 46.63 17.17
C ASP B 120 -0.16 46.59 17.86
N ASP B 121 -1.11 47.41 17.40
CA ASP B 121 -2.50 47.37 17.88
C ASP B 121 -3.41 47.14 16.67
N GLU B 122 -3.18 46.00 16.02
CA GLU B 122 -3.86 45.60 14.80
C GLU B 122 -3.87 44.08 14.74
N ASP B 123 -5.03 43.51 14.44
CA ASP B 123 -5.18 42.06 14.34
C ASP B 123 -6.18 41.70 13.25
N ALA B 124 -5.82 40.73 12.40
CA ALA B 124 -6.70 40.29 11.34
C ALA B 124 -6.48 38.83 10.97
N GLY B 125 -7.53 38.23 10.40
CA GLY B 125 -7.52 36.86 9.94
C GLY B 125 -8.82 36.59 9.20
N PRO B 126 -8.99 35.37 8.67
CA PRO B 126 -10.16 35.05 7.85
C PRO B 126 -11.50 35.47 8.48
N GLY B 127 -12.14 36.47 7.87
CA GLY B 127 -13.44 36.95 8.33
C GLY B 127 -13.43 38.18 9.21
N PHE B 128 -12.26 38.63 9.64
CA PHE B 128 -12.21 39.77 10.57
C PHE B 128 -10.99 40.68 10.41
N TYR B 129 -11.15 41.91 10.86
CA TYR B 129 -10.06 42.87 10.93
C TYR B 129 -10.33 43.78 12.13
N SER B 130 -9.30 44.05 12.92
CA SER B 130 -9.42 44.93 14.08
C SER B 130 -8.19 45.83 14.17
N VAL B 131 -8.40 47.07 14.62
CA VAL B 131 -7.32 48.05 14.73
C VAL B 131 -7.71 49.14 15.73
N GLY B 132 -6.73 49.60 16.50
CA GLY B 132 -6.90 50.79 17.33
C GLY B 132 -6.57 52.04 16.54
N LEU B 133 -7.52 52.98 16.51
CA LEU B 133 -7.34 54.23 15.77
C LEU B 133 -7.26 55.40 16.74
N GLY B 134 -6.21 56.24 16.61
CA GLY B 134 -6.15 57.45 17.42
C GLY B 134 -7.43 58.28 17.25
N ASN B 135 -8.03 58.65 18.37
CA ASN B 135 -9.26 59.47 18.36
C ASN B 135 -9.00 60.80 17.66
N VAL B 136 -10.00 61.32 16.96
CA VAL B 136 -9.90 62.63 16.32
C VAL B 136 -11.18 63.43 16.65
N ALA B 137 -11.04 64.75 16.83
CA ALA B 137 -12.16 65.64 17.12
C ALA B 137 -11.86 67.06 16.66
N GLY B 138 -12.80 67.97 16.86
CA GLY B 138 -12.73 69.34 16.30
C GLY B 138 -13.86 69.54 15.30
N THR B 139 -13.75 70.59 14.48
CA THR B 139 -14.82 70.94 13.55
C THR B 139 -14.26 71.13 12.15
N ASP B 140 -14.88 70.45 11.18
CA ASP B 140 -14.50 70.58 9.76
C ASP B 140 -12.98 70.43 9.53
N GLY B 141 -12.40 71.36 8.79
CA GLY B 141 -10.98 71.29 8.41
C GLY B 141 -9.99 71.32 9.56
N ALA B 142 -10.43 71.77 10.73
CA ALA B 142 -9.56 71.85 11.91
C ALA B 142 -9.46 70.55 12.71
N ILE B 143 -10.28 69.57 12.34
CA ILE B 143 -10.28 68.27 13.01
C ILE B 143 -8.88 67.66 13.08
N THR B 144 -8.50 67.20 14.27
CA THR B 144 -7.19 66.58 14.47
C THR B 144 -7.25 65.62 15.64
N GLY B 145 -6.09 65.11 16.08
CA GLY B 145 -6.03 64.17 17.21
C GLY B 145 -6.76 64.67 18.45
N ALA B 146 -7.40 63.74 19.13
CA ALA B 146 -8.17 63.99 20.34
C ALA B 146 -7.78 62.92 21.36
N PRO B 147 -8.15 63.09 22.65
CA PRO B 147 -7.74 62.10 23.67
C PRO B 147 -8.22 60.69 23.35
N GLY B 148 -7.36 59.71 23.61
CA GLY B 148 -7.74 58.31 23.57
C GLY B 148 -7.75 57.63 22.21
N THR B 149 -8.40 56.48 22.17
CA THR B 149 -8.33 55.55 21.03
C THR B 149 -9.73 55.12 20.66
N ILE B 150 -10.02 55.11 19.36
CA ILE B 150 -11.25 54.50 18.86
C ILE B 150 -10.90 53.05 18.52
N GLU B 151 -11.51 52.12 19.23
CA GLU B 151 -11.24 50.70 19.00
C GLU B 151 -12.19 50.21 17.90
N ALA B 152 -11.61 49.84 16.76
CA ALA B 152 -12.39 49.43 15.60
C ALA B 152 -12.33 47.93 15.41
N GLU B 153 -13.50 47.33 15.15
CA GLU B 153 -13.58 45.92 14.82
C GLU B 153 -14.56 45.75 13.67
N VAL B 154 -14.12 45.07 12.62
CA VAL B 154 -15.04 44.71 11.54
C VAL B 154 -15.01 43.21 11.29
N ALA B 155 -16.08 42.70 10.69
CA ALA B 155 -16.21 41.31 10.31
C ALA B 155 -17.13 41.20 9.10
N ALA B 156 -17.02 40.12 8.36
CA ALA B 156 -17.80 39.99 7.14
C ALA B 156 -18.52 38.65 7.04
N ALA B 157 -19.73 38.69 6.50
CA ALA B 157 -20.40 37.51 5.96
C ALA B 157 -20.39 37.69 4.44
N THR B 158 -20.95 36.73 3.70
CA THR B 158 -20.94 36.77 2.24
C THR B 158 -21.33 38.14 1.64
N ARG B 159 -22.42 38.70 2.12
CA ARG B 159 -22.99 39.94 1.55
C ARG B 159 -22.91 41.13 2.50
N SER B 160 -22.40 40.90 3.71
CA SER B 160 -22.47 41.89 4.78
C SER B 160 -21.13 42.23 5.45
N GLY B 161 -20.95 43.52 5.78
CA GLY B 161 -19.87 43.95 6.66
C GLY B 161 -20.48 44.49 7.94
N VAL B 162 -19.98 44.03 9.08
CA VAL B 162 -20.49 44.51 10.36
C VAL B 162 -19.41 45.20 11.15
N HIS B 163 -19.80 46.24 11.88
CA HIS B 163 -18.84 47.13 12.57
C HIS B 163 -19.18 47.19 14.04
N ARG B 164 -18.13 47.19 14.88
CA ARG B 164 -18.27 47.53 16.30
C ARG B 164 -17.15 48.47 16.72
N TYR B 165 -17.51 49.66 17.20
CA TYR B 165 -16.56 50.69 17.64
C TYR B 165 -16.73 51.04 19.11
N ALA B 166 -15.61 51.28 19.79
CA ALA B 166 -15.64 51.84 21.14
C ALA B 166 -14.90 53.18 21.13
N PHE B 167 -15.61 54.25 21.47
CA PHE B 167 -15.04 55.60 21.49
C PHE B 167 -14.65 55.97 22.93
N PRO B 168 -13.66 56.86 23.10
CA PRO B 168 -13.31 57.28 24.46
C PRO B 168 -14.51 57.92 25.17
N ALA B 169 -14.61 57.72 26.48
CA ALA B 169 -15.72 58.25 27.26
C ALA B 169 -15.82 59.77 27.10
N GLY B 170 -17.04 60.28 26.95
CA GLY B 170 -17.24 61.73 26.78
C GLY B 170 -17.31 62.17 25.33
N SER B 171 -16.68 61.40 24.43
CA SER B 171 -16.76 61.61 22.98
C SER B 171 -18.21 61.69 22.51
N THR B 172 -18.47 62.56 21.54
CA THR B 172 -19.72 62.48 20.76
C THR B 172 -19.41 61.64 19.53
N PRO B 173 -19.84 60.36 19.52
CA PRO B 173 -19.47 59.46 18.43
C PRO B 173 -20.22 59.78 17.15
N SER B 174 -19.51 59.61 16.04
CA SER B 174 -20.07 59.86 14.74
C SER B 174 -19.51 58.86 13.77
N LEU B 175 -20.32 58.46 12.79
CA LEU B 175 -19.83 57.72 11.66
C LEU B 175 -20.16 58.47 10.38
N VAL B 176 -19.13 58.77 9.60
CA VAL B 176 -19.31 59.32 8.26
C VAL B 176 -19.44 58.17 7.29
N VAL B 177 -20.45 58.25 6.42
CA VAL B 177 -20.64 57.29 5.35
C VAL B 177 -20.44 58.03 4.04
N ASP B 178 -19.25 57.88 3.47
CA ASP B 178 -18.86 58.60 2.28
C ASP B 178 -19.16 57.77 1.04
N LEU B 179 -20.14 58.22 0.26
CA LEU B 179 -20.54 57.49 -0.95
C LEU B 179 -19.85 57.94 -2.23
N GLU B 180 -18.88 58.85 -2.10
CA GLU B 180 -18.05 59.28 -3.24
C GLU B 180 -16.89 58.31 -3.45
N THR B 181 -16.26 57.90 -2.36
CA THR B 181 -15.03 57.09 -2.42
C THR B 181 -15.15 55.94 -3.42
N ASN B 182 -14.16 55.83 -4.29
CA ASN B 182 -14.00 54.68 -5.18
C ASN B 182 -12.53 54.60 -5.55
N ASN B 183 -12.02 53.39 -5.72
CA ASN B 183 -10.62 53.17 -6.08
C ASN B 183 -10.19 53.67 -7.47
N THR B 184 -11.17 53.81 -8.38
CA THR B 184 -10.90 54.32 -9.72
C THR B 184 -11.86 55.45 -10.14
N SER B 185 -13.16 55.16 -10.13
CA SER B 185 -14.14 56.12 -10.66
C SER B 185 -15.51 55.99 -10.00
N ARG B 186 -15.95 57.06 -9.34
CA ARG B 186 -17.33 57.16 -8.88
C ARG B 186 -18.17 57.70 -10.04
N ARG B 187 -19.08 56.87 -10.53
CA ARG B 187 -19.96 57.29 -11.60
C ARG B 187 -21.19 58.00 -11.02
N SER B 188 -21.88 57.32 -10.11
CA SER B 188 -23.05 57.88 -9.43
C SER B 188 -23.25 57.22 -8.08
N SER B 189 -24.02 57.87 -7.20
CA SER B 189 -24.40 57.32 -5.91
C SER B 189 -25.70 57.93 -5.41
N SER B 190 -26.34 57.24 -4.46
CA SER B 190 -27.53 57.76 -3.79
C SER B 190 -27.61 57.29 -2.34
N VAL B 191 -28.31 58.07 -1.53
CA VAL B 191 -28.65 57.70 -0.17
C VAL B 191 -30.06 58.17 0.20
N GLN B 192 -30.82 57.28 0.82
CA GLN B 192 -32.09 57.61 1.43
C GLN B 192 -31.98 57.28 2.93
N VAL B 193 -32.43 58.21 3.76
CA VAL B 193 -32.35 58.07 5.20
C VAL B 193 -33.73 57.74 5.79
N GLU B 194 -33.74 56.83 6.75
CA GLU B 194 -34.95 56.39 7.43
C GLU B 194 -34.65 56.25 8.92
N THR B 195 -35.36 57.02 9.75
CA THR B 195 -35.27 56.85 11.20
C THR B 195 -36.45 56.00 11.65
N ARG B 196 -36.17 54.91 12.35
CA ARG B 196 -37.18 53.96 12.80
C ARG B 196 -37.71 54.30 14.21
N ALA B 197 -38.75 53.60 14.64
CA ALA B 197 -39.43 53.87 15.92
C ALA B 197 -38.50 53.82 17.12
N ASP B 198 -37.51 52.92 17.08
CA ASP B 198 -36.56 52.80 18.18
C ASP B 198 -35.42 53.82 18.12
N GLY B 199 -35.42 54.68 17.11
CA GLY B 199 -34.41 55.74 17.00
C GLY B 199 -33.18 55.38 16.17
N THR B 200 -33.07 54.11 15.76
CA THR B 200 -32.00 53.68 14.85
C THR B 200 -32.26 54.18 13.43
N VAL B 201 -31.20 54.24 12.62
CA VAL B 201 -31.27 54.78 11.27
C VAL B 201 -30.92 53.69 10.25
N GLU B 202 -31.68 53.64 9.17
CA GLU B 202 -31.29 52.86 8.00
C GLU B 202 -30.90 53.79 6.85
N LEU B 203 -29.76 53.50 6.24
CA LEU B 203 -29.38 54.18 5.00
C LEU B 203 -29.48 53.18 3.85
N SER B 204 -29.96 53.63 2.69
CA SER B 204 -30.04 52.75 1.53
C SER B 204 -29.89 53.51 0.22
N GLY B 205 -29.51 52.79 -0.83
CA GLY B 205 -29.35 53.39 -2.15
C GLY B 205 -28.43 52.57 -3.03
N GLN B 206 -27.78 53.25 -3.96
CA GLN B 206 -26.94 52.59 -4.94
C GLN B 206 -25.57 53.27 -5.06
N VAL B 207 -24.58 52.47 -5.43
CA VAL B 207 -23.28 52.97 -5.87
C VAL B 207 -22.94 52.40 -7.25
N THR B 208 -22.57 53.28 -8.17
CA THR B 208 -22.14 52.88 -9.50
C THR B 208 -20.69 53.35 -9.68
N GLY B 209 -19.82 52.39 -9.99
CA GLY B 209 -18.41 52.65 -10.17
C GLY B 209 -17.94 52.14 -11.51
N TYR B 210 -16.66 52.33 -11.78
CA TYR B 210 -16.02 51.81 -12.99
C TYR B 210 -14.61 51.31 -12.67
N PHE B 211 -14.26 50.18 -13.26
CA PHE B 211 -12.87 49.69 -13.24
C PHE B 211 -12.56 48.93 -14.51
N TYR B 212 -11.52 49.40 -15.20
CA TYR B 212 -10.86 48.68 -16.30
C TYR B 212 -11.68 48.66 -17.60
N ASN B 213 -12.61 47.70 -17.73
CA ASN B 213 -13.46 47.61 -18.94
C ASN B 213 -14.92 48.01 -18.74
N ALA B 214 -15.39 48.07 -17.50
CA ALA B 214 -16.84 48.13 -17.27
C ALA B 214 -17.29 48.88 -16.01
N ALA B 215 -18.49 49.45 -16.09
CA ALA B 215 -19.17 50.01 -14.94
C ALA B 215 -19.92 48.87 -14.24
N TYR B 216 -20.28 49.11 -12.97
CA TYR B 216 -21.02 48.14 -12.16
C TYR B 216 -21.89 48.95 -11.19
N THR B 217 -23.00 48.35 -10.78
CA THR B 217 -23.85 48.99 -9.79
C THR B 217 -24.15 48.00 -8.68
N LEU B 218 -23.98 48.44 -7.44
CA LEU B 218 -24.40 47.66 -6.29
C LEU B 218 -25.38 48.45 -5.44
N TYR B 219 -26.32 47.74 -4.82
CA TYR B 219 -27.28 48.36 -3.92
C TYR B 219 -26.88 48.00 -2.50
N TYR B 220 -27.20 48.87 -1.55
CA TYR B 220 -26.82 48.66 -0.18
C TYR B 220 -27.93 49.07 0.77
N THR B 221 -27.94 48.42 1.93
CA THR B 221 -28.68 48.86 3.08
C THR B 221 -27.71 48.84 4.26
N ALA B 222 -27.81 49.86 5.10
CA ALA B 222 -26.98 50.02 6.29
C ALA B 222 -27.85 50.45 7.45
N ARG B 223 -27.74 49.76 8.58
CA ARG B 223 -28.50 50.16 9.77
C ARG B 223 -27.58 50.35 10.96
N THR B 224 -27.92 51.33 11.81
CA THR B 224 -27.22 51.50 13.09
C THR B 224 -27.86 50.59 14.13
N LEU B 225 -27.10 50.22 15.16
CA LEU B 225 -27.63 49.37 16.21
C LEU B 225 -28.02 50.20 17.44
N GLN B 226 -27.62 51.47 17.43
CA GLN B 226 -27.97 52.43 18.47
C GLN B 226 -28.70 53.61 17.84
N PRO B 227 -29.47 54.38 18.65
CA PRO B 227 -30.12 55.57 18.09
C PRO B 227 -29.13 56.58 17.51
N ALA B 228 -29.49 57.20 16.39
CA ALA B 228 -28.66 58.25 15.80
C ALA B 228 -29.48 59.35 15.17
N THR B 229 -28.88 60.53 15.03
CA THR B 229 -29.43 61.58 14.19
C THR B 229 -28.56 61.63 12.94
N VAL B 230 -29.11 62.12 11.85
CA VAL B 230 -28.43 62.03 10.56
C VAL B 230 -28.53 63.31 9.74
N GLN B 231 -27.41 63.67 9.11
CA GLN B 231 -27.41 64.75 8.13
C GLN B 231 -26.83 64.17 6.85
N THR B 232 -27.18 64.75 5.71
CA THR B 232 -26.70 64.23 4.44
C THR B 232 -26.04 65.33 3.64
N TRP B 233 -25.25 64.94 2.65
CA TRP B 233 -24.71 65.90 1.70
C TRP B 233 -24.89 65.43 0.26
N GLY B 234 -24.99 66.39 -0.65
CA GLY B 234 -25.04 66.08 -2.05
C GLY B 234 -23.92 66.82 -2.74
N ASP B 235 -24.05 66.96 -4.06
CA ASP B 235 -22.97 67.49 -4.91
C ASP B 235 -22.66 68.98 -4.70
N ASP B 236 -23.50 69.69 -3.97
CA ASP B 236 -23.21 71.09 -3.67
C ASP B 236 -22.37 71.29 -2.40
N ASP B 237 -21.93 70.18 -1.79
CA ASP B 237 -21.10 70.19 -0.58
C ASP B 237 -21.77 70.70 0.71
N ARG B 238 -23.08 70.95 0.65
CA ARG B 238 -23.82 71.41 1.81
C ARG B 238 -24.30 70.24 2.68
N LEU B 239 -24.02 70.34 3.98
CA LEU B 239 -24.48 69.32 4.93
C LEU B 239 -25.84 69.77 5.46
N VAL B 240 -26.86 68.96 5.20
CA VAL B 240 -28.25 69.38 5.42
C VAL B 240 -29.07 68.32 6.16
N ASP B 241 -30.27 68.71 6.60
CA ASP B 241 -31.17 67.79 7.28
C ASP B 241 -31.99 66.92 6.31
N ALA B 242 -31.92 67.23 5.01
CA ALA B 242 -32.65 66.47 3.98
C ALA B 242 -32.37 64.96 4.06
N THR B 243 -33.40 64.15 3.88
CA THR B 243 -33.29 62.70 4.07
C THR B 243 -32.99 61.90 2.79
N ALA B 244 -32.81 62.60 1.67
CA ALA B 244 -32.48 61.94 0.39
C ALA B 244 -31.45 62.70 -0.42
N GLN B 245 -30.49 61.98 -0.98
CA GLN B 245 -29.56 62.54 -1.97
C GLN B 245 -29.41 61.58 -3.13
N ASP B 246 -29.11 62.12 -4.31
CA ASP B 246 -29.00 61.36 -5.55
C ASP B 246 -28.16 62.20 -6.53
N GLY B 247 -26.95 61.72 -6.80
CA GLY B 247 -25.99 62.43 -7.63
C GLY B 247 -24.72 61.64 -7.86
N VAL B 248 -23.59 62.24 -7.53
CA VAL B 248 -22.29 61.59 -7.72
C VAL B 248 -21.56 61.54 -6.38
N ASP B 249 -21.29 62.72 -5.82
CA ASP B 249 -20.68 62.85 -4.50
C ASP B 249 -21.78 63.10 -3.46
N THR B 250 -22.18 62.03 -2.78
CA THR B 250 -23.19 62.07 -1.74
C THR B 250 -22.67 61.32 -0.50
N GLY B 251 -23.36 61.52 0.63
CA GLY B 251 -23.02 60.81 1.85
C GLY B 251 -23.90 61.19 3.02
N ALA B 252 -23.65 60.54 4.13
CA ALA B 252 -24.42 60.78 5.35
C ALA B 252 -23.47 60.81 6.54
N ILE B 253 -23.87 61.55 7.56
CA ILE B 253 -23.15 61.55 8.83
C ILE B 253 -24.11 61.14 9.95
N LEU B 254 -23.75 60.06 10.63
CA LEU B 254 -24.50 59.55 11.77
C LEU B 254 -23.89 60.08 13.06
N THR B 255 -24.72 60.69 13.91
CA THR B 255 -24.27 61.18 15.21
C THR B 255 -24.99 60.44 16.33
N PHE B 256 -24.22 59.99 17.32
CA PHE B 256 -24.74 59.19 18.42
C PHE B 256 -24.63 59.94 19.75
N ASP B 257 -25.39 59.48 20.74
CA ASP B 257 -25.33 60.04 22.09
C ASP B 257 -24.02 59.60 22.77
N PRO B 258 -23.38 60.52 23.54
CA PRO B 258 -22.16 60.14 24.28
C PRO B 258 -22.35 58.92 25.19
N ALA B 259 -23.58 58.69 25.66
CA ALA B 259 -23.86 57.54 26.52
C ALA B 259 -23.59 56.20 25.81
N ASP B 260 -23.60 56.23 24.48
CA ASP B 260 -23.37 55.02 23.67
C ASP B 260 -21.92 54.85 23.21
N ALA B 261 -21.02 55.70 23.70
CA ALA B 261 -19.63 55.72 23.24
C ALA B 261 -18.94 54.36 23.30
N GLY B 262 -19.21 53.59 24.35
CA GLY B 262 -18.59 52.28 24.56
C GLY B 262 -18.92 51.21 23.52
N GLU B 263 -20.01 51.42 22.77
CA GLU B 263 -20.40 50.47 21.72
C GLU B 263 -21.24 51.10 20.63
N ILE B 264 -20.65 51.23 19.44
CA ILE B 264 -21.37 51.72 18.27
C ILE B 264 -21.33 50.66 17.16
N GLY B 265 -22.51 50.18 16.78
CA GLY B 265 -22.63 49.11 15.81
C GLY B 265 -23.25 49.54 14.49
N LEU B 266 -22.74 48.98 13.39
CA LEU B 266 -23.28 49.22 12.06
C LEU B 266 -23.29 47.92 11.26
N GLN B 267 -24.35 47.73 10.48
CA GLN B 267 -24.45 46.56 9.61
C GLN B 267 -24.77 47.00 8.20
N VAL B 268 -23.91 46.58 7.27
CA VAL B 268 -24.02 46.96 5.87
C VAL B 268 -24.20 45.70 5.02
N THR B 269 -25.26 45.66 4.20
CA THR B 269 -25.47 44.54 3.30
C THR B 269 -25.59 44.97 1.83
N LEU B 270 -24.92 44.23 0.94
CA LEU B 270 -24.79 44.55 -0.48
C LEU B 270 -25.58 43.60 -1.39
N SER B 271 -26.16 44.15 -2.46
CA SER B 271 -26.91 43.34 -3.42
C SER B 271 -26.76 43.89 -4.85
N PRO B 272 -26.44 43.02 -5.81
CA PRO B 272 -26.50 43.43 -7.22
C PRO B 272 -27.94 43.63 -7.71
N VAL B 273 -28.92 43.20 -6.92
CA VAL B 273 -30.32 43.22 -7.35
C VAL B 273 -31.05 44.53 -7.06
N SER B 274 -31.18 44.88 -5.78
CA SER B 274 -31.97 46.05 -5.38
C SER B 274 -31.79 46.30 -3.89
N VAL B 275 -32.24 47.47 -3.44
CA VAL B 275 -32.31 47.80 -2.01
C VAL B 275 -33.26 46.84 -1.30
N GLU B 276 -34.39 46.57 -1.93
CA GLU B 276 -35.38 45.66 -1.38
C GLU B 276 -34.75 44.29 -1.12
N GLN B 277 -34.01 43.79 -2.11
CA GLN B 277 -33.30 42.51 -1.93
C GLN B 277 -32.22 42.59 -0.86
N ALA B 278 -31.48 43.69 -0.82
CA ALA B 278 -30.40 43.87 0.17
C ALA B 278 -30.95 43.78 1.60
N ARG B 279 -32.11 44.40 1.82
CA ARG B 279 -32.80 44.33 3.10
C ARG B 279 -33.22 42.90 3.45
N ILE B 280 -33.75 42.18 2.47
CA ILE B 280 -34.10 40.76 2.67
C ILE B 280 -32.84 39.94 2.99
N ASP B 281 -31.77 40.12 2.20
CA ASP B 281 -30.51 39.43 2.45
C ASP B 281 -29.97 39.67 3.87
N GLN B 282 -30.08 40.92 4.35
CA GLN B 282 -29.58 41.27 5.68
C GLN B 282 -30.37 40.58 6.79
N GLN B 283 -31.69 40.50 6.64
CA GLN B 283 -32.54 39.76 7.58
C GLN B 283 -32.18 38.26 7.59
N VAL B 284 -31.99 37.67 6.42
CA VAL B 284 -31.65 36.24 6.31
C VAL B 284 -30.24 35.93 6.81
N GLU B 285 -29.28 36.73 6.35
CA GLU B 285 -27.86 36.49 6.59
C GLU B 285 -27.44 36.82 8.02
N LEU B 286 -27.93 37.95 8.54
CA LEU B 286 -27.50 38.44 9.85
C LEU B 286 -28.55 38.28 10.95
N GLY B 287 -29.83 38.45 10.58
CA GLY B 287 -30.93 38.39 11.55
C GLY B 287 -30.64 39.18 12.81
N ASP B 288 -30.69 38.49 13.95
CA ASP B 288 -30.47 39.09 15.26
C ASP B 288 -29.15 38.64 15.86
N LEU B 289 -28.31 38.00 15.05
CA LEU B 289 -27.00 37.52 15.51
C LEU B 289 -26.12 38.65 16.01
N SER B 290 -25.36 38.36 17.06
CA SER B 290 -24.41 39.31 17.61
C SER B 290 -23.20 39.45 16.67
N PHE B 291 -22.45 40.54 16.86
CA PHE B 291 -21.23 40.79 16.09
C PHE B 291 -20.30 39.59 16.20
N ASP B 292 -20.08 39.14 17.43
CA ASP B 292 -19.24 37.98 17.74
C ASP B 292 -19.68 36.72 17.02
N ALA B 293 -20.99 36.46 17.04
CA ALA B 293 -21.57 35.28 16.39
C ALA B 293 -21.34 35.30 14.87
N ILE B 294 -21.50 36.49 14.26
CA ILE B 294 -21.27 36.66 12.82
C ILE B 294 -19.81 36.45 12.47
N ARG B 295 -18.92 37.02 13.27
CA ARG B 295 -17.48 36.85 13.09
C ARG B 295 -17.05 35.39 13.25
N ASP B 296 -17.56 34.72 14.28
CA ASP B 296 -17.25 33.31 14.54
C ASP B 296 -17.77 32.40 13.44
N ARG B 297 -18.99 32.64 12.97
CA ARG B 297 -19.59 31.84 11.90
C ARG B 297 -18.73 31.86 10.64
N THR B 298 -18.30 33.07 10.24
CA THR B 298 -17.43 33.23 9.08
C THR B 298 -16.07 32.54 9.30
N ARG B 299 -15.52 32.61 10.51
CA ARG B 299 -14.29 31.89 10.79
C ARG B 299 -14.47 30.38 10.55
N ALA B 300 -15.58 29.82 11.03
CA ALA B 300 -15.87 28.39 10.81
C ALA B 300 -16.07 28.07 9.33
N GLU B 301 -16.75 28.97 8.62
CA GLU B 301 -16.91 28.83 7.18
C GLU B 301 -15.55 28.73 6.50
N TRP B 302 -14.60 29.58 6.90
CA TRP B 302 -13.25 29.53 6.35
C TRP B 302 -12.51 28.25 6.75
N ASN B 303 -12.70 27.81 7.99
CA ASN B 303 -12.11 26.55 8.43
C ASN B 303 -12.65 25.34 7.66
N ALA B 304 -13.93 25.37 7.33
CA ALA B 304 -14.51 24.33 6.48
C ALA B 304 -13.88 24.36 5.07
N THR B 305 -13.74 25.56 4.52
CA THR B 305 -13.17 25.77 3.20
C THR B 305 -11.69 25.34 3.11
N LEU B 306 -10.89 25.80 4.07
CA LEU B 306 -9.45 25.56 4.05
C LEU B 306 -9.14 24.13 4.44
N GLY B 307 -10.02 23.55 5.27
CA GLY B 307 -9.91 22.16 5.72
C GLY B 307 -10.14 21.13 4.63
N ARG B 308 -10.57 21.58 3.45
CA ARG B 308 -10.63 20.72 2.27
C ARG B 308 -9.26 20.14 1.93
N VAL B 309 -8.20 20.90 2.23
CA VAL B 309 -6.83 20.45 2.03
C VAL B 309 -6.09 20.35 3.37
N ALA B 310 -5.72 19.13 3.74
CA ALA B 310 -4.96 18.87 4.96
C ALA B 310 -3.53 18.47 4.63
N ILE B 311 -2.55 19.15 5.25
CA ILE B 311 -1.15 18.86 4.96
C ILE B 311 -0.36 18.37 6.19
N ASP B 312 0.55 17.43 5.94
CA ASP B 312 1.56 17.04 6.92
C ASP B 312 2.94 17.43 6.37
N ALA B 313 3.59 18.35 7.07
CA ALA B 313 4.85 18.92 6.61
C ALA B 313 5.93 18.76 7.67
N SER B 314 6.97 17.99 7.35
CA SER B 314 8.05 17.76 8.28
C SER B 314 8.96 18.99 8.42
N THR B 315 9.80 18.94 9.45
CA THR B 315 10.90 19.88 9.66
C THR B 315 11.89 19.88 8.49
N ALA B 316 12.11 18.71 7.89
CA ALA B 316 13.06 18.60 6.79
C ALA B 316 12.61 19.40 5.56
N THR B 317 11.31 19.38 5.27
CA THR B 317 10.76 20.12 4.12
C THR B 317 10.35 21.58 4.43
N ASP B 318 9.99 21.84 5.68
CA ASP B 318 9.50 23.15 6.09
C ASP B 318 10.10 23.53 7.46
N PRO B 319 11.43 23.78 7.51
CA PRO B 319 12.06 23.98 8.82
C PRO B 319 11.60 25.23 9.58
N THR B 320 11.14 26.25 8.87
CA THR B 320 10.67 27.48 9.51
C THR B 320 9.15 27.51 9.72
N GLY B 321 8.45 26.55 9.14
CA GLY B 321 6.99 26.53 9.17
C GLY B 321 6.35 27.52 8.23
N GLU B 322 7.17 28.30 7.53
CA GLU B 322 6.66 29.34 6.62
C GLU B 322 5.99 28.78 5.35
N LEU B 323 6.41 27.60 4.91
CA LEU B 323 5.78 26.97 3.72
C LEU B 323 4.33 26.60 3.95
N GLN B 324 4.02 26.04 5.12
CA GLN B 324 2.65 25.65 5.48
C GLN B 324 1.76 26.89 5.58
N ARG B 325 2.33 27.95 6.18
CA ARG B 325 1.63 29.21 6.34
C ARG B 325 1.40 29.90 5.01
N LEU B 326 2.39 29.85 4.12
CA LEU B 326 2.21 30.34 2.76
C LEU B 326 1.13 29.50 2.05
N PHE B 327 1.17 28.18 2.22
CA PHE B 327 0.16 27.34 1.58
C PHE B 327 -1.28 27.77 1.94
N TYR B 328 -1.57 27.88 3.24
CA TYR B 328 -2.92 28.28 3.68
C TYR B 328 -3.28 29.73 3.39
N THR B 329 -2.29 30.60 3.43
CA THR B 329 -2.49 32.00 3.02
C THR B 329 -2.91 32.07 1.55
N HIS B 330 -2.21 31.33 0.70
CA HIS B 330 -2.51 31.38 -0.72
C HIS B 330 -3.76 30.56 -1.12
N LEU B 331 -4.09 29.54 -0.34
CA LEU B 331 -5.35 28.84 -0.50
C LEU B 331 -6.52 29.78 -0.15
N TYR B 332 -6.34 30.58 0.90
CA TYR B 332 -7.29 31.65 1.24
C TYR B 332 -7.49 32.65 0.07
N ARG B 333 -6.39 33.08 -0.55
CA ARG B 333 -6.44 34.04 -1.66
C ARG B 333 -7.13 33.47 -2.90
N MET B 334 -7.02 32.14 -3.05
CA MET B 334 -7.60 31.42 -4.17
C MET B 334 -9.14 31.45 -4.14
N PHE B 335 -9.70 31.56 -2.95
CA PHE B 335 -11.16 31.62 -2.79
C PHE B 335 -11.70 33.03 -2.56
N ALA B 336 -11.24 33.98 -3.37
CA ALA B 336 -11.73 35.36 -3.27
C ALA B 336 -12.62 35.73 -4.44
N MET B 337 -12.20 35.37 -5.65
CA MET B 337 -12.89 35.75 -6.88
C MET B 337 -12.98 34.55 -7.81
N PRO B 338 -14.07 34.45 -8.60
CA PRO B 338 -15.22 35.37 -8.61
C PRO B 338 -16.02 35.36 -7.30
N MET B 339 -16.78 36.44 -7.11
CA MET B 339 -17.59 36.65 -5.91
C MET B 339 -18.96 36.01 -6.03
N ASN B 340 -19.52 35.60 -4.90
CA ASN B 340 -20.91 35.21 -4.85
C ASN B 340 -21.73 36.43 -5.24
N ALA B 341 -22.41 36.36 -6.39
CA ALA B 341 -23.23 37.47 -6.86
C ALA B 341 -24.73 37.16 -6.80
N THR B 342 -25.10 36.22 -5.93
CA THR B 342 -26.47 35.72 -5.84
C THR B 342 -27.11 36.24 -4.58
N SER B 343 -28.38 36.59 -4.66
CA SER B 343 -29.13 37.02 -3.48
C SER B 343 -29.48 35.82 -2.61
N THR B 344 -29.96 36.08 -1.39
CA THR B 344 -30.43 34.98 -0.53
C THR B 344 -31.74 34.39 -1.08
N SER B 345 -32.34 35.08 -2.05
CA SER B 345 -33.54 34.56 -2.73
C SER B 345 -33.21 33.79 -4.01
N GLY B 346 -31.92 33.47 -4.22
CA GLY B 346 -31.48 32.71 -5.41
C GLY B 346 -31.64 33.43 -6.74
N THR B 347 -31.44 34.75 -6.73
CA THR B 347 -31.54 35.57 -7.93
C THR B 347 -30.24 36.33 -8.17
N TYR B 348 -30.03 36.77 -9.41
CA TYR B 348 -28.85 37.53 -9.78
C TYR B 348 -29.25 38.58 -10.81
N ARG B 349 -28.37 39.54 -11.07
CA ARG B 349 -28.64 40.55 -12.10
C ARG B 349 -27.77 40.28 -13.33
N GLY B 350 -28.41 40.17 -14.48
CA GLY B 350 -27.73 39.87 -15.74
C GLY B 350 -27.22 41.13 -16.41
N VAL B 351 -26.28 40.96 -17.35
CA VAL B 351 -25.78 42.11 -18.12
C VAL B 351 -26.85 42.65 -19.08
N ASP B 352 -27.93 41.89 -19.24
CA ASP B 352 -29.06 42.36 -20.05
C ASP B 352 -29.96 43.33 -19.28
N GLY B 353 -29.56 43.65 -18.05
CA GLY B 353 -30.27 44.65 -17.25
C GLY B 353 -31.43 44.10 -16.46
N ALA B 354 -31.66 42.79 -16.53
CA ALA B 354 -32.78 42.19 -15.82
C ALA B 354 -32.36 41.20 -14.72
N VAL B 355 -33.25 41.02 -13.74
CA VAL B 355 -33.02 40.06 -12.66
C VAL B 355 -33.45 38.68 -13.16
N HIS B 356 -32.67 37.65 -12.83
CA HIS B 356 -32.98 36.28 -13.24
C HIS B 356 -32.79 35.32 -12.08
N ALA B 357 -33.33 34.12 -12.23
CA ALA B 357 -33.13 33.04 -11.26
C ALA B 357 -31.83 32.29 -11.51
N ALA B 358 -31.06 32.07 -10.45
CA ALA B 358 -29.97 31.11 -10.47
C ALA B 358 -30.55 29.80 -9.94
N GLN B 359 -31.12 29.01 -10.85
CA GLN B 359 -31.90 27.84 -10.49
C GLN B 359 -31.02 26.61 -10.28
N GLY B 360 -30.99 26.12 -9.05
CA GLY B 360 -30.22 24.92 -8.69
C GLY B 360 -28.74 25.13 -8.42
N PHE B 361 -28.24 26.36 -8.65
CA PHE B 361 -26.82 26.68 -8.42
C PHE B 361 -26.61 28.10 -7.86
N THR B 362 -25.37 28.40 -7.49
CA THR B 362 -25.00 29.75 -7.06
C THR B 362 -24.28 30.49 -8.19
N TYR B 363 -24.81 31.66 -8.56
CA TYR B 363 -24.20 32.48 -9.60
C TYR B 363 -23.04 33.31 -9.03
N TYR B 364 -21.89 33.21 -9.69
CA TYR B 364 -20.67 33.94 -9.33
C TYR B 364 -20.37 34.94 -10.45
N ASP B 365 -19.72 36.04 -10.10
CA ASP B 365 -19.39 37.10 -11.05
C ASP B 365 -18.16 37.87 -10.52
N SER B 366 -17.48 38.56 -11.43
CA SER B 366 -16.20 39.25 -11.21
C SER B 366 -15.06 38.42 -11.77
N TRP B 367 -14.69 38.74 -13.00
CA TRP B 367 -13.79 37.89 -13.78
C TRP B 367 -12.52 38.66 -14.12
N ALA B 368 -11.39 37.93 -14.08
CA ALA B 368 -10.12 38.44 -14.61
C ALA B 368 -9.48 37.32 -15.43
N THR B 369 -10.22 36.83 -16.42
CA THR B 369 -9.95 35.54 -17.05
C THR B 369 -8.66 35.50 -17.89
N TRP B 370 -8.27 36.62 -18.47
CA TRP B 370 -6.99 36.71 -19.16
C TRP B 370 -5.88 36.30 -18.20
N ASP B 371 -6.01 36.71 -16.93
CA ASP B 371 -5.01 36.41 -15.90
C ASP B 371 -5.21 35.05 -15.27
N ASP B 372 -6.44 34.76 -14.83
CA ASP B 372 -6.68 33.63 -13.93
C ASP B 372 -7.28 32.36 -14.54
N PHE B 373 -7.31 32.25 -15.86
CA PHE B 373 -7.97 31.08 -16.49
C PHE B 373 -7.48 29.73 -15.98
N ARG B 374 -6.19 29.64 -15.60
CA ARG B 374 -5.64 28.41 -15.03
C ARG B 374 -6.06 28.17 -13.58
N LYS B 375 -6.43 29.24 -12.85
CA LYS B 375 -6.93 29.12 -11.48
C LYS B 375 -8.10 28.13 -11.41
N PHE B 376 -9.01 28.22 -12.37
CA PHE B 376 -10.21 27.40 -12.38
C PHE B 376 -9.92 25.91 -12.53
N SER B 377 -8.89 25.57 -13.29
CA SER B 377 -8.48 24.17 -13.44
C SER B 377 -8.03 23.57 -12.11
N VAL B 378 -7.44 24.41 -11.27
CA VAL B 378 -6.96 23.99 -9.95
C VAL B 378 -8.12 23.94 -8.96
N ILE B 379 -9.01 24.94 -8.99
CA ILE B 379 -10.22 24.88 -8.19
C ILE B 379 -11.00 23.60 -8.49
N ALA B 380 -11.04 23.19 -9.75
CA ALA B 380 -11.75 21.97 -10.13
C ALA B 380 -11.39 20.77 -9.26
N TYR B 381 -10.12 20.65 -8.86
CA TYR B 381 -9.71 19.49 -8.05
C TYR B 381 -9.65 19.71 -6.54
N ILE B 382 -9.88 20.95 -6.10
CA ILE B 382 -9.93 21.29 -4.68
C ILE B 382 -11.39 21.35 -4.20
N ASP B 383 -12.24 22.02 -4.96
CA ASP B 383 -13.65 22.19 -4.62
C ASP B 383 -14.50 22.03 -5.90
N PRO B 384 -14.71 20.77 -6.33
CA PRO B 384 -15.41 20.48 -7.60
C PRO B 384 -16.77 21.18 -7.75
N ALA B 385 -17.54 21.25 -6.66
CA ALA B 385 -18.90 21.82 -6.72
C ALA B 385 -18.87 23.35 -6.93
N LEU B 386 -17.93 24.01 -6.29
CA LEU B 386 -17.75 25.46 -6.45
C LEU B 386 -17.37 25.77 -7.88
N TYR B 387 -16.36 25.04 -8.37
CA TYR B 387 -15.92 25.09 -9.77
C TYR B 387 -17.08 24.97 -10.74
N ARG B 388 -17.95 23.98 -10.52
CA ARG B 388 -19.09 23.77 -11.39
C ARG B 388 -20.03 24.98 -11.45
N ASP B 389 -20.36 25.56 -10.30
CA ASP B 389 -21.20 26.76 -10.25
C ASP B 389 -20.54 27.95 -10.97
N MET B 390 -19.21 28.05 -10.86
CA MET B 390 -18.45 29.11 -11.53
C MET B 390 -18.54 29.00 -13.05
N VAL B 391 -18.38 27.79 -13.57
CA VAL B 391 -18.46 27.58 -15.02
C VAL B 391 -19.90 27.80 -15.52
N GLN B 392 -20.88 27.31 -14.77
CA GLN B 392 -22.29 27.58 -15.08
C GLN B 392 -22.58 29.09 -15.08
N SER B 393 -22.03 29.81 -14.09
CA SER B 393 -22.15 31.28 -14.03
C SER B 393 -21.57 31.93 -15.28
N LEU B 394 -20.35 31.53 -15.67
CA LEU B 394 -19.69 32.03 -16.87
C LEU B 394 -20.52 31.80 -18.15
N VAL B 395 -21.10 30.61 -18.27
CA VAL B 395 -22.07 30.31 -19.32
C VAL B 395 -23.26 31.28 -19.26
N TYR B 396 -23.83 31.50 -18.08
CA TYR B 396 -24.99 32.40 -17.95
C TYR B 396 -24.64 33.82 -18.38
N LEU B 397 -23.45 34.28 -18.01
CA LEU B 397 -22.98 35.62 -18.36
C LEU B 397 -22.97 35.84 -19.86
N PHE B 398 -22.39 34.90 -20.60
CA PHE B 398 -22.33 35.02 -22.05
C PHE B 398 -23.71 34.83 -22.69
N ALA B 399 -24.52 33.95 -22.12
CA ALA B 399 -25.90 33.77 -22.57
C ALA B 399 -26.72 35.05 -22.40
N ASP B 400 -26.50 35.76 -21.29
CA ASP B 400 -27.21 37.01 -21.04
C ASP B 400 -26.74 38.12 -21.99
N ALA B 401 -25.45 38.13 -22.32
CA ALA B 401 -24.95 39.04 -23.35
C ALA B 401 -25.62 38.77 -24.71
N GLU B 402 -25.75 37.49 -25.06
CA GLU B 402 -26.43 37.07 -26.30
C GLU B 402 -27.90 37.47 -26.31
N ALA B 403 -28.56 37.32 -25.16
CA ALA B 403 -29.98 37.63 -25.02
C ALA B 403 -30.35 39.11 -25.26
N THR B 404 -29.40 40.03 -25.09
CA THR B 404 -29.65 41.46 -25.39
C THR B 404 -29.90 41.73 -26.87
N GLY B 405 -29.43 40.83 -27.73
CA GLY B 405 -29.57 40.99 -29.19
C GLY B 405 -28.75 42.10 -29.81
N THR B 406 -27.86 42.72 -29.03
CA THR B 406 -27.08 43.84 -29.54
C THR B 406 -25.80 43.41 -30.26
N GLY B 407 -25.35 42.19 -30.00
CA GLY B 407 -24.06 41.71 -30.51
C GLY B 407 -22.84 42.40 -29.89
N GLY B 408 -23.09 43.25 -28.89
CA GLY B 408 -22.02 44.00 -28.23
C GLY B 408 -21.18 43.18 -27.26
N GLY B 409 -19.93 43.61 -27.07
CA GLY B 409 -19.02 42.99 -26.12
C GLY B 409 -19.40 43.26 -24.66
N LEU B 410 -18.95 42.37 -23.78
CA LEU B 410 -19.28 42.48 -22.35
C LEU B 410 -18.95 43.84 -21.75
N GLY B 411 -17.88 44.46 -22.23
CA GLY B 411 -17.43 45.74 -21.70
C GLY B 411 -18.41 46.88 -21.95
N GLY B 412 -19.38 46.65 -22.84
CA GLY B 412 -20.40 47.66 -23.15
C GLY B 412 -21.59 47.69 -22.21
N PHE B 413 -21.75 46.66 -21.37
CA PHE B 413 -22.87 46.57 -20.44
C PHE B 413 -22.48 47.02 -19.05
N VAL B 414 -23.48 47.34 -18.23
CA VAL B 414 -23.27 47.58 -16.79
C VAL B 414 -23.26 46.21 -16.09
N HIS B 415 -22.22 45.95 -15.31
CA HIS B 415 -22.09 44.63 -14.68
C HIS B 415 -22.67 44.58 -13.27
N SER B 416 -22.88 43.38 -12.75
CA SER B 416 -23.58 43.22 -11.47
C SER B 416 -22.67 43.44 -10.26
N VAL B 417 -21.35 43.35 -10.49
CA VAL B 417 -20.34 43.49 -9.44
C VAL B 417 -19.08 44.11 -10.07
N PRO B 418 -18.18 44.68 -9.25
CA PRO B 418 -16.91 45.12 -9.83
C PRO B 418 -16.24 43.94 -10.55
N THR B 419 -15.69 44.20 -11.74
CA THR B 419 -15.19 43.13 -12.61
C THR B 419 -14.01 43.63 -13.45
N VAL B 420 -13.31 42.73 -14.12
CA VAL B 420 -12.10 43.10 -14.89
C VAL B 420 -12.18 42.79 -16.38
N ARG B 421 -12.03 41.52 -16.75
CA ARG B 421 -11.85 41.14 -18.16
C ARG B 421 -12.18 39.67 -18.41
N TRP B 422 -12.46 39.33 -19.67
CA TRP B 422 -13.10 38.06 -19.98
C TRP B 422 -12.41 37.21 -21.05
N GLU B 423 -11.24 37.65 -21.52
CA GLU B 423 -10.47 36.84 -22.48
C GLU B 423 -10.14 35.48 -21.87
N ARG B 424 -10.11 34.44 -22.72
CA ARG B 424 -9.85 33.04 -22.32
C ARG B 424 -11.08 32.34 -21.73
N SER B 425 -12.21 33.05 -21.66
CA SER B 425 -13.44 32.42 -21.16
C SER B 425 -13.77 31.10 -21.87
N SER B 426 -13.52 31.03 -23.18
CA SER B 426 -13.80 29.80 -23.93
C SER B 426 -12.97 28.62 -23.43
N VAL B 427 -11.77 28.93 -22.93
CA VAL B 427 -10.88 27.91 -22.38
C VAL B 427 -11.39 27.42 -21.03
N VAL B 428 -11.93 28.34 -20.20
CA VAL B 428 -12.49 27.95 -18.91
C VAL B 428 -13.69 27.01 -19.08
N VAL B 429 -14.61 27.36 -19.97
CA VAL B 429 -15.75 26.49 -20.26
C VAL B 429 -15.29 25.14 -20.85
N ALA B 430 -14.39 25.19 -21.83
CA ALA B 430 -13.80 23.96 -22.39
C ALA B 430 -13.18 23.08 -21.30
N ASP B 431 -12.55 23.71 -20.32
CA ASP B 431 -11.92 23.01 -19.19
C ASP B 431 -12.91 22.08 -18.48
N ALA B 432 -14.10 22.59 -18.17
CA ALA B 432 -15.14 21.81 -17.50
C ALA B 432 -15.68 20.68 -18.37
N ILE B 433 -15.92 20.98 -19.65
CA ILE B 433 -16.40 19.98 -20.61
C ILE B 433 -15.37 18.85 -20.75
N ALA B 434 -14.09 19.21 -20.90
CA ALA B 434 -13.02 18.23 -21.03
C ALA B 434 -12.91 17.35 -19.77
N LYS B 435 -13.27 17.93 -18.62
CA LYS B 435 -13.18 17.26 -17.34
C LYS B 435 -14.43 16.43 -17.02
N GLY B 436 -15.36 16.36 -17.98
CA GLY B 436 -16.52 15.48 -17.89
C GLY B 436 -17.78 16.09 -17.29
N PHE B 437 -17.75 17.40 -17.02
CA PHE B 437 -18.92 18.10 -16.49
C PHE B 437 -19.96 18.33 -17.58
N ASP B 438 -21.22 18.19 -17.23
CA ASP B 438 -22.31 18.50 -18.16
C ASP B 438 -23.55 19.00 -17.44
N GLY B 439 -24.61 19.24 -18.21
CA GLY B 439 -25.82 19.86 -17.71
C GLY B 439 -25.69 21.36 -17.62
N PHE B 440 -24.76 21.93 -18.40
CA PHE B 440 -24.62 23.37 -18.45
C PHE B 440 -25.75 24.05 -19.22
N ASP B 441 -26.77 24.43 -18.46
CA ASP B 441 -27.91 25.17 -18.96
C ASP B 441 -27.45 26.39 -19.75
N ARG B 442 -28.07 26.60 -20.92
CA ARG B 442 -27.87 27.80 -21.76
C ARG B 442 -26.53 27.86 -22.48
N LEU B 443 -25.83 26.73 -22.59
CA LEU B 443 -24.58 26.66 -23.33
C LEU B 443 -24.77 27.06 -24.80
N ASP B 444 -25.91 26.66 -25.38
CA ASP B 444 -26.23 26.98 -26.78
C ASP B 444 -26.36 28.48 -27.03
N GLU B 445 -26.89 29.20 -26.04
CA GLU B 445 -27.00 30.65 -26.08
C GLU B 445 -25.65 31.35 -25.86
N ALA B 446 -24.86 30.83 -24.93
CA ALA B 446 -23.54 31.41 -24.66
C ALA B 446 -22.63 31.33 -25.88
N TYR B 447 -22.78 30.25 -26.66
CA TYR B 447 -21.86 29.97 -27.77
C TYR B 447 -21.55 31.13 -28.73
N PRO B 448 -22.59 31.75 -29.35
CA PRO B 448 -22.34 32.86 -30.28
C PRO B 448 -21.65 34.06 -29.63
N ALA B 449 -21.98 34.36 -28.37
CA ALA B 449 -21.31 35.43 -27.62
C ALA B 449 -19.83 35.09 -27.37
N LEU B 450 -19.56 33.81 -27.11
CA LEU B 450 -18.19 33.33 -26.95
C LEU B 450 -17.39 33.41 -28.27
N GLN B 451 -18.04 33.05 -29.37
CA GLN B 451 -17.45 33.22 -30.71
C GLN B 451 -17.11 34.69 -31.00
N ARG B 452 -18.02 35.60 -30.63
CA ARG B 452 -17.75 37.04 -30.76
C ARG B 452 -16.57 37.46 -29.89
N LEU B 453 -16.51 36.94 -28.66
CA LEU B 453 -15.37 37.18 -27.78
C LEU B 453 -14.06 36.74 -28.44
N VAL B 454 -14.03 35.50 -28.92
CA VAL B 454 -12.84 34.94 -29.57
C VAL B 454 -12.44 35.75 -30.82
N GLY B 455 -13.42 36.16 -31.61
CA GLY B 455 -13.16 36.93 -32.82
C GLY B 455 -12.92 36.05 -34.05
N GLN B 456 -12.95 36.68 -35.22
CA GLN B 456 -12.78 36.00 -36.50
C GLN B 456 -11.61 36.60 -37.25
N TYR B 457 -10.77 35.75 -37.84
CA TYR B 457 -9.74 36.20 -38.77
C TYR B 457 -10.40 36.87 -39.98
N SER B 458 -9.79 37.97 -40.46
CA SER B 458 -10.24 38.59 -41.71
C SER B 458 -9.94 37.65 -42.90
N ALA B 459 -10.50 37.97 -44.06
CA ALA B 459 -10.26 37.21 -45.29
C ALA B 459 -8.76 37.10 -45.60
N ASP B 460 -8.04 38.22 -45.52
CA ASP B 460 -6.58 38.18 -45.73
C ASP B 460 -5.88 37.31 -44.66
N GLU B 461 -6.34 37.41 -43.42
CA GLU B 461 -5.79 36.61 -42.32
C GLU B 461 -6.05 35.12 -42.50
N LEU B 462 -7.24 34.77 -42.96
CA LEU B 462 -7.58 33.38 -43.29
C LEU B 462 -6.63 32.80 -44.34
N ARG B 463 -6.31 33.62 -45.35
CA ARG B 463 -5.45 33.22 -46.46
C ARG B 463 -4.01 32.94 -46.01
N ARG B 464 -3.42 33.84 -45.21
CA ARG B 464 -2.03 33.65 -44.79
C ARG B 464 -1.92 32.83 -43.50
N GLY B 465 -2.95 32.87 -42.66
CA GLY B 465 -2.99 32.06 -41.45
C GLY B 465 -2.55 32.73 -40.15
N TYR B 466 -2.46 34.06 -40.14
CA TYR B 466 -2.02 34.79 -38.94
C TYR B 466 -2.31 36.29 -39.04
N VAL B 467 -2.20 37.00 -37.92
CA VAL B 467 -2.31 38.44 -37.90
C VAL B 467 -0.92 39.02 -38.20
N ALA B 468 -0.85 39.82 -39.28
CA ALA B 468 0.42 40.39 -39.72
C ALA B 468 1.03 41.27 -38.64
N GLY B 469 2.26 40.93 -38.24
CA GLY B 469 3.02 41.73 -37.25
C GLY B 469 2.45 41.70 -35.84
N ASN B 470 1.52 40.77 -35.60
CA ASN B 470 0.92 40.62 -34.26
C ASN B 470 0.92 39.16 -33.81
N PRO B 471 2.11 38.61 -33.48
CA PRO B 471 2.17 37.21 -33.04
C PRO B 471 1.43 36.97 -31.72
N GLY B 472 1.35 38.00 -30.88
CA GLY B 472 0.61 37.91 -29.61
C GLY B 472 -0.88 37.67 -29.79
N ALA B 473 -1.52 38.40 -30.71
CA ALA B 473 -2.95 38.22 -30.98
C ALA B 473 -3.22 36.86 -31.61
N SER B 474 -2.29 36.41 -32.45
CA SER B 474 -2.42 35.13 -33.14
C SER B 474 -2.38 33.94 -32.18
N VAL B 475 -1.35 33.86 -31.34
CA VAL B 475 -1.22 32.75 -30.38
C VAL B 475 -2.38 32.71 -29.39
N GLN B 476 -2.87 33.89 -29.00
CA GLN B 476 -3.99 33.96 -28.08
C GLN B 476 -5.30 33.52 -28.74
N ARG B 477 -5.52 33.90 -30.00
CA ARG B 477 -6.69 33.39 -30.73
C ARG B 477 -6.62 31.86 -30.88
N GLY B 478 -5.41 31.34 -31.12
CA GLY B 478 -5.23 29.88 -31.20
C GLY B 478 -5.80 29.15 -29.99
N TYR B 479 -5.43 29.61 -28.79
CA TYR B 479 -5.92 28.99 -27.55
C TYR B 479 -7.43 29.17 -27.39
N ASP B 480 -7.93 30.36 -27.69
CA ASP B 480 -9.36 30.64 -27.64
C ASP B 480 -10.12 29.72 -28.60
N GLN B 481 -9.53 29.50 -29.77
CA GLN B 481 -10.14 28.63 -30.77
C GLN B 481 -10.12 27.16 -30.38
N TYR B 482 -9.02 26.71 -29.77
CA TYR B 482 -9.01 25.36 -29.18
C TYR B 482 -10.16 25.24 -28.17
N GLY B 483 -10.31 26.25 -27.32
CA GLY B 483 -11.34 26.23 -26.29
C GLY B 483 -12.72 26.15 -26.91
N LEU B 484 -12.94 26.97 -27.93
CA LEU B 484 -14.21 27.05 -28.60
C LEU B 484 -14.56 25.74 -29.31
N SER B 485 -13.55 25.05 -29.84
CA SER B 485 -13.73 23.77 -30.52
C SER B 485 -14.31 22.71 -29.58
N VAL B 486 -13.87 22.72 -28.32
CA VAL B 486 -14.39 21.78 -27.33
C VAL B 486 -15.89 22.05 -27.05
N ILE B 487 -16.25 23.32 -26.94
CA ILE B 487 -17.64 23.72 -26.73
C ILE B 487 -18.51 23.35 -27.94
N ALA B 488 -18.01 23.65 -29.13
CA ALA B 488 -18.66 23.33 -30.40
C ALA B 488 -19.03 21.83 -30.51
N ASP B 489 -18.04 20.96 -30.31
CA ASP B 489 -18.31 19.51 -30.29
C ASP B 489 -19.41 19.12 -29.29
N GLU B 490 -19.34 19.70 -28.09
CA GLU B 490 -20.31 19.41 -27.02
C GLU B 490 -21.73 19.79 -27.41
N LEU B 491 -21.85 20.86 -28.22
CA LEU B 491 -23.13 21.30 -28.76
C LEU B 491 -23.54 20.57 -30.04
N GLY B 492 -22.75 19.58 -30.45
CA GLY B 492 -23.02 18.83 -31.69
C GLY B 492 -22.64 19.60 -32.96
N LEU B 493 -21.90 20.70 -32.79
CA LEU B 493 -21.48 21.53 -33.93
C LEU B 493 -20.15 21.01 -34.51
N THR B 494 -20.24 19.81 -35.09
CA THR B 494 -19.10 19.02 -35.55
C THR B 494 -18.21 19.75 -36.56
N GLU B 495 -18.81 20.39 -37.55
CA GLU B 495 -18.05 21.01 -38.63
C GLU B 495 -17.32 22.25 -38.13
N GLU B 496 -17.99 23.05 -37.31
CA GLU B 496 -17.39 24.25 -36.73
C GLU B 496 -16.21 23.89 -35.83
N ALA B 497 -16.36 22.83 -35.03
CA ALA B 497 -15.27 22.28 -34.22
C ALA B 497 -14.03 21.93 -35.04
N GLU B 498 -14.23 21.26 -36.18
CA GLU B 498 -13.15 20.91 -37.12
C GLU B 498 -12.45 22.16 -37.66
N THR B 499 -13.24 23.13 -38.10
CA THR B 499 -12.75 24.39 -38.62
C THR B 499 -11.93 25.15 -37.56
N LEU B 500 -12.43 25.16 -36.33
CA LEU B 500 -11.75 25.81 -35.22
C LEU B 500 -10.42 25.14 -34.87
N ARG B 501 -10.41 23.79 -34.84
CA ARG B 501 -9.17 23.02 -34.61
C ARG B 501 -8.14 23.27 -35.71
N GLU B 502 -8.60 23.35 -36.96
CA GLU B 502 -7.74 23.70 -38.09
C GLU B 502 -7.05 25.05 -37.85
N GLN B 503 -7.85 26.06 -37.52
CA GLN B 503 -7.35 27.42 -37.33
C GLN B 503 -6.48 27.57 -36.07
N ALA B 504 -6.77 26.79 -35.04
CA ALA B 504 -5.96 26.77 -33.80
C ALA B 504 -4.54 26.23 -34.01
N SER B 505 -4.33 25.49 -35.10
CA SER B 505 -3.01 24.94 -35.42
C SER B 505 -2.09 25.96 -36.12
N TRP B 506 -2.69 27.02 -36.68
CA TRP B 506 -1.98 28.00 -37.50
C TRP B 506 -0.88 28.80 -36.79
N PRO B 507 -1.17 29.35 -35.58
CA PRO B 507 -0.14 30.15 -34.91
C PRO B 507 1.17 29.39 -34.72
N ILE B 508 1.10 28.14 -34.27
CA ILE B 508 2.30 27.31 -34.09
C ILE B 508 3.00 27.03 -35.43
N GLU B 509 2.20 26.63 -36.43
CA GLU B 509 2.71 26.30 -37.76
C GLU B 509 3.30 27.50 -38.49
N LYS B 510 2.59 28.62 -38.47
CA LYS B 510 2.90 29.76 -39.33
C LYS B 510 3.83 30.79 -38.70
N LEU B 511 3.96 30.76 -37.38
CA LEU B 511 4.69 31.84 -36.70
C LEU B 511 5.96 31.36 -36.00
N THR B 512 6.24 30.06 -36.10
CA THR B 512 7.50 29.53 -35.57
C THR B 512 8.56 29.59 -36.67
N LYS B 513 9.47 30.56 -36.52
CA LYS B 513 10.54 30.78 -37.47
C LYS B 513 11.72 29.84 -37.18
N PRO B 514 12.05 28.96 -38.15
CA PRO B 514 13.21 28.08 -37.99
C PRO B 514 14.49 28.88 -37.72
N GLY B 515 15.34 28.35 -36.84
CA GLY B 515 16.61 28.99 -36.49
C GLY B 515 16.49 30.40 -35.94
N ALA B 516 15.43 30.67 -35.18
CA ALA B 516 15.27 31.98 -34.54
C ALA B 516 16.33 32.17 -33.45
N TRP B 517 16.69 31.07 -32.79
CA TRP B 517 17.80 31.04 -31.84
C TRP B 517 18.70 29.87 -32.18
N THR B 518 20.02 30.03 -31.99
CA THR B 518 21.00 28.99 -32.29
C THR B 518 21.66 28.48 -31.02
N ALA B 519 21.54 27.18 -30.77
CA ALA B 519 22.12 26.55 -29.58
C ALA B 519 23.65 26.49 -29.62
N ALA B 520 24.25 26.15 -28.47
CA ALA B 520 25.71 26.06 -28.31
C ALA B 520 26.37 25.07 -29.28
N ASP B 521 25.68 23.97 -29.57
CA ASP B 521 26.18 22.93 -30.47
C ASP B 521 25.81 23.19 -31.95
N GLY B 522 25.11 24.29 -32.22
CA GLY B 522 24.73 24.64 -33.58
C GLY B 522 23.31 24.28 -33.96
N THR B 523 22.62 23.53 -33.10
CA THR B 523 21.21 23.18 -33.32
C THR B 523 20.37 24.44 -33.52
N GLN B 524 19.62 24.47 -34.61
CA GLN B 524 18.75 25.60 -34.94
C GLN B 524 17.37 25.40 -34.30
N VAL B 525 16.92 26.40 -33.56
CA VAL B 525 15.70 26.28 -32.78
C VAL B 525 14.67 27.31 -33.24
N GLY B 526 13.50 26.82 -33.63
CA GLY B 526 12.42 27.69 -34.08
C GLY B 526 11.68 28.34 -32.93
N LEU B 527 11.35 29.61 -33.08
CA LEU B 527 10.63 30.37 -32.06
C LEU B 527 9.56 31.27 -32.65
N LEU B 528 8.51 31.51 -31.89
CA LEU B 528 7.48 32.48 -32.24
C LEU B 528 8.14 33.79 -32.67
N THR B 529 7.72 34.30 -33.83
CA THR B 529 8.33 35.50 -34.43
C THR B 529 7.29 36.26 -35.25
N PRO B 530 7.25 37.61 -35.14
CA PRO B 530 6.35 38.42 -35.96
C PRO B 530 6.60 38.22 -37.46
N ARG B 531 5.51 38.10 -38.22
CA ARG B 531 5.60 37.84 -39.64
C ARG B 531 4.78 38.89 -40.37
N ALA B 532 5.29 39.35 -41.50
CA ALA B 532 4.60 40.38 -42.29
C ALA B 532 3.47 39.76 -43.10
N ALA B 533 2.59 40.61 -43.63
CA ALA B 533 1.49 40.20 -44.49
C ALA B 533 1.96 39.34 -45.67
N ASP B 534 3.15 39.63 -46.20
CA ASP B 534 3.69 38.92 -47.37
C ASP B 534 4.46 37.64 -47.05
N GLY B 535 4.53 37.27 -45.77
CA GLY B 535 5.22 36.05 -45.37
C GLY B 535 6.66 36.23 -44.92
N SER B 536 7.22 37.43 -45.10
CA SER B 536 8.58 37.69 -44.64
C SER B 536 8.62 37.87 -43.13
N TRP B 537 9.65 37.31 -42.50
CA TRP B 537 9.85 37.44 -41.07
C TRP B 537 10.27 38.87 -40.71
N GLN B 538 9.70 39.39 -39.63
CA GLN B 538 10.10 40.70 -39.11
C GLN B 538 11.16 40.51 -38.03
N SER B 539 12.15 41.41 -38.03
CA SER B 539 13.21 41.33 -37.03
C SER B 539 12.69 41.69 -35.64
N ALA B 540 13.23 41.01 -34.63
CA ALA B 540 12.84 41.27 -33.24
C ALA B 540 13.86 40.66 -32.29
N ASP B 541 14.02 41.28 -31.12
CA ASP B 541 14.74 40.63 -30.03
C ASP B 541 13.73 39.77 -29.25
N HIS B 542 13.95 38.46 -29.23
CA HIS B 542 13.02 37.52 -28.62
C HIS B 542 12.96 37.60 -27.08
N ALA B 543 13.94 38.24 -26.47
CA ALA B 543 13.96 38.44 -25.02
C ALA B 543 13.53 39.87 -24.60
N LYS B 544 13.12 40.68 -25.57
CA LYS B 544 12.77 42.07 -25.26
C LYS B 544 11.29 42.27 -24.90
N PHE B 545 11.07 42.86 -23.73
CA PHE B 545 9.73 43.13 -23.19
C PHE B 545 8.96 44.02 -24.15
N GLU B 546 7.78 43.54 -24.57
CA GLU B 546 6.87 44.26 -25.48
C GLU B 546 7.43 44.60 -26.87
N ALA B 547 8.43 43.83 -27.31
CA ALA B 547 8.79 43.78 -28.73
C ALA B 547 7.60 43.19 -29.52
N ALA B 548 7.57 43.45 -30.83
CA ALA B 548 6.62 42.79 -31.76
C ALA B 548 5.14 42.95 -31.37
N GLY B 549 4.80 44.09 -30.76
CA GLY B 549 3.41 44.40 -30.37
C GLY B 549 2.86 43.52 -29.25
N LEU B 550 3.73 42.80 -28.56
CA LEU B 550 3.30 41.89 -27.51
C LEU B 550 2.80 42.63 -26.27
N TYR B 551 1.79 42.04 -25.64
CA TYR B 551 1.21 42.55 -24.42
C TYR B 551 1.99 42.04 -23.20
N GLN B 552 2.72 42.94 -22.54
CA GLN B 552 3.40 42.66 -21.27
C GLN B 552 4.24 41.37 -21.23
N GLY B 553 4.90 41.05 -22.34
CA GLY B 553 5.78 39.89 -22.39
C GLY B 553 6.75 39.89 -23.55
N THR B 554 7.58 38.85 -23.62
CA THR B 554 8.56 38.67 -24.68
C THR B 554 8.14 37.51 -25.59
N LEU B 555 8.83 37.38 -26.73
CA LEU B 555 8.56 36.27 -27.65
C LEU B 555 8.90 34.92 -27.03
N TRP B 556 10.03 34.82 -26.34
CA TRP B 556 10.40 33.62 -25.61
C TRP B 556 9.27 33.16 -24.67
N GLN B 557 8.60 34.13 -24.06
CA GLN B 557 7.51 33.85 -23.11
C GLN B 557 6.22 33.44 -23.82
N TYR B 558 5.79 34.25 -24.80
CA TYR B 558 4.62 33.92 -25.61
C TYR B 558 4.78 32.68 -26.50
N HIS B 559 6.03 32.28 -26.74
CA HIS B 559 6.30 31.12 -27.60
C HIS B 559 5.55 29.88 -27.13
N TRP B 560 5.40 29.74 -25.81
CA TRP B 560 4.81 28.53 -25.25
C TRP B 560 3.31 28.67 -24.98
N TYR B 561 2.72 29.79 -25.40
CA TYR B 561 1.33 30.10 -25.04
C TYR B 561 0.32 29.04 -25.47
N ASP B 562 0.52 28.47 -26.66
CA ASP B 562 -0.43 27.50 -27.19
C ASP B 562 -0.25 26.12 -26.54
N ALA B 563 -0.55 26.07 -25.24
CA ALA B 563 -0.30 24.92 -24.36
C ALA B 563 -1.13 23.70 -24.70
N TYR B 564 -2.13 23.88 -25.56
CA TYR B 564 -3.01 22.79 -26.03
C TYR B 564 -2.34 21.93 -27.10
N ASP B 565 -1.17 22.34 -27.60
CA ASP B 565 -0.48 21.54 -28.63
C ASP B 565 1.04 21.61 -28.53
N MET B 566 1.57 21.09 -27.43
CA MET B 566 3.00 21.03 -27.21
C MET B 566 3.68 20.13 -28.23
N ASP B 567 2.97 19.11 -28.69
CA ASP B 567 3.46 18.21 -29.72
C ASP B 567 3.80 18.94 -31.01
N ALA B 568 2.83 19.70 -31.53
CA ALA B 568 3.05 20.50 -32.73
C ALA B 568 4.11 21.58 -32.50
N LEU B 569 4.15 22.14 -31.29
CA LEU B 569 5.11 23.18 -30.97
C LEU B 569 6.52 22.60 -30.98
N VAL B 570 6.72 21.46 -30.33
CA VAL B 570 8.00 20.77 -30.34
C VAL B 570 8.47 20.52 -31.79
N GLU B 571 7.55 20.04 -32.63
CA GLU B 571 7.85 19.77 -34.04
C GLU B 571 8.24 21.03 -34.81
N ALA B 572 7.49 22.12 -34.62
CA ALA B 572 7.77 23.38 -35.32
C ALA B 572 9.09 24.03 -34.85
N MET B 573 9.51 23.71 -33.64
CA MET B 573 10.80 24.19 -33.12
C MET B 573 11.98 23.50 -33.82
N GLY B 574 11.71 22.36 -34.44
CA GLY B 574 12.72 21.59 -35.15
C GLY B 574 12.86 20.18 -34.62
N GLY B 575 12.04 19.83 -33.64
CA GLY B 575 12.01 18.46 -33.11
C GLY B 575 12.43 18.40 -31.67
N HIS B 576 12.43 17.18 -31.12
CA HIS B 576 12.63 16.93 -29.69
C HIS B 576 13.88 17.60 -29.11
N GLU B 577 15.01 17.47 -29.81
CA GLU B 577 16.29 18.02 -29.35
C GLU B 577 16.32 19.56 -29.36
N ALA B 578 15.74 20.16 -30.40
CA ALA B 578 15.63 21.61 -30.46
C ALA B 578 14.79 22.16 -29.29
N ALA B 579 13.70 21.48 -28.97
CA ALA B 579 12.85 21.85 -27.82
C ALA B 579 13.56 21.64 -26.50
N ARG B 580 14.29 20.53 -26.37
CA ARG B 580 15.06 20.23 -25.16
C ARG B 580 16.04 21.36 -24.87
N LEU B 581 16.80 21.77 -25.89
CA LEU B 581 17.76 22.87 -25.76
C LEU B 581 17.09 24.22 -25.53
N GLY B 582 15.95 24.45 -26.20
CA GLY B 582 15.16 25.66 -26.03
C GLY B 582 14.68 25.84 -24.60
N MET B 583 14.15 24.77 -24.00
CA MET B 583 13.67 24.82 -22.61
C MET B 583 14.77 25.10 -21.60
N ARG B 584 15.92 24.43 -21.76
CA ARG B 584 17.10 24.72 -20.94
C ARG B 584 17.52 26.18 -21.05
N HIS B 585 17.61 26.70 -22.27
CA HIS B 585 17.97 28.11 -22.48
C HIS B 585 16.97 29.08 -21.86
N MET B 586 15.69 28.72 -21.93
CA MET B 586 14.59 29.46 -21.31
C MET B 586 14.85 29.76 -19.82
N PHE B 587 15.41 28.78 -19.10
CA PHE B 587 15.69 28.92 -17.68
C PHE B 587 17.17 29.19 -17.33
N GLY B 588 17.96 29.51 -18.36
CA GLY B 588 19.38 29.83 -18.18
C GLY B 588 20.21 28.71 -17.55
N GLU B 589 19.87 27.46 -17.91
CA GLU B 589 20.52 26.27 -17.37
C GLU B 589 22.04 26.22 -17.58
N HIS B 590 22.47 26.77 -18.71
CA HIS B 590 23.88 26.81 -19.09
C HIS B 590 24.68 27.86 -18.31
N ALA B 591 23.96 28.77 -17.65
CA ALA B 591 24.59 29.89 -16.95
C ALA B 591 23.86 30.24 -15.64
N PRO B 592 23.94 29.34 -14.64
CA PRO B 592 23.13 29.45 -13.42
C PRO B 592 23.41 30.69 -12.56
N ASP B 593 24.56 31.32 -12.78
CA ASP B 593 24.91 32.52 -12.01
C ASP B 593 24.67 33.81 -12.78
N ASP B 594 24.04 33.68 -13.96
CA ASP B 594 23.73 34.85 -14.77
C ASP B 594 22.22 35.16 -14.78
N GLY B 595 21.85 36.22 -14.08
CA GLY B 595 20.47 36.66 -13.98
C GLY B 595 19.81 37.06 -15.29
N LYS B 596 20.60 37.65 -16.21
CA LYS B 596 20.05 38.05 -17.51
C LYS B 596 19.81 36.85 -18.44
N ALA B 597 20.22 35.66 -18.01
CA ALA B 597 19.94 34.44 -18.75
C ALA B 597 18.58 33.81 -18.40
N MET B 598 17.89 34.37 -17.40
CA MET B 598 16.53 33.93 -17.06
C MET B 598 15.51 34.56 -18.01
N LEU B 599 15.00 33.76 -18.96
CA LEU B 599 14.08 34.27 -19.97
C LEU B 599 12.62 34.09 -19.57
N HIS B 600 12.39 33.21 -18.61
CA HIS B 600 11.10 33.03 -17.95
C HIS B 600 10.78 34.20 -17.04
N SER B 601 9.51 34.55 -16.94
CA SER B 601 9.05 35.54 -15.98
C SER B 601 8.12 34.91 -14.96
N ASN B 602 8.30 35.28 -13.69
CA ASN B 602 7.40 34.88 -12.60
C ASN B 602 6.40 35.97 -12.24
N ALA B 603 6.57 37.16 -12.82
CA ALA B 603 5.88 38.37 -12.37
C ALA B 603 4.53 38.63 -13.04
N ASN B 604 4.34 38.08 -14.23
CA ASN B 604 3.11 38.27 -15.01
C ASN B 604 2.55 36.92 -15.47
N GLU B 605 1.38 36.94 -16.10
CA GLU B 605 0.65 35.72 -16.46
C GLU B 605 0.84 35.31 -17.92
N ILE B 606 2.04 35.43 -18.47
CA ILE B 606 2.26 35.01 -19.84
C ILE B 606 2.74 33.56 -19.94
N ASP B 607 3.73 33.19 -19.13
CA ASP B 607 4.32 31.86 -19.21
C ASP B 607 4.41 31.14 -17.85
N LEU B 608 3.35 31.26 -17.06
CA LEU B 608 3.30 30.64 -15.73
C LEU B 608 3.45 29.11 -15.77
N GLN B 609 3.02 28.49 -16.88
CA GLN B 609 3.15 27.05 -17.10
C GLN B 609 4.56 26.59 -17.47
N ALA B 610 5.45 27.53 -17.84
CA ALA B 610 6.78 27.17 -18.35
C ALA B 610 7.66 26.21 -17.50
N PRO B 611 7.67 26.35 -16.16
CA PRO B 611 8.48 25.41 -15.35
C PRO B 611 8.12 23.94 -15.55
N TYR B 612 6.90 23.67 -15.99
CA TYR B 612 6.39 22.30 -16.13
C TYR B 612 6.61 21.69 -17.50
N LEU B 613 7.26 22.43 -18.39
CA LEU B 613 7.39 22.00 -19.78
C LEU B 613 8.55 21.04 -20.01
N PHE B 614 9.50 21.01 -19.06
CA PHE B 614 10.60 20.04 -19.08
C PHE B 614 10.05 18.60 -19.06
N ASN B 615 8.83 18.43 -18.54
CA ASN B 615 8.13 17.14 -18.61
C ASN B 615 7.91 16.69 -20.05
N TYR B 616 7.81 17.67 -20.95
CA TYR B 616 7.51 17.41 -22.37
C TYR B 616 8.79 17.19 -23.18
N THR B 617 9.92 17.68 -22.67
CA THR B 617 11.20 17.58 -23.39
C THR B 617 12.08 16.45 -22.85
N GLY B 618 11.47 15.59 -22.02
CA GLY B 618 12.12 14.37 -21.52
C GLY B 618 13.02 14.57 -20.33
N GLU B 619 12.90 15.71 -19.66
CA GLU B 619 13.70 15.96 -18.44
C GLU B 619 12.80 16.38 -17.27
N PRO B 620 11.94 15.46 -16.77
CA PRO B 620 11.03 15.82 -15.69
C PRO B 620 11.76 16.33 -14.44
N SER B 621 12.99 15.86 -14.21
CA SER B 621 13.76 16.28 -13.04
C SER B 621 14.05 17.78 -13.00
N LEU B 622 14.13 18.41 -14.18
CA LEU B 622 14.25 19.86 -14.26
C LEU B 622 12.94 20.57 -13.89
N THR B 623 11.81 19.97 -14.26
CA THR B 623 10.51 20.52 -13.85
C THR B 623 10.41 20.48 -12.33
N GLN B 624 10.82 19.37 -11.73
CA GLN B 624 10.81 19.22 -10.28
C GLN B 624 11.71 20.25 -9.59
N LYS B 625 12.92 20.45 -10.14
CA LYS B 625 13.84 21.44 -9.59
C LYS B 625 13.25 22.84 -9.63
N TRP B 626 12.70 23.24 -10.79
CA TRP B 626 12.22 24.61 -10.96
C TRP B 626 10.92 24.87 -10.22
N ALA B 627 10.03 23.87 -10.19
CA ALA B 627 8.78 23.96 -9.43
C ALA B 627 9.08 24.15 -7.94
N ARG B 628 10.04 23.39 -7.43
CA ARG B 628 10.45 23.56 -6.03
C ARG B 628 11.13 24.91 -5.78
N ALA B 629 12.09 25.27 -6.64
CA ALA B 629 12.90 26.48 -6.48
C ALA B 629 12.11 27.78 -6.54
N ILE B 630 11.27 27.92 -7.57
CA ILE B 630 10.53 29.16 -7.80
C ILE B 630 9.65 29.52 -6.59
N TYR B 631 9.01 28.51 -6.00
CA TYR B 631 8.04 28.74 -4.94
C TYR B 631 8.57 28.66 -3.50
N THR B 632 9.75 28.05 -3.33
CA THR B 632 10.28 27.81 -1.99
C THR B 632 11.73 28.28 -1.77
N LYS B 633 12.39 28.74 -2.82
CA LYS B 633 13.81 29.14 -2.75
C LYS B 633 14.04 30.47 -3.47
N GLU B 634 15.27 31.00 -3.38
CA GLU B 634 15.67 32.16 -4.16
C GLU B 634 15.93 31.75 -5.61
N THR B 635 15.49 32.57 -6.56
CA THR B 635 15.77 32.32 -7.98
C THR B 635 16.09 33.63 -8.68
N TRP B 636 16.76 33.53 -9.82
CA TRP B 636 17.01 34.69 -10.67
C TRP B 636 15.73 35.24 -11.29
N ASN B 637 15.57 36.55 -11.19
CA ASN B 637 14.46 37.23 -11.80
C ASN B 637 14.92 38.38 -12.66
N ARG B 638 14.65 38.24 -13.97
CA ARG B 638 15.02 39.24 -14.96
C ARG B 638 13.85 40.20 -15.24
N TYR B 639 12.63 39.69 -15.17
CA TYR B 639 11.46 40.46 -15.59
C TYR B 639 10.52 40.89 -14.47
N ILE B 640 10.10 42.15 -14.55
CA ILE B 640 8.96 42.66 -13.81
C ILE B 640 7.73 42.56 -14.72
N ALA B 641 6.59 43.03 -14.25
CA ALA B 641 5.31 42.83 -14.95
C ALA B 641 4.83 44.06 -15.70
N THR B 642 5.68 45.08 -15.77
CA THR B 642 5.36 46.34 -16.45
C THR B 642 6.68 46.98 -16.88
N GLY B 643 6.61 48.07 -17.64
CA GLY B 643 7.81 48.70 -18.19
C GLY B 643 8.82 49.14 -17.14
N SER B 644 8.32 49.79 -16.09
CA SER B 644 9.19 50.39 -15.09
C SER B 644 8.56 50.40 -13.69
N SER B 645 9.41 50.36 -12.66
CA SER B 645 8.97 50.43 -11.27
C SER B 645 9.82 51.35 -10.41
N SER B 646 9.16 52.14 -9.57
CA SER B 646 9.87 52.99 -8.63
C SER B 646 10.27 52.26 -7.34
N ALA B 647 9.82 51.01 -7.19
CA ALA B 647 10.16 50.23 -6.00
C ALA B 647 11.51 49.52 -6.09
N VAL B 648 11.99 49.30 -7.31
CA VAL B 648 13.20 48.52 -7.56
C VAL B 648 13.90 49.09 -8.80
N PRO B 649 15.24 49.10 -8.81
CA PRO B 649 15.96 49.55 -10.01
C PRO B 649 15.54 48.71 -11.21
N SER B 650 14.98 49.36 -12.22
CA SER B 650 14.25 48.66 -13.29
C SER B 650 14.00 49.55 -14.52
N GLY B 651 13.77 48.91 -15.66
CA GLY B 651 13.47 49.61 -16.92
C GLY B 651 13.37 48.61 -18.07
N GLY B 652 12.60 48.97 -19.11
CA GLY B 652 12.36 48.08 -20.24
C GLY B 652 11.78 46.73 -19.83
N GLY B 653 10.92 46.74 -18.81
CA GLY B 653 10.28 45.52 -18.30
C GLY B 653 11.17 44.57 -17.52
N GLU B 654 12.32 45.07 -17.09
CA GLU B 654 13.31 44.23 -16.44
C GLU B 654 13.85 44.80 -15.13
N PHE B 655 14.18 43.89 -14.22
CA PHE B 655 15.05 44.22 -13.09
C PHE B 655 16.43 44.59 -13.66
N THR B 656 16.86 45.82 -13.43
CA THR B 656 18.17 46.28 -13.88
C THR B 656 19.03 46.73 -12.67
N PRO B 657 19.87 45.83 -12.15
CA PRO B 657 20.17 44.47 -12.62
C PRO B 657 19.20 43.40 -12.12
N PRO B 658 19.23 42.19 -12.73
CA PRO B 658 18.43 41.06 -12.22
C PRO B 658 18.74 40.83 -10.74
N LEU B 659 17.72 40.43 -9.97
CA LEU B 659 17.97 40.10 -8.58
C LEU B 659 17.65 38.64 -8.28
N LYS B 660 18.52 38.02 -7.49
CA LYS B 660 18.26 36.68 -7.00
C LYS B 660 17.45 36.86 -5.72
N THR B 661 16.24 36.31 -5.72
CA THR B 661 15.31 36.55 -4.63
C THR B 661 14.22 35.50 -4.61
N LYS B 662 13.60 35.34 -3.45
CA LYS B 662 12.36 34.57 -3.33
C LYS B 662 11.24 35.34 -4.02
N VAL B 663 10.47 34.65 -4.84
CA VAL B 663 9.35 35.25 -5.56
C VAL B 663 8.16 35.40 -4.59
N TYR B 664 8.01 34.42 -3.72
CA TYR B 664 6.93 34.37 -2.73
C TYR B 664 7.51 34.46 -1.34
N ARG B 665 6.97 35.39 -0.54
CA ARG B 665 7.45 35.63 0.82
C ARG B 665 6.30 35.68 1.81
N LEU B 666 6.55 35.15 3.01
CA LEU B 666 5.61 35.32 4.09
C LEU B 666 5.89 36.69 4.73
N ASP B 667 5.42 37.73 4.06
CA ASP B 667 5.74 39.12 4.41
C ASP B 667 4.69 40.02 3.77
N PRO B 668 4.45 41.21 4.37
CA PRO B 668 3.60 42.18 3.68
C PRO B 668 4.08 42.46 2.24
N ARG B 669 5.40 42.45 2.01
CA ARG B 669 5.93 42.42 0.64
C ARG B 669 5.89 40.97 0.15
N GLY B 670 4.72 40.50 -0.25
CA GLY B 670 4.51 39.06 -0.49
C GLY B 670 4.91 38.55 -1.86
N MET B 671 4.83 39.41 -2.87
CA MET B 671 5.24 39.07 -4.22
C MET B 671 6.42 39.95 -4.64
N LEU B 672 6.95 39.66 -5.83
CA LEU B 672 7.90 40.55 -6.49
C LEU B 672 7.30 41.94 -6.65
N PRO B 673 8.15 42.99 -6.69
CA PRO B 673 7.63 44.31 -7.07
C PRO B 673 6.93 44.22 -8.43
N THR B 674 5.78 44.87 -8.55
CA THR B 674 4.91 44.88 -9.76
C THR B 674 4.08 43.59 -9.97
N MET B 675 4.39 42.54 -9.23
CA MET B 675 3.73 41.25 -9.39
C MET B 675 2.34 41.25 -8.73
N ASP B 676 1.35 41.76 -9.46
CA ASP B 676 -0.04 41.72 -9.00
C ASP B 676 -0.51 40.27 -8.89
N ASN B 677 -1.21 39.93 -7.80
CA ASN B 677 -1.75 38.58 -7.61
C ASN B 677 -2.82 38.26 -8.67
N ASP B 678 -3.58 39.29 -9.07
CA ASP B 678 -4.63 39.21 -10.10
C ASP B 678 -5.72 38.18 -9.79
N ALA B 679 -6.61 38.51 -8.86
CA ALA B 679 -7.70 37.61 -8.46
C ALA B 679 -7.18 36.25 -7.99
N GLY B 680 -6.09 36.26 -7.24
CA GLY B 680 -5.54 35.05 -6.65
C GLY B 680 -4.81 34.13 -7.63
N THR B 681 -4.45 34.66 -8.80
CA THR B 681 -3.75 33.84 -9.81
C THR B 681 -2.40 33.36 -9.27
N MET B 682 -1.60 34.29 -8.75
CA MET B 682 -0.27 33.94 -8.25
C MET B 682 -0.34 33.03 -7.03
N SER B 683 -1.28 33.30 -6.15
CA SER B 683 -1.59 32.42 -5.04
C SER B 683 -1.93 31.01 -5.52
N THR B 684 -2.75 30.92 -6.57
CA THR B 684 -3.14 29.63 -7.15
C THR B 684 -1.94 28.84 -7.69
N MET B 685 -0.98 29.54 -8.32
CA MET B 685 0.25 28.89 -8.79
C MET B 685 1.04 28.26 -7.66
N PHE B 686 1.08 28.94 -6.50
CA PHE B 686 1.74 28.40 -5.33
C PHE B 686 1.02 27.16 -4.80
N VAL B 687 -0.30 27.23 -4.74
CA VAL B 687 -1.10 26.11 -4.24
C VAL B 687 -0.93 24.87 -5.12
N ALA B 688 -1.03 25.06 -6.44
CA ALA B 688 -0.83 23.98 -7.40
C ALA B 688 0.57 23.37 -7.32
N ALA B 689 1.60 24.21 -7.13
CA ALA B 689 2.97 23.74 -7.04
C ALA B 689 3.20 22.88 -5.79
N ALA B 690 2.65 23.34 -4.66
CA ALA B 690 2.69 22.63 -3.39
C ALA B 690 2.03 21.25 -3.47
N VAL B 691 0.89 21.18 -4.15
CA VAL B 691 0.20 19.91 -4.36
C VAL B 691 1.00 19.02 -5.31
N GLY B 692 1.64 19.64 -6.31
CA GLY B 692 2.43 18.93 -7.30
C GLY B 692 1.71 18.64 -8.61
N LEU B 693 0.52 19.21 -8.78
CA LEU B 693 -0.29 19.00 -9.99
C LEU B 693 -0.68 20.31 -10.67
N PHE B 694 -0.12 20.52 -11.86
CA PHE B 694 -0.30 21.80 -12.55
C PHE B 694 -1.05 21.68 -13.87
N PRO B 695 -2.00 22.59 -14.12
CA PRO B 695 -2.73 22.57 -15.38
C PRO B 695 -1.98 23.28 -16.52
N VAL B 696 -1.01 22.59 -17.14
CA VAL B 696 -0.35 23.15 -18.31
C VAL B 696 -1.39 23.45 -19.38
N THR B 697 -2.21 22.43 -19.69
CA THR B 697 -3.30 22.62 -20.66
C THR B 697 -4.63 22.82 -19.94
N ALA B 698 -4.92 24.08 -19.61
CA ALA B 698 -6.27 24.47 -19.23
C ALA B 698 -7.14 24.17 -20.45
N GLY B 699 -8.36 23.73 -20.24
CA GLY B 699 -9.18 23.25 -21.36
C GLY B 699 -8.97 21.78 -21.70
N SER B 700 -8.15 21.08 -20.90
CA SER B 700 -8.01 19.62 -20.98
C SER B 700 -8.36 19.05 -19.62
N SER B 701 -8.32 17.72 -19.49
CA SER B 701 -8.56 17.04 -18.20
C SER B 701 -7.27 16.68 -17.47
N GLN B 702 -6.14 17.16 -17.96
CA GLN B 702 -4.86 16.67 -17.45
C GLN B 702 -4.12 17.70 -16.62
N PHE B 703 -3.31 17.19 -15.70
CA PHE B 703 -2.39 17.95 -14.86
C PHE B 703 -0.99 17.36 -14.94
N GLN B 704 0.01 18.23 -15.04
CA GLN B 704 1.41 17.83 -15.03
C GLN B 704 1.95 17.74 -13.61
N VAL B 705 2.85 16.77 -13.41
CA VAL B 705 3.43 16.49 -12.12
C VAL B 705 4.65 17.37 -11.89
N GLY B 706 4.69 18.01 -10.72
CA GLY B 706 5.83 18.83 -10.33
C GLY B 706 6.63 18.18 -9.21
N SER B 707 6.80 18.93 -8.14
CA SER B 707 7.55 18.50 -6.97
C SER B 707 6.74 18.84 -5.72
N PRO B 708 5.89 17.88 -5.24
CA PRO B 708 5.02 18.16 -4.09
C PRO B 708 5.85 18.56 -2.87
N PHE B 709 5.41 19.60 -2.15
CA PHE B 709 6.22 20.19 -1.09
C PHE B 709 6.18 19.41 0.20
N PHE B 710 5.08 18.72 0.47
CA PHE B 710 4.81 18.17 1.79
C PHE B 710 4.76 16.65 1.84
N ASP B 711 5.12 16.09 2.99
CA ASP B 711 5.12 14.64 3.22
C ASP B 711 3.78 14.01 2.85
N SER B 712 2.70 14.72 3.17
CA SER B 712 1.36 14.29 2.82
C SER B 712 0.47 15.49 2.59
N THR B 713 -0.30 15.45 1.50
CA THR B 713 -1.34 16.43 1.20
C THR B 713 -2.61 15.67 0.85
N THR B 714 -3.68 15.89 1.64
CA THR B 714 -4.96 15.22 1.44
C THR B 714 -6.07 16.23 1.11
N ILE B 715 -6.73 16.02 -0.02
CA ILE B 715 -7.91 16.79 -0.39
C ILE B 715 -9.15 15.95 -0.15
N THR B 716 -10.01 16.41 0.76
CA THR B 716 -11.23 15.69 1.12
C THR B 716 -12.41 16.31 0.39
N TYR B 717 -13.19 15.46 -0.27
CA TYR B 717 -14.33 15.90 -1.06
C TYR B 717 -15.63 15.81 -0.27
N ASP B 718 -16.69 16.40 -0.81
CA ASP B 718 -17.97 16.53 -0.10
C ASP B 718 -18.61 15.20 0.34
N ASP B 719 -18.36 14.13 -0.41
CA ASP B 719 -18.88 12.81 -0.05
C ASP B 719 -17.98 12.04 0.93
N GLY B 720 -16.91 12.69 1.38
CA GLY B 720 -15.99 12.09 2.34
C GLY B 720 -14.81 11.33 1.73
N SER B 721 -14.85 11.07 0.43
CA SER B 721 -13.70 10.49 -0.25
C SER B 721 -12.55 11.50 -0.29
N ALA B 722 -11.33 11.03 -0.57
CA ALA B 722 -10.15 11.88 -0.48
C ALA B 722 -9.04 11.51 -1.46
N PHE B 723 -8.46 12.52 -2.10
CA PHE B 723 -7.23 12.33 -2.87
C PHE B 723 -6.03 12.58 -1.97
N THR B 724 -5.05 11.69 -2.03
CA THR B 724 -3.86 11.80 -1.20
C THR B 724 -2.61 11.74 -2.05
N VAL B 725 -1.81 12.81 -1.98
CA VAL B 725 -0.49 12.81 -2.59
C VAL B 725 0.56 12.84 -1.48
N THR B 726 1.43 11.84 -1.51
CA THR B 726 2.50 11.72 -0.53
C THR B 726 3.85 11.92 -1.21
N ALA B 727 4.79 12.50 -0.48
CA ALA B 727 6.14 12.67 -0.97
C ALA B 727 7.08 12.13 0.10
N ASP B 728 7.38 10.83 0.00
CA ASP B 728 8.17 10.14 1.02
C ASP B 728 9.63 10.59 1.03
N GLY B 729 10.07 11.11 2.17
CA GLY B 729 11.44 11.58 2.33
C GLY B 729 11.68 12.96 1.75
N VAL B 730 10.59 13.68 1.46
CA VAL B 730 10.68 15.04 0.94
C VAL B 730 11.42 15.95 1.92
N SER B 731 12.24 16.85 1.38
CA SER B 731 12.93 17.86 2.18
C SER B 731 13.30 19.01 1.25
N GLU B 732 13.98 20.03 1.77
CA GLU B 732 14.44 21.15 0.96
C GLU B 732 15.49 20.76 -0.08
N ASP B 733 16.18 19.64 0.17
CA ASP B 733 17.18 19.12 -0.76
C ASP B 733 16.62 17.93 -1.54
N ALA B 734 15.73 17.18 -0.91
CA ALA B 734 15.12 16.02 -1.54
C ALA B 734 13.82 16.41 -2.26
N PHE B 735 13.97 17.11 -3.40
CA PHE B 735 12.82 17.56 -4.17
C PHE B 735 12.66 16.86 -5.53
N TYR B 736 13.50 15.84 -5.79
CA TYR B 736 13.43 15.08 -7.04
C TYR B 736 12.71 13.77 -6.84
N VAL B 737 11.82 13.44 -7.79
CA VAL B 737 11.10 12.18 -7.78
C VAL B 737 12.03 11.02 -8.19
N GLN B 738 12.08 9.99 -7.36
CA GLN B 738 12.87 8.78 -7.65
C GLN B 738 11.99 7.69 -8.28
N SER B 739 10.79 7.55 -7.76
CA SER B 739 9.84 6.54 -8.23
C SER B 739 8.44 6.94 -7.79
N ALA B 740 7.43 6.28 -8.35
CA ALA B 740 6.04 6.61 -8.02
C ALA B 740 5.13 5.41 -8.09
N THR B 741 4.07 5.46 -7.31
CA THR B 741 2.96 4.52 -7.44
C THR B 741 1.65 5.27 -7.45
N LEU B 742 0.66 4.65 -8.09
CA LEU B 742 -0.68 5.19 -8.12
C LEU B 742 -1.59 4.04 -7.74
N ASP B 743 -2.28 4.22 -6.62
CA ASP B 743 -3.10 3.17 -6.01
C ASP B 743 -2.33 1.85 -5.85
N GLY B 744 -1.05 1.96 -5.47
CA GLY B 744 -0.17 0.80 -5.27
C GLY B 744 0.57 0.31 -6.51
N ALA B 745 0.05 0.61 -7.70
CA ALA B 745 0.66 0.17 -8.94
C ALA B 745 1.79 1.12 -9.38
N THR B 746 2.83 0.57 -10.00
CA THR B 746 3.90 1.38 -10.60
C THR B 746 3.31 2.52 -11.45
N PHE B 747 3.84 3.71 -11.26
CA PHE B 747 3.38 4.89 -11.99
C PHE B 747 4.55 5.63 -12.62
N GLY B 748 4.53 5.73 -13.94
CA GLY B 748 5.64 6.32 -14.71
C GLY B 748 5.27 7.44 -15.67
N ASN B 749 4.07 7.99 -15.53
CA ASN B 749 3.61 9.13 -16.31
C ASN B 749 3.90 10.45 -15.60
N THR B 750 4.21 11.50 -16.37
CA THR B 750 4.46 12.83 -15.80
C THR B 750 3.20 13.67 -15.74
N TRP B 751 2.05 13.04 -15.98
CA TRP B 751 0.76 13.71 -15.91
C TRP B 751 -0.29 12.78 -15.33
N VAL B 752 -1.32 13.36 -14.72
CA VAL B 752 -2.45 12.57 -14.22
C VAL B 752 -3.76 13.16 -14.75
N ASP B 753 -4.76 12.30 -14.92
CA ASP B 753 -6.05 12.76 -15.38
C ASP B 753 -6.91 13.21 -14.19
N TYR B 754 -7.71 14.26 -14.43
CA TYR B 754 -8.64 14.81 -13.43
C TYR B 754 -9.51 13.76 -12.73
N ALA B 755 -10.06 12.81 -13.49
CA ALA B 755 -10.90 11.75 -12.93
C ALA B 755 -10.16 10.92 -11.88
N THR B 756 -8.85 10.74 -12.07
CA THR B 756 -8.01 10.01 -11.12
C THR B 756 -7.95 10.76 -9.80
N VAL B 757 -7.74 12.07 -9.87
CA VAL B 757 -7.60 12.91 -8.68
C VAL B 757 -8.91 12.97 -7.89
N VAL B 758 -10.00 13.35 -8.54
CA VAL B 758 -11.29 13.46 -7.85
C VAL B 758 -11.94 12.10 -7.51
N GLY B 759 -11.47 11.04 -8.15
CA GLY B 759 -11.87 9.68 -7.79
C GLY B 759 -11.26 9.16 -6.50
N GLY B 760 -10.34 9.93 -5.91
CA GLY B 760 -9.78 9.59 -4.60
C GLY B 760 -8.55 8.71 -4.61
N ALA B 761 -7.65 8.90 -5.58
CA ALA B 761 -6.46 8.05 -5.71
C ALA B 761 -5.42 8.30 -4.61
N ASP B 762 -4.53 7.32 -4.44
CA ASP B 762 -3.35 7.48 -3.60
C ASP B 762 -2.15 7.60 -4.52
N LEU B 763 -1.63 8.82 -4.64
CA LEU B 763 -0.48 9.07 -5.52
C LEU B 763 0.75 9.24 -4.65
N ALA B 764 1.65 8.26 -4.71
CA ALA B 764 2.78 8.21 -3.78
C ALA B 764 4.10 8.34 -4.51
N PHE B 765 4.86 9.39 -4.16
CA PHE B 765 6.20 9.58 -4.71
C PHE B 765 7.25 9.27 -3.67
N ARG B 766 8.33 8.64 -4.12
CA ARG B 766 9.53 8.50 -3.32
C ARG B 766 10.50 9.58 -3.78
N MET B 767 10.88 10.46 -2.85
CA MET B 767 11.72 11.63 -3.13
C MET B 767 13.19 11.37 -2.80
N GLY B 768 14.07 12.19 -3.37
CA GLY B 768 15.51 12.07 -3.16
C GLY B 768 16.24 13.33 -3.61
N GLU B 769 17.54 13.38 -3.35
CA GLU B 769 18.36 14.58 -3.56
C GLU B 769 19.01 14.70 -4.95
N GLN B 770 19.02 13.60 -5.71
CA GLN B 770 19.58 13.61 -7.06
C GLN B 770 18.47 13.43 -8.10
N PRO B 771 18.65 14.05 -9.28
CA PRO B 771 17.75 13.81 -10.41
C PRO B 771 17.65 12.32 -10.75
N SER B 772 16.49 11.86 -11.19
CA SER B 772 16.36 10.49 -11.69
C SER B 772 15.74 10.46 -13.08
N ASP B 773 15.71 9.27 -13.68
CA ASP B 773 15.08 9.10 -14.98
C ASP B 773 13.59 8.73 -14.85
N TRP B 774 13.04 8.87 -13.64
CA TRP B 774 11.58 8.70 -13.48
C TRP B 774 10.83 9.60 -14.46
N GLY B 775 9.78 9.04 -15.06
CA GLY B 775 8.92 9.80 -15.96
C GLY B 775 9.43 10.00 -17.38
N THR B 776 10.65 9.52 -17.68
CA THR B 776 11.22 9.71 -19.02
C THR B 776 10.63 8.77 -20.07
N ASP B 777 9.91 7.73 -19.63
CA ASP B 777 9.15 6.87 -20.54
C ASP B 777 7.64 7.10 -20.43
N THR B 778 7.25 8.33 -20.08
CA THR B 778 5.84 8.66 -19.91
C THR B 778 5.02 8.40 -21.17
N ALA B 779 3.77 7.97 -20.98
CA ALA B 779 2.80 8.02 -22.08
C ALA B 779 2.65 9.50 -22.46
N PRO B 780 2.46 9.79 -23.77
CA PRO B 780 2.38 11.20 -24.17
C PRO B 780 1.19 11.93 -23.51
N ALA B 781 1.42 13.20 -23.15
CA ALA B 781 0.35 14.03 -22.60
C ALA B 781 -0.54 14.56 -23.74
N PHE B 782 -1.62 15.24 -23.38
CA PHE B 782 -2.53 15.78 -24.37
C PHE B 782 -1.88 16.84 -25.26
N SER B 783 -2.03 16.64 -26.56
CA SER B 783 -1.83 17.67 -27.56
C SER B 783 -2.95 17.51 -28.59
N MET B 784 -3.55 18.63 -28.98
CA MET B 784 -4.64 18.64 -29.94
C MET B 784 -4.34 17.80 -31.19
N SER B 785 -3.17 18.02 -31.80
CA SER B 785 -2.79 17.37 -33.08
C SER B 785 -2.61 15.85 -32.99
N THR B 786 -2.33 15.33 -31.80
CA THR B 786 -2.10 13.89 -31.62
C THR B 786 -3.19 13.22 -30.80
N ALA B 787 -4.20 13.97 -30.39
CA ALA B 787 -5.39 13.42 -29.74
C ALA B 787 -6.20 12.63 -30.76
CA CA C . 6.85 -33.15 -0.70
C1 B3P D . 13.59 -34.12 -3.63
C2 B3P D . 14.20 -34.62 -4.87
C3 B3P D . 14.29 -34.60 -2.43
N1 B3P D . 13.25 -35.11 -1.63
C4 B3P D . 13.49 -35.74 -0.41
C5 B3P D . 12.13 -36.19 0.15
C6 B3P D . 14.40 -36.92 -0.71
C7 B3P D . 14.10 -34.69 0.52
O4 B3P D . 12.31 -37.11 1.15
O5 B3P D . 13.76 -37.83 -1.55
O6 B3P D . 13.46 -33.46 0.36
CA CA E . -0.53 40.73 -14.33
C4 DMJ F . -4.32 42.74 -15.58
O4 DMJ F . -5.33 42.03 -16.30
C3 DMJ F . -2.98 42.59 -16.32
O3 DMJ F . -2.42 41.31 -16.02
C2 DMJ F . -1.90 43.64 -15.98
O2 DMJ F . -1.16 43.21 -14.81
C1 DMJ F . -2.45 45.05 -15.74
N5 DMJ F . -3.63 44.96 -14.91
C5 DMJ F . -4.75 44.20 -15.41
C6 DMJ F . -5.99 44.40 -14.53
O6 DMJ F . -5.75 44.02 -13.17
#